data_3VXW
# 
_entry.id   3VXW 
# 
_audit_conform.dict_name       mmcif_pdbx.dic 
_audit_conform.dict_version    5.381 
_audit_conform.dict_location   http://mmcif.pdb.org/dictionaries/ascii/mmcif_pdbx.dic 
# 
loop_
_database_2.database_id 
_database_2.database_code 
_database_2.pdbx_database_accession 
_database_2.pdbx_DOI 
PDB   3VXW         pdb_00003vxw 10.2210/pdb3vxw/pdb 
RCSB  RCSB095637   ?            ?                   
WWPDB D_1000095637 ?            ?                   
# 
_pdbx_database_status.status_code                     REL 
_pdbx_database_status.entry_id                        3VXW 
_pdbx_database_status.recvd_initial_deposition_date   2012-09-21 
_pdbx_database_status.deposit_site                    PDBJ 
_pdbx_database_status.process_site                    PDBJ 
_pdbx_database_status.methods_development_category    ? 
_pdbx_database_status.status_code_sf                  REL 
_pdbx_database_status.status_code_mr                  ? 
_pdbx_database_status.SG_entry                        ? 
_pdbx_database_status.status_code_cs                  ? 
_pdbx_database_status.pdb_format_compatible           Y 
_pdbx_database_status.status_code_nmr_data            ? 
# 
loop_
_audit_author.name 
_audit_author.pdbx_ordinal 
'Noda, N.N.'  1 
'Inagaki, F.' 2 
# 
_citation.id                        primary 
_citation.title                     'Autophagy-related protein 32 acts as autophagic degron and directly initiates mitophagy' 
_citation.journal_abbrev            J.Biol.Chem. 
_citation.journal_volume            287 
_citation.page_first                10631 
_citation.page_last                 10638 
_citation.year                      2012 
_citation.journal_id_ASTM           JBCHA3 
_citation.country                   US 
_citation.journal_id_ISSN           0021-9258 
_citation.journal_id_CSD            0071 
_citation.book_publisher            ? 
_citation.pdbx_database_id_PubMed   22308029 
_citation.pdbx_database_id_DOI      10.1074/jbc.M111.299917 
# 
loop_
_citation_author.citation_id 
_citation_author.name 
_citation_author.ordinal 
_citation_author.identifier_ORCID 
primary 'Kondo-Okamoto, N.' 1  ? 
primary 'Noda, N.N.'        2  ? 
primary 'Suzuki, S.W.'      3  ? 
primary 'Nakatogawa, H.'    4  ? 
primary 'Takahashi, I.'     5  ? 
primary 'Matsunami, M.'     6  ? 
primary 'Hashimoto, A.'     7  ? 
primary 'Inagaki, F.'       8  ? 
primary 'Ohsumi, Y.'        9  ? 
primary 'Okamoto, K.'       10 ? 
# 
_cell.entry_id           3VXW 
_cell.length_a           104.836 
_cell.length_b           104.836 
_cell.length_c           104.836 
_cell.angle_alpha        90.00 
_cell.angle_beta         90.00 
_cell.angle_gamma        90.00 
_cell.Z_PDB              24 
_cell.pdbx_unique_axis   ? 
_cell.length_a_esd       ? 
_cell.length_b_esd       ? 
_cell.length_c_esd       ? 
_cell.angle_alpha_esd    ? 
_cell.angle_beta_esd     ? 
_cell.angle_gamma_esd    ? 
# 
_symmetry.entry_id                         3VXW 
_symmetry.space_group_name_H-M             'I 2 3' 
_symmetry.pdbx_full_space_group_name_H-M   ? 
_symmetry.cell_setting                     ? 
_symmetry.Int_Tables_number                197 
_symmetry.space_group_name_Hall            ? 
# 
loop_
_entity.id 
_entity.type 
_entity.src_method 
_entity.pdbx_description 
_entity.formula_weight 
_entity.pdbx_number_of_molecules 
_entity.pdbx_ec 
_entity.pdbx_mutation 
_entity.pdbx_fragment 
_entity.details 
1 polymer     man 'Autophagy-related protein 8'               13757.894 1 ? ? ?                               ? 
2 polymer     syn 'Peptide from Autophagy-related protein 32' 731.796   1 ? ? 'Atg8-family interacting motif' ? 
3 non-polymer syn 'SULFATE ION'                               96.063    2 ? ? ?                               ? 
4 water       nat water                                       18.015    5 ? ? ?                               ? 
# 
loop_
_entity_name_com.entity_id 
_entity_name_com.name 
1 'Autophagy-related ubiquitin-like modifier ATG8, Cytoplasm to vacuole targeting protein 5' 
2 'Extracellular mutant protein 37'                                                          
# 
loop_
_entity_poly.entity_id 
_entity_poly.type 
_entity_poly.nstd_linkage 
_entity_poly.nstd_monomer 
_entity_poly.pdbx_seq_one_letter_code 
_entity_poly.pdbx_seq_one_letter_code_can 
_entity_poly.pdbx_strand_id 
_entity_poly.pdbx_target_identifier 
1 'polypeptide(L)' no no 
;GAHMKSTFKSEYPFEKRKAESERIADRFKNRIPVICEKAEKSDIPEIDKRKYLVPADLTVGQFVYVIRKRIMLPPEKAIF
IFVNDTLPPTAALMSAIYQEHKDKDGFLYVTYSGENTFG
;
;GAHMKSTFKSEYPFEKRKAESERIADRFKNRIPVICEKAEKSDIPEIDKRKYLVPADLTVGQFVYVIRKRIMLPPEKAIF
IFVNDTLPPTAALMSAIYQEHKDKDGFLYVTYSGENTFG
;
A ? 
2 'polypeptide(L)' no no SWQAIQ SWQAIQ B ? 
# 
loop_
_entity_poly_seq.entity_id 
_entity_poly_seq.num 
_entity_poly_seq.mon_id 
_entity_poly_seq.hetero 
1 1   GLY n 
1 2   ALA n 
1 3   HIS n 
1 4   MET n 
1 5   LYS n 
1 6   SER n 
1 7   THR n 
1 8   PHE n 
1 9   LYS n 
1 10  SER n 
1 11  GLU n 
1 12  TYR n 
1 13  PRO n 
1 14  PHE n 
1 15  GLU n 
1 16  LYS n 
1 17  ARG n 
1 18  LYS n 
1 19  ALA n 
1 20  GLU n 
1 21  SER n 
1 22  GLU n 
1 23  ARG n 
1 24  ILE n 
1 25  ALA n 
1 26  ASP n 
1 27  ARG n 
1 28  PHE n 
1 29  LYS n 
1 30  ASN n 
1 31  ARG n 
1 32  ILE n 
1 33  PRO n 
1 34  VAL n 
1 35  ILE n 
1 36  CYS n 
1 37  GLU n 
1 38  LYS n 
1 39  ALA n 
1 40  GLU n 
1 41  LYS n 
1 42  SER n 
1 43  ASP n 
1 44  ILE n 
1 45  PRO n 
1 46  GLU n 
1 47  ILE n 
1 48  ASP n 
1 49  LYS n 
1 50  ARG n 
1 51  LYS n 
1 52  TYR n 
1 53  LEU n 
1 54  VAL n 
1 55  PRO n 
1 56  ALA n 
1 57  ASP n 
1 58  LEU n 
1 59  THR n 
1 60  VAL n 
1 61  GLY n 
1 62  GLN n 
1 63  PHE n 
1 64  VAL n 
1 65  TYR n 
1 66  VAL n 
1 67  ILE n 
1 68  ARG n 
1 69  LYS n 
1 70  ARG n 
1 71  ILE n 
1 72  MET n 
1 73  LEU n 
1 74  PRO n 
1 75  PRO n 
1 76  GLU n 
1 77  LYS n 
1 78  ALA n 
1 79  ILE n 
1 80  PHE n 
1 81  ILE n 
1 82  PHE n 
1 83  VAL n 
1 84  ASN n 
1 85  ASP n 
1 86  THR n 
1 87  LEU n 
1 88  PRO n 
1 89  PRO n 
1 90  THR n 
1 91  ALA n 
1 92  ALA n 
1 93  LEU n 
1 94  MET n 
1 95  SER n 
1 96  ALA n 
1 97  ILE n 
1 98  TYR n 
1 99  GLN n 
1 100 GLU n 
1 101 HIS n 
1 102 LYS n 
1 103 ASP n 
1 104 LYS n 
1 105 ASP n 
1 106 GLY n 
1 107 PHE n 
1 108 LEU n 
1 109 TYR n 
1 110 VAL n 
1 111 THR n 
1 112 TYR n 
1 113 SER n 
1 114 GLY n 
1 115 GLU n 
1 116 ASN n 
1 117 THR n 
1 118 PHE n 
1 119 GLY n 
2 1   SER n 
2 2   TRP n 
2 3   GLN n 
2 4   ALA n 
2 5   ILE n 
2 6   GLN n 
# 
_entity_src_gen.entity_id                          1 
_entity_src_gen.pdbx_src_id                        1 
_entity_src_gen.pdbx_alt_source_flag               sample 
_entity_src_gen.pdbx_seq_type                      ? 
_entity_src_gen.pdbx_beg_seq_num                   ? 
_entity_src_gen.pdbx_end_seq_num                   ? 
_entity_src_gen.gene_src_common_name               yeast 
_entity_src_gen.gene_src_genus                     ? 
_entity_src_gen.pdbx_gene_src_gene                 'APG8, ATG8, AUT7, CVT5, YBL0732, YBL078C' 
_entity_src_gen.gene_src_species                   ? 
_entity_src_gen.gene_src_strain                    'ATCC 204508 / S288c' 
_entity_src_gen.gene_src_tissue                    ? 
_entity_src_gen.gene_src_tissue_fraction           ? 
_entity_src_gen.gene_src_details                   ? 
_entity_src_gen.pdbx_gene_src_fragment             ? 
_entity_src_gen.pdbx_gene_src_scientific_name      'Saccharomyces cerevisiae' 
_entity_src_gen.pdbx_gene_src_ncbi_taxonomy_id     559292 
_entity_src_gen.pdbx_gene_src_variant              ? 
_entity_src_gen.pdbx_gene_src_cell_line            ? 
_entity_src_gen.pdbx_gene_src_atcc                 ? 
_entity_src_gen.pdbx_gene_src_organ                ? 
_entity_src_gen.pdbx_gene_src_organelle            ? 
_entity_src_gen.pdbx_gene_src_cell                 ? 
_entity_src_gen.pdbx_gene_src_cellular_location    ? 
_entity_src_gen.host_org_common_name               ? 
_entity_src_gen.pdbx_host_org_scientific_name      'Escherichia coli' 
_entity_src_gen.pdbx_host_org_ncbi_taxonomy_id     562 
_entity_src_gen.host_org_genus                     ? 
_entity_src_gen.pdbx_host_org_gene                 ? 
_entity_src_gen.pdbx_host_org_organ                ? 
_entity_src_gen.host_org_species                   ? 
_entity_src_gen.pdbx_host_org_tissue               ? 
_entity_src_gen.pdbx_host_org_tissue_fraction      ? 
_entity_src_gen.pdbx_host_org_strain               BL21 
_entity_src_gen.pdbx_host_org_variant              ? 
_entity_src_gen.pdbx_host_org_cell_line            ? 
_entity_src_gen.pdbx_host_org_atcc                 ? 
_entity_src_gen.pdbx_host_org_culture_collection   ? 
_entity_src_gen.pdbx_host_org_cell                 ? 
_entity_src_gen.pdbx_host_org_organelle            ? 
_entity_src_gen.pdbx_host_org_cellular_location    ? 
_entity_src_gen.pdbx_host_org_vector_type          PLASMID 
_entity_src_gen.pdbx_host_org_vector               ? 
_entity_src_gen.host_org_details                   ? 
_entity_src_gen.expression_system_id               ? 
_entity_src_gen.plasmid_name                       pHT1 
_entity_src_gen.plasmid_details                    ? 
_entity_src_gen.pdbx_description                   ? 
# 
_pdbx_entity_src_syn.entity_id              2 
_pdbx_entity_src_syn.pdbx_src_id            1 
_pdbx_entity_src_syn.pdbx_alt_source_flag   sample 
_pdbx_entity_src_syn.pdbx_beg_seq_num       ? 
_pdbx_entity_src_syn.pdbx_end_seq_num       ? 
_pdbx_entity_src_syn.organism_scientific    'Saccharomyces cerevisiae' 
_pdbx_entity_src_syn.organism_common_name   yeast 
_pdbx_entity_src_syn.ncbi_taxonomy_id       559292 
_pdbx_entity_src_syn.details                'This sequence corresponds to residues 86-90 of Saccharomyces cerevisiae Atg32' 
# 
loop_
_struct_ref.id 
_struct_ref.db_name 
_struct_ref.db_code 
_struct_ref.pdbx_db_accession 
_struct_ref.entity_id 
_struct_ref.pdbx_seq_one_letter_code 
_struct_ref.pdbx_align_begin 
_struct_ref.pdbx_db_isoform 
1 UNP ATG8_YEAST  P38182 1 
;MKSTFKSEYPFEKRKAESERIADRFKNRIPVICEKAEKSDIPEIDKRKYLVPADLTVGQFVYVIRKRIMLPPEKAIFIFV
NDTLPPTAALMSAIYQEHKDKDGFLYVTYSGENTFG
;
1  ? 
2 UNP ATG32_YEAST P40458 2 SWQAIQ 85 ? 
# 
loop_
_struct_ref_seq.align_id 
_struct_ref_seq.ref_id 
_struct_ref_seq.pdbx_PDB_id_code 
_struct_ref_seq.pdbx_strand_id 
_struct_ref_seq.seq_align_beg 
_struct_ref_seq.pdbx_seq_align_beg_ins_code 
_struct_ref_seq.seq_align_end 
_struct_ref_seq.pdbx_seq_align_end_ins_code 
_struct_ref_seq.pdbx_db_accession 
_struct_ref_seq.db_align_beg 
_struct_ref_seq.pdbx_db_align_beg_ins_code 
_struct_ref_seq.db_align_end 
_struct_ref_seq.pdbx_db_align_end_ins_code 
_struct_ref_seq.pdbx_auth_seq_align_beg 
_struct_ref_seq.pdbx_auth_seq_align_end 
1 1 3VXW A 4 ? 119 ? P38182 1  ? 116 ? 1  116 
2 2 3VXW B 1 ? 6   ? P40458 85 ? 90  ? 85 90  
# 
loop_
_struct_ref_seq_dif.align_id 
_struct_ref_seq_dif.pdbx_pdb_id_code 
_struct_ref_seq_dif.mon_id 
_struct_ref_seq_dif.pdbx_pdb_strand_id 
_struct_ref_seq_dif.seq_num 
_struct_ref_seq_dif.pdbx_pdb_ins_code 
_struct_ref_seq_dif.pdbx_seq_db_name 
_struct_ref_seq_dif.pdbx_seq_db_accession_code 
_struct_ref_seq_dif.db_mon_id 
_struct_ref_seq_dif.pdbx_seq_db_seq_num 
_struct_ref_seq_dif.details 
_struct_ref_seq_dif.pdbx_auth_seq_num 
_struct_ref_seq_dif.pdbx_ordinal 
1 3VXW GLY A 1 ? UNP P38182 ? ? 'expression tag' -2 1 
1 3VXW ALA A 2 ? UNP P38182 ? ? 'expression tag' -1 2 
1 3VXW HIS A 3 ? UNP P38182 ? ? 'expression tag' 0  3 
# 
loop_
_chem_comp.id 
_chem_comp.type 
_chem_comp.mon_nstd_flag 
_chem_comp.name 
_chem_comp.pdbx_synonyms 
_chem_comp.formula 
_chem_comp.formula_weight 
ALA 'L-peptide linking' y ALANINE         ? 'C3 H7 N O2'     89.093  
ARG 'L-peptide linking' y ARGININE        ? 'C6 H15 N4 O2 1' 175.209 
ASN 'L-peptide linking' y ASPARAGINE      ? 'C4 H8 N2 O3'    132.118 
ASP 'L-peptide linking' y 'ASPARTIC ACID' ? 'C4 H7 N O4'     133.103 
CYS 'L-peptide linking' y CYSTEINE        ? 'C3 H7 N O2 S'   121.158 
GLN 'L-peptide linking' y GLUTAMINE       ? 'C5 H10 N2 O3'   146.144 
GLU 'L-peptide linking' y 'GLUTAMIC ACID' ? 'C5 H9 N O4'     147.129 
GLY 'peptide linking'   y GLYCINE         ? 'C2 H5 N O2'     75.067  
HIS 'L-peptide linking' y HISTIDINE       ? 'C6 H10 N3 O2 1' 156.162 
HOH non-polymer         . WATER           ? 'H2 O'           18.015  
ILE 'L-peptide linking' y ISOLEUCINE      ? 'C6 H13 N O2'    131.173 
LEU 'L-peptide linking' y LEUCINE         ? 'C6 H13 N O2'    131.173 
LYS 'L-peptide linking' y LYSINE          ? 'C6 H15 N2 O2 1' 147.195 
MET 'L-peptide linking' y METHIONINE      ? 'C5 H11 N O2 S'  149.211 
PHE 'L-peptide linking' y PHENYLALANINE   ? 'C9 H11 N O2'    165.189 
PRO 'L-peptide linking' y PROLINE         ? 'C5 H9 N O2'     115.130 
SER 'L-peptide linking' y SERINE          ? 'C3 H7 N O3'     105.093 
SO4 non-polymer         . 'SULFATE ION'   ? 'O4 S -2'        96.063  
THR 'L-peptide linking' y THREONINE       ? 'C4 H9 N O3'     119.119 
TRP 'L-peptide linking' y TRYPTOPHAN      ? 'C11 H12 N2 O2'  204.225 
TYR 'L-peptide linking' y TYROSINE        ? 'C9 H11 N O3'    181.189 
VAL 'L-peptide linking' y VALINE          ? 'C5 H11 N O2'    117.146 
# 
_exptl.entry_id          3VXW 
_exptl.method            'X-RAY DIFFRACTION' 
_exptl.crystals_number   1 
# 
_exptl_crystal.id                    1 
_exptl_crystal.density_meas          ? 
_exptl_crystal.density_Matthews      3.31 
_exptl_crystal.density_percent_sol   62.88 
_exptl_crystal.description           ? 
_exptl_crystal.F_000                 ? 
_exptl_crystal.preparation           ? 
# 
_exptl_crystal_grow.crystal_id      1 
_exptl_crystal_grow.method          'VAPOR DIFFUSION, SITTING DROP' 
_exptl_crystal_grow.temp            293 
_exptl_crystal_grow.temp_details    ? 
_exptl_crystal_grow.pH              4.8 
_exptl_crystal_grow.pdbx_details    
'2.4M ammnonium sulfate, 0.1M sodium sulfate, pH 4.8, VAPOR DIFFUSION, SITTING DROP, temperature 293K' 
_exptl_crystal_grow.pdbx_pH_range   . 
# 
_diffrn.id                     1 
_diffrn.ambient_temp           95 
_diffrn.ambient_temp_details   ? 
_diffrn.crystal_id             1 
# 
_diffrn_detector.diffrn_id              1 
_diffrn_detector.detector               CCD 
_diffrn_detector.type                   'ADSC QUANTUM 315' 
_diffrn_detector.pdbx_collection_date   2009-04-08 
_diffrn_detector.details                ? 
# 
_diffrn_radiation.diffrn_id                        1 
_diffrn_radiation.wavelength_id                    1 
_diffrn_radiation.pdbx_monochromatic_or_laue_m_l   M 
_diffrn_radiation.monochromator                    ? 
_diffrn_radiation.pdbx_diffrn_protocol             'SINGLE WAVELENGTH' 
_diffrn_radiation.pdbx_scattering_type             x-ray 
# 
_diffrn_radiation_wavelength.id           1 
_diffrn_radiation_wavelength.wavelength   1.0000 
_diffrn_radiation_wavelength.wt           1.0 
# 
_diffrn_source.diffrn_id                   1 
_diffrn_source.source                      SYNCHROTRON 
_diffrn_source.type                        'SPRING-8 BEAMLINE BL41XU' 
_diffrn_source.pdbx_synchrotron_site       SPring-8 
_diffrn_source.pdbx_synchrotron_beamline   BL41XU 
_diffrn_source.pdbx_wavelength             ? 
_diffrn_source.pdbx_wavelength_list        1.0000 
# 
_reflns.entry_id                     3VXW 
_reflns.observed_criterion_sigma_I   -3 
_reflns.observed_criterion_sigma_F   0 
_reflns.d_resolution_low             50.0 
_reflns.d_resolution_high            3.0 
_reflns.number_obs                   3969 
_reflns.number_all                   3969 
_reflns.percent_possible_obs         100.0 
_reflns.pdbx_Rmerge_I_obs            ? 
_reflns.pdbx_Rsym_value              0.069 
_reflns.pdbx_netI_over_sigmaI        16.8 
_reflns.B_iso_Wilson_estimate        ? 
_reflns.pdbx_redundancy              7.2 
_reflns.R_free_details               ? 
_reflns.limit_h_max                  ? 
_reflns.limit_h_min                  ? 
_reflns.limit_k_max                  ? 
_reflns.limit_k_min                  ? 
_reflns.limit_l_max                  ? 
_reflns.limit_l_min                  ? 
_reflns.observed_criterion_F_max     ? 
_reflns.observed_criterion_F_min     ? 
_reflns.pdbx_chi_squared             ? 
_reflns.pdbx_scaling_rejects         ? 
_reflns.pdbx_ordinal                 1 
_reflns.pdbx_diffrn_id               1 
# 
_reflns_shell.d_res_high                  3.00 
_reflns_shell.d_res_low                   3.11 
_reflns_shell.percent_possible_all        100.0 
_reflns_shell.Rmerge_I_obs                ? 
_reflns_shell.pdbx_Rsym_value             0.380 
_reflns_shell.meanI_over_sigI_obs         ? 
_reflns_shell.pdbx_redundancy             7.4 
_reflns_shell.percent_possible_obs        ? 
_reflns_shell.number_unique_all           384 
_reflns_shell.number_measured_all         ? 
_reflns_shell.number_measured_obs         ? 
_reflns_shell.number_unique_obs           ? 
_reflns_shell.pdbx_chi_squared            ? 
_reflns_shell.pdbx_rejects                ? 
_reflns_shell.pdbx_netI_over_sigmaI_obs   ? 
_reflns_shell.number_possible             ? 
_reflns_shell.Rmerge_F_all                ? 
_reflns_shell.Rmerge_F_obs                ? 
_reflns_shell.Rmerge_I_all                ? 
_reflns_shell.meanI_over_sigI_all         ? 
_reflns_shell.pdbx_Rrim_I_all             ? 
_reflns_shell.pdbx_Rpim_I_all             ? 
_reflns_shell.pdbx_ordinal                1 
_reflns_shell.pdbx_diffrn_id              1 
# 
_refine.entry_id                                 3VXW 
_refine.ls_number_reflns_obs                     3917 
_refine.ls_number_reflns_all                     3969 
_refine.pdbx_ls_sigma_I                          ? 
_refine.pdbx_ls_sigma_F                          0.0 
_refine.pdbx_data_cutoff_high_absF               132387.04 
_refine.pdbx_data_cutoff_low_absF                0.000000 
_refine.pdbx_data_cutoff_high_rms_absF           ? 
_refine.ls_d_res_low                             42.80 
_refine.ls_d_res_high                            3.00 
_refine.ls_percent_reflns_obs                    98.7 
_refine.ls_R_factor_obs                          0.223 
_refine.ls_R_factor_all                          0.228 
_refine.ls_R_factor_R_work                       0.223 
_refine.ls_R_factor_R_free                       0.272 
_refine.ls_R_factor_R_free_error                 0.014 
_refine.ls_R_factor_R_free_error_details         ? 
_refine.ls_percent_reflns_R_free                 10.1 
_refine.ls_number_reflns_R_free                  394 
_refine.ls_number_parameters                     ? 
_refine.ls_number_restraints                     ? 
_refine.occupancy_min                            ? 
_refine.occupancy_max                            ? 
_refine.correlation_coeff_Fo_to_Fc               ? 
_refine.correlation_coeff_Fo_to_Fc_free          ? 
_refine.B_iso_mean                               64.2 
_refine.aniso_B[1][1]                            0.00 
_refine.aniso_B[2][2]                            0.00 
_refine.aniso_B[3][3]                            0.00 
_refine.aniso_B[1][2]                            0.00 
_refine.aniso_B[1][3]                            0.00 
_refine.aniso_B[2][3]                            0.00 
_refine.solvent_model_details                    'FLAT MODEL' 
_refine.solvent_model_param_ksol                 0.38 
_refine.solvent_model_param_bsol                 66.4316 
_refine.pdbx_solvent_vdw_probe_radii             ? 
_refine.pdbx_solvent_ion_probe_radii             ? 
_refine.pdbx_solvent_shrinkage_radii             ? 
_refine.pdbx_ls_cross_valid_method               THROUGHOUT 
_refine.details                                  'BULK SOLVENT MODEL USED' 
_refine.pdbx_starting_model                      'PDB ENTRY 2ZPN' 
_refine.pdbx_method_to_determine_struct          'MOLECULAR REPLACEMENT' 
_refine.pdbx_isotropic_thermal_model             RESTRAINED 
_refine.pdbx_stereochemistry_target_values       'Engh & Huber' 
_refine.pdbx_stereochem_target_val_spec_case     ? 
_refine.pdbx_R_Free_selection_details            RANDOM 
_refine.pdbx_overall_ESU_R                       ? 
_refine.pdbx_overall_ESU_R_Free                  ? 
_refine.overall_SU_ML                            ? 
_refine.pdbx_overall_phase_error                 ? 
_refine.overall_SU_B                             ? 
_refine.overall_SU_R_Cruickshank_DPI             ? 
_refine.ls_redundancy_reflns_obs                 ? 
_refine.B_iso_min                                ? 
_refine.B_iso_max                                ? 
_refine.overall_SU_R_free                        ? 
_refine.ls_wR_factor_R_free                      ? 
_refine.ls_wR_factor_R_work                      ? 
_refine.overall_FOM_free_R_set                   ? 
_refine.overall_FOM_work_R_set                   ? 
_refine.pdbx_diffrn_id                           1 
_refine.pdbx_refine_id                           'X-RAY DIFFRACTION' 
_refine.pdbx_TLS_residual_ADP_flag               ? 
_refine.pdbx_overall_SU_R_free_Cruickshank_DPI   ? 
_refine.pdbx_overall_SU_R_Blow_DPI               ? 
_refine.pdbx_overall_SU_R_free_Blow_DPI          ? 
# 
_refine_analyze.entry_id                        3VXW 
_refine_analyze.Luzzati_coordinate_error_obs    0.37 
_refine_analyze.Luzzati_sigma_a_obs             0.51 
_refine_analyze.Luzzati_d_res_low_obs           5.00 
_refine_analyze.Luzzati_coordinate_error_free   0.45 
_refine_analyze.Luzzati_sigma_a_free            0.56 
_refine_analyze.Luzzati_d_res_low_free          ? 
_refine_analyze.number_disordered_residues      ? 
_refine_analyze.occupancy_sum_hydrogen          ? 
_refine_analyze.occupancy_sum_non_hydrogen      ? 
_refine_analyze.pdbx_Luzzati_d_res_high_obs     ? 
_refine_analyze.pdbx_refine_id                  'X-RAY DIFFRACTION' 
# 
_refine_hist.pdbx_refine_id                   'X-RAY DIFFRACTION' 
_refine_hist.cycle_id                         LAST 
_refine_hist.pdbx_number_atoms_protein        911 
_refine_hist.pdbx_number_atoms_nucleic_acid   0 
_refine_hist.pdbx_number_atoms_ligand         10 
_refine_hist.number_atoms_solvent             5 
_refine_hist.number_atoms_total               926 
_refine_hist.d_res_high                       3.00 
_refine_hist.d_res_low                        42.80 
# 
loop_
_refine_ls_restr.type 
_refine_ls_restr.dev_ideal 
_refine_ls_restr.dev_ideal_target 
_refine_ls_restr.weight 
_refine_ls_restr.number 
_refine_ls_restr.pdbx_restraint_function 
_refine_ls_restr.pdbx_refine_id 
c_bond_d                0.009 ?    ? ? ? 'X-RAY DIFFRACTION' 
c_bond_d_na             ?     ?    ? ? ? 'X-RAY DIFFRACTION' 
c_bond_d_prot           ?     ?    ? ? ? 'X-RAY DIFFRACTION' 
c_angle_d               ?     ?    ? ? ? 'X-RAY DIFFRACTION' 
c_angle_d_na            ?     ?    ? ? ? 'X-RAY DIFFRACTION' 
c_angle_d_prot          ?     ?    ? ? ? 'X-RAY DIFFRACTION' 
c_angle_deg             1.4   ?    ? ? ? 'X-RAY DIFFRACTION' 
c_angle_deg_na          ?     ?    ? ? ? 'X-RAY DIFFRACTION' 
c_angle_deg_prot        ?     ?    ? ? ? 'X-RAY DIFFRACTION' 
c_dihedral_angle_d      25.2  ?    ? ? ? 'X-RAY DIFFRACTION' 
c_dihedral_angle_d_na   ?     ?    ? ? ? 'X-RAY DIFFRACTION' 
c_dihedral_angle_d_prot ?     ?    ? ? ? 'X-RAY DIFFRACTION' 
c_improper_angle_d      0.89  ?    ? ? ? 'X-RAY DIFFRACTION' 
c_improper_angle_d_na   ?     ?    ? ? ? 'X-RAY DIFFRACTION' 
c_improper_angle_d_prot ?     ?    ? ? ? 'X-RAY DIFFRACTION' 
c_mcbond_it             1.39  1.50 ? ? ? 'X-RAY DIFFRACTION' 
c_mcangle_it            2.50  2.00 ? ? ? 'X-RAY DIFFRACTION' 
c_scbond_it             1.76  2.00 ? ? ? 'X-RAY DIFFRACTION' 
c_scangle_it            2.91  2.50 ? ? ? 'X-RAY DIFFRACTION' 
# 
_refine_ls_shell.pdbx_refine_id                   'X-RAY DIFFRACTION' 
_refine_ls_shell.pdbx_total_number_of_bins_used   6 
_refine_ls_shell.d_res_high                       3.00 
_refine_ls_shell.d_res_low                        3.19 
_refine_ls_shell.number_reflns_R_work             548 
_refine_ls_shell.R_factor_R_work                  0.325 
_refine_ls_shell.percent_reflns_obs               95.8 
_refine_ls_shell.R_factor_R_free                  0.364 
_refine_ls_shell.R_factor_R_free_error            0.045 
_refine_ls_shell.percent_reflns_R_free            10.7 
_refine_ls_shell.number_reflns_R_free             66 
_refine_ls_shell.number_reflns_all                ? 
_refine_ls_shell.R_factor_all                     ? 
_refine_ls_shell.number_reflns_obs                614 
_refine_ls_shell.redundancy_reflns_obs            ? 
# 
loop_
_pdbx_xplor_file.pdbx_refine_id 
_pdbx_xplor_file.serial_no 
_pdbx_xplor_file.param_file 
_pdbx_xplor_file.topol_file 
'X-RAY DIFFRACTION' 1 protein_rep.param  protein.top      
'X-RAY DIFFRACTION' 2 dna-rna_rep.param  dna-rna.top      
'X-RAY DIFFRACTION' 3 water_rep.param    water.top        
'X-RAY DIFFRACTION' 4 ion.param          ion.top          
'X-RAY DIFFRACTION' 5 carbohydrate.param carbohydrate.top 
# 
_struct.entry_id                  3VXW 
_struct.title                     'Crystal structure of Saccharomyces cerevisiae Atg8 complexed with Atg32 AIM' 
_struct.pdbx_model_details        ? 
_struct.pdbx_CASP_flag            ? 
_struct.pdbx_model_type_details   ? 
# 
_struct_keywords.entry_id        3VXW 
_struct_keywords.pdbx_keywords   'PROTEIN TRANSPORT' 
_struct_keywords.text            'ubiquitin fold, mitophagy, PROTEIN TRANSPORT' 
# 
loop_
_struct_asym.id 
_struct_asym.pdbx_blank_PDB_chainid_flag 
_struct_asym.pdbx_modified 
_struct_asym.entity_id 
_struct_asym.details 
A N N 1 ? 
B N N 2 ? 
C N N 3 ? 
D N N 3 ? 
E N N 4 ? 
# 
_struct_biol.id        1 
_struct_biol.details   ? 
# 
loop_
_struct_conf.conf_type_id 
_struct_conf.id 
_struct_conf.pdbx_PDB_helix_id 
_struct_conf.beg_label_comp_id 
_struct_conf.beg_label_asym_id 
_struct_conf.beg_label_seq_id 
_struct_conf.pdbx_beg_PDB_ins_code 
_struct_conf.end_label_comp_id 
_struct_conf.end_label_asym_id 
_struct_conf.end_label_seq_id 
_struct_conf.pdbx_end_PDB_ins_code 
_struct_conf.beg_auth_comp_id 
_struct_conf.beg_auth_asym_id 
_struct_conf.beg_auth_seq_id 
_struct_conf.end_auth_comp_id 
_struct_conf.end_auth_asym_id 
_struct_conf.end_auth_seq_id 
_struct_conf.pdbx_PDB_helix_class 
_struct_conf.details 
_struct_conf.pdbx_PDB_helix_length 
HELX_P HELX_P1 1 THR A 7  ? TYR A 12  ? THR A 4  TYR A 9  1 ? 6  
HELX_P HELX_P2 2 PRO A 13 ? PHE A 28  ? PRO A 10 PHE A 25 1 ? 16 
HELX_P HELX_P3 3 THR A 59 ? MET A 72  ? THR A 56 MET A 69 1 ? 14 
HELX_P HELX_P4 4 LEU A 93 ? LYS A 102 ? LEU A 90 LYS A 99 1 ? 10 
# 
_struct_conf_type.id          HELX_P 
_struct_conf_type.criteria    ? 
_struct_conf_type.reference   ? 
# 
_struct_sheet.id               A 
_struct_sheet.type             ? 
_struct_sheet.number_strands   5 
_struct_sheet.details          ? 
# 
loop_
_struct_sheet_order.sheet_id 
_struct_sheet_order.range_id_1 
_struct_sheet_order.range_id_2 
_struct_sheet_order.offset 
_struct_sheet_order.sense 
A 1 2 ? anti-parallel 
A 2 3 ? parallel      
A 3 4 ? anti-parallel 
A 4 5 ? parallel      
# 
loop_
_struct_sheet_range.sheet_id 
_struct_sheet_range.id 
_struct_sheet_range.beg_label_comp_id 
_struct_sheet_range.beg_label_asym_id 
_struct_sheet_range.beg_label_seq_id 
_struct_sheet_range.pdbx_beg_PDB_ins_code 
_struct_sheet_range.end_label_comp_id 
_struct_sheet_range.end_label_asym_id 
_struct_sheet_range.end_label_seq_id 
_struct_sheet_range.pdbx_end_PDB_ins_code 
_struct_sheet_range.beg_auth_comp_id 
_struct_sheet_range.beg_auth_asym_id 
_struct_sheet_range.beg_auth_seq_id 
_struct_sheet_range.end_auth_comp_id 
_struct_sheet_range.end_auth_asym_id 
_struct_sheet_range.end_auth_seq_id 
A 1 PHE A 80  ? VAL A 83  ? PHE A 77  VAL A 80  
A 2 LEU A 108 ? SER A 113 ? LEU A 105 SER A 110 
A 3 ARG A 31  ? LYS A 38  ? ARG A 28  LYS A 35  
A 4 LYS A 51  ? PRO A 55  ? LYS A 48  PRO A 52  
A 5 GLN B 3   ? ALA B 4   ? GLN B 87  ALA B 88  
# 
loop_
_pdbx_struct_sheet_hbond.sheet_id 
_pdbx_struct_sheet_hbond.range_id_1 
_pdbx_struct_sheet_hbond.range_id_2 
_pdbx_struct_sheet_hbond.range_1_label_atom_id 
_pdbx_struct_sheet_hbond.range_1_label_comp_id 
_pdbx_struct_sheet_hbond.range_1_label_asym_id 
_pdbx_struct_sheet_hbond.range_1_label_seq_id 
_pdbx_struct_sheet_hbond.range_1_PDB_ins_code 
_pdbx_struct_sheet_hbond.range_1_auth_atom_id 
_pdbx_struct_sheet_hbond.range_1_auth_comp_id 
_pdbx_struct_sheet_hbond.range_1_auth_asym_id 
_pdbx_struct_sheet_hbond.range_1_auth_seq_id 
_pdbx_struct_sheet_hbond.range_2_label_atom_id 
_pdbx_struct_sheet_hbond.range_2_label_comp_id 
_pdbx_struct_sheet_hbond.range_2_label_asym_id 
_pdbx_struct_sheet_hbond.range_2_label_seq_id 
_pdbx_struct_sheet_hbond.range_2_PDB_ins_code 
_pdbx_struct_sheet_hbond.range_2_auth_atom_id 
_pdbx_struct_sheet_hbond.range_2_auth_comp_id 
_pdbx_struct_sheet_hbond.range_2_auth_asym_id 
_pdbx_struct_sheet_hbond.range_2_auth_seq_id 
A 1 2 N PHE A 80  ? N PHE A 77  O SER A 113 ? O SER A 110 
A 2 3 O VAL A 110 ? O VAL A 107 N ILE A 35  ? N ILE A 32  
A 3 4 N VAL A 34  ? N VAL A 31  O TYR A 52  ? O TYR A 49  
A 4 5 N LYS A 51  ? N LYS A 48  O GLN B 3   ? O GLN B 87  
# 
loop_
_struct_site.id 
_struct_site.pdbx_evidence_code 
_struct_site.pdbx_auth_asym_id 
_struct_site.pdbx_auth_comp_id 
_struct_site.pdbx_auth_seq_id 
_struct_site.pdbx_auth_ins_code 
_struct_site.pdbx_num_residues 
_struct_site.details 
AC1 Software A SO4 201 ? 4 'BINDING SITE FOR RESIDUE SO4 A 201' 
AC2 Software A SO4 202 ? 2 'BINDING SITE FOR RESIDUE SO4 A 202' 
# 
loop_
_struct_site_gen.id 
_struct_site_gen.site_id 
_struct_site_gen.pdbx_num_res 
_struct_site_gen.label_comp_id 
_struct_site_gen.label_asym_id 
_struct_site_gen.label_seq_id 
_struct_site_gen.pdbx_auth_ins_code 
_struct_site_gen.auth_comp_id 
_struct_site_gen.auth_asym_id 
_struct_site_gen.auth_seq_id 
_struct_site_gen.label_atom_id 
_struct_site_gen.label_alt_id 
_struct_site_gen.symmetry 
_struct_site_gen.details 
1 AC1 4 PHE A 28 ? PHE A 25 . ? 1_555 ? 
2 AC1 4 LYS A 29 ? LYS A 26 . ? 1_555 ? 
3 AC1 4 ASN A 30 ? ASN A 27 . ? 1_555 ? 
4 AC1 4 ARG A 31 ? ARG A 28 . ? 1_555 ? 
5 AC2 2 ARG A 50 ? ARG A 47 . ? 1_555 ? 
6 AC2 2 LYS A 51 ? LYS A 48 . ? 1_555 ? 
# 
_atom_sites.entry_id                    3VXW 
_atom_sites.fract_transf_matrix[1][1]   0.00203414 
_atom_sites.fract_transf_matrix[1][2]   0.00877949 
_atom_sites.fract_transf_matrix[1][3]   -0.00312654 
_atom_sites.fract_transf_matrix[2][1]   -0.00725136 
_atom_sites.fract_transf_matrix[2][2]   -0.00051923 
_atom_sites.fract_transf_matrix[2][3]   -0.00617581 
_atom_sites.fract_transf_matrix[3][1]   -0.00585427 
_atom_sites.fract_transf_matrix[3][2]   0.00369370 
_atom_sites.fract_transf_matrix[3][3]   0.00656328 
_atom_sites.fract_transf_vector[1]      0.746966 
_atom_sites.fract_transf_vector[2]      -0.144862 
_atom_sites.fract_transf_vector[3]      -0.395829 
# 
loop_
_atom_type.symbol 
C 
N 
O 
S 
# 
loop_
_atom_site.group_PDB 
_atom_site.id 
_atom_site.type_symbol 
_atom_site.label_atom_id 
_atom_site.label_alt_id 
_atom_site.label_comp_id 
_atom_site.label_asym_id 
_atom_site.label_entity_id 
_atom_site.label_seq_id 
_atom_site.pdbx_PDB_ins_code 
_atom_site.Cartn_x 
_atom_site.Cartn_y 
_atom_site.Cartn_z 
_atom_site.occupancy 
_atom_site.B_iso_or_equiv 
_atom_site.pdbx_formal_charge 
_atom_site.auth_seq_id 
_atom_site.auth_comp_id 
_atom_site.auth_asym_id 
_atom_site.auth_atom_id 
_atom_site.pdbx_PDB_model_num 
ATOM   1   N N   . LYS A 1 5   ? 11.767  8.260   -4.362  1.00 77.98  ? 2   LYS A N   1 
ATOM   2   C CA  . LYS A 1 5   ? 12.258  9.173   -5.434  1.00 78.31  ? 2   LYS A CA  1 
ATOM   3   C C   . LYS A 1 5   ? 11.781  8.752   -6.820  1.00 78.50  ? 2   LYS A C   1 
ATOM   4   O O   . LYS A 1 5   ? 11.912  9.522   -7.773  1.00 80.53  ? 2   LYS A O   1 
ATOM   5   C CB  . LYS A 1 5   ? 13.788  9.232   -5.423  1.00 78.25  ? 2   LYS A CB  1 
ATOM   6   N N   . SER A 1 6   ? 11.234  7.542   -6.937  1.00 76.91  ? 3   SER A N   1 
ATOM   7   C CA  . SER A 1 6   ? 10.762  7.030   -8.231  1.00 74.63  ? 3   SER A CA  1 
ATOM   8   C C   . SER A 1 6   ? 9.661   5.997   -8.042  1.00 71.75  ? 3   SER A C   1 
ATOM   9   O O   . SER A 1 6   ? 9.856   5.019   -7.323  1.00 72.65  ? 3   SER A O   1 
ATOM   10  C CB  . SER A 1 6   ? 11.918  6.361   -8.989  1.00 76.07  ? 3   SER A CB  1 
ATOM   11  O OG  . SER A 1 6   ? 13.137  7.071   -8.838  1.00 76.94  ? 3   SER A OG  1 
ATOM   12  N N   . THR A 1 7   ? 8.515   6.183   -8.691  1.00 67.62  ? 4   THR A N   1 
ATOM   13  C CA  . THR A 1 7   ? 7.448   5.206   -8.538  1.00 64.23  ? 4   THR A CA  1 
ATOM   14  C C   . THR A 1 7   ? 7.942   3.777   -8.730  1.00 62.36  ? 4   THR A C   1 
ATOM   15  O O   . THR A 1 7   ? 8.431   3.411   -9.798  1.00 62.43  ? 4   THR A O   1 
ATOM   16  C CB  . THR A 1 7   ? 6.303   5.425   -9.527  1.00 64.81  ? 4   THR A CB  1 
ATOM   17  O OG1 . THR A 1 7   ? 5.372   4.342   -9.402  1.00 68.01  ? 4   THR A OG1 1 
ATOM   18  C CG2 . THR A 1 7   ? 6.812   5.456   -10.947 1.00 64.05  ? 4   THR A CG2 1 
ATOM   19  N N   . PHE A 1 8   ? 7.812   2.989   -7.670  1.00 60.04  ? 5   PHE A N   1 
ATOM   20  C CA  . PHE A 1 8   ? 8.192   1.582   -7.637  1.00 57.99  ? 5   PHE A CA  1 
ATOM   21  C C   . PHE A 1 8   ? 7.932   0.873   -8.978  1.00 59.36  ? 5   PHE A C   1 
ATOM   22  O O   . PHE A 1 8   ? 8.797   0.168   -9.513  1.00 58.40  ? 5   PHE A O   1 
ATOM   23  C CB  . PHE A 1 8   ? 7.382   0.913   -6.534  1.00 53.58  ? 5   PHE A CB  1 
ATOM   24  C CG  . PHE A 1 8   ? 7.565   -0.563  -6.452  1.00 51.13  ? 5   PHE A CG  1 
ATOM   25  C CD1 . PHE A 1 8   ? 8.531   -1.116  -5.624  1.00 50.68  ? 5   PHE A CD1 1 
ATOM   26  C CD2 . PHE A 1 8   ? 6.748   -1.412  -7.181  1.00 51.14  ? 5   PHE A CD2 1 
ATOM   27  C CE1 . PHE A 1 8   ? 8.679   -2.502  -5.518  1.00 50.00  ? 5   PHE A CE1 1 
ATOM   28  C CE2 . PHE A 1 8   ? 6.886   -2.795  -7.085  1.00 50.42  ? 5   PHE A CE2 1 
ATOM   29  C CZ  . PHE A 1 8   ? 7.854   -3.341  -6.250  1.00 49.16  ? 5   PHE A CZ  1 
ATOM   30  N N   . LYS A 1 9   ? 6.730   1.070   -9.510  1.00 60.70  ? 6   LYS A N   1 
ATOM   31  C CA  . LYS A 1 9   ? 6.308   0.456   -10.773 1.00 61.63  ? 6   LYS A CA  1 
ATOM   32  C C   . LYS A 1 9   ? 7.240   0.740   -11.947 1.00 62.24  ? 6   LYS A C   1 
ATOM   33  O O   . LYS A 1 9   ? 7.569   -0.158  -12.730 1.00 61.63  ? 6   LYS A O   1 
ATOM   34  C CB  . LYS A 1 9   ? 4.887   0.915   -11.127 1.00 61.29  ? 6   LYS A CB  1 
ATOM   35  C CG  . LYS A 1 9   ? 4.327   0.255   -12.366 1.00 61.92  ? 6   LYS A CG  1 
ATOM   36  C CD  . LYS A 1 9   ? 2.808   0.301   -12.411 1.00 63.68  ? 6   LYS A CD  1 
ATOM   37  C CE  . LYS A 1 9   ? 2.299   -0.484  -13.618 1.00 66.00  ? 6   LYS A CE  1 
ATOM   38  N NZ  . LYS A 1 9   ? 0.815   -0.544  -13.735 1.00 66.63  ? 6   LYS A NZ  1 
ATOM   39  N N   . SER A 1 10  ? 7.645   1.998   -12.076 1.00 63.17  ? 7   SER A N   1 
ATOM   40  C CA  . SER A 1 10  ? 8.534   2.403   -13.155 1.00 62.47  ? 7   SER A CA  1 
ATOM   41  C C   . SER A 1 10  ? 9.944   1.998   -12.774 1.00 63.13  ? 7   SER A C   1 
ATOM   42  O O   . SER A 1 10  ? 10.826  1.933   -13.625 1.00 63.49  ? 7   SER A O   1 
ATOM   43  C CB  . SER A 1 10  ? 8.499   3.908   -13.328 1.00 60.39  ? 7   SER A CB  1 
ATOM   44  O OG  . SER A 1 10  ? 9.178   4.501   -12.238 1.00 61.53  ? 7   SER A OG  1 
ATOM   45  N N   . GLU A 1 11  ? 10.157  1.731   -11.491 1.00 63.47  ? 8   GLU A N   1 
ATOM   46  C CA  . GLU A 1 11  ? 11.474  1.347   -11.027 1.00 64.32  ? 8   GLU A CA  1 
ATOM   47  C C   . GLU A 1 11  ? 11.905  -0.059  -11.427 1.00 64.39  ? 8   GLU A C   1 
ATOM   48  O O   . GLU A 1 11  ? 13.103  -0.316  -11.561 1.00 65.38  ? 8   GLU A O   1 
ATOM   49  C CB  . GLU A 1 11  ? 11.571  1.498   -9.514  1.00 65.77  ? 8   GLU A CB  1 
ATOM   50  C CG  . GLU A 1 11  ? 12.862  0.934   -8.930  1.00 68.96  ? 8   GLU A CG  1 
ATOM   51  C CD  . GLU A 1 11  ? 13.209  1.552   -7.587  1.00 72.43  ? 8   GLU A CD  1 
ATOM   52  O OE1 . GLU A 1 11  ? 13.859  0.870   -6.759  1.00 72.75  ? 8   GLU A OE1 1 
ATOM   53  O OE2 . GLU A 1 11  ? 12.841  2.732   -7.367  1.00 74.44  ? 8   GLU A OE2 1 
ATOM   54  N N   . TYR A 1 12  ? 10.955  -0.972  -11.616 1.00 63.73  ? 9   TYR A N   1 
ATOM   55  C CA  . TYR A 1 12  ? 11.317  -2.339  -12.000 1.00 62.63  ? 9   TYR A CA  1 
ATOM   56  C C   . TYR A 1 12  ? 10.596  -2.859  -13.229 1.00 63.38  ? 9   TYR A C   1 
ATOM   57  O O   . TYR A 1 12  ? 9.521   -2.385  -13.588 1.00 63.22  ? 9   TYR A O   1 
ATOM   58  C CB  . TYR A 1 12  ? 11.067  -3.324  -10.863 1.00 59.30  ? 9   TYR A CB  1 
ATOM   59  C CG  . TYR A 1 12  ? 11.734  -2.958  -9.568  1.00 57.71  ? 9   TYR A CG  1 
ATOM   60  C CD1 . TYR A 1 12  ? 11.118  -2.092  -8.678  1.00 57.44  ? 9   TYR A CD1 1 
ATOM   61  C CD2 . TYR A 1 12  ? 12.982  -3.478  -9.229  1.00 57.59  ? 9   TYR A CD2 1 
ATOM   62  C CE1 . TYR A 1 12  ? 11.719  -1.751  -7.479  1.00 58.03  ? 9   TYR A CE1 1 
ATOM   63  C CE2 . TYR A 1 12  ? 13.601  -3.136  -8.026  1.00 57.56  ? 9   TYR A CE2 1 
ATOM   64  C CZ  . TYR A 1 12  ? 12.959  -2.272  -7.154  1.00 58.25  ? 9   TYR A CZ  1 
ATOM   65  O OH  . TYR A 1 12  ? 13.545  -1.914  -5.957  1.00 59.93  ? 9   TYR A OH  1 
ATOM   66  N N   . PRO A 1 13  ? 11.190  -3.856  -13.891 1.00 64.71  ? 10  PRO A N   1 
ATOM   67  C CA  . PRO A 1 13  ? 10.587  -4.439  -15.085 1.00 66.05  ? 10  PRO A CA  1 
ATOM   68  C C   . PRO A 1 13  ? 9.414   -5.330  -14.686 1.00 66.99  ? 10  PRO A C   1 
ATOM   69  O O   . PRO A 1 13  ? 9.494   -6.074  -13.703 1.00 66.43  ? 10  PRO A O   1 
ATOM   70  C CB  . PRO A 1 13  ? 11.738  -5.226  -15.690 1.00 66.06  ? 10  PRO A CB  1 
ATOM   71  C CG  . PRO A 1 13  ? 12.463  -5.715  -14.466 1.00 65.96  ? 10  PRO A CG  1 
ATOM   72  C CD  . PRO A 1 13  ? 12.497  -4.477  -13.607 1.00 65.53  ? 10  PRO A CD  1 
ATOM   73  N N   . PHE A 1 14  ? 8.333   -5.240  -15.455 1.00 67.49  ? 11  PHE A N   1 
ATOM   74  C CA  . PHE A 1 14  ? 7.128   -6.024  -15.212 1.00 68.70  ? 11  PHE A CA  1 
ATOM   75  C C   . PHE A 1 14  ? 7.434   -7.430  -14.682 1.00 70.31  ? 11  PHE A C   1 
ATOM   76  O O   . PHE A 1 14  ? 7.097   -7.752  -13.542 1.00 71.70  ? 11  PHE A O   1 
ATOM   77  C CB  . PHE A 1 14  ? 6.303   -6.131  -16.503 1.00 67.92  ? 11  PHE A CB  1 
ATOM   78  C CG  . PHE A 1 14  ? 4.963   -6.778  -16.312 1.00 67.44  ? 11  PHE A CG  1 
ATOM   79  C CD1 . PHE A 1 14  ? 3.798   -6.025  -16.355 1.00 68.17  ? 11  PHE A CD1 1 
ATOM   80  C CD2 . PHE A 1 14  ? 4.866   -8.141  -16.066 1.00 68.22  ? 11  PHE A CD2 1 
ATOM   81  C CE1 . PHE A 1 14  ? 2.550   -6.622  -16.155 1.00 67.20  ? 11  PHE A CE1 1 
ATOM   82  C CE2 . PHE A 1 14  ? 3.626   -8.748  -15.863 1.00 67.65  ? 11  PHE A CE2 1 
ATOM   83  C CZ  . PHE A 1 14  ? 2.467   -7.984  -15.908 1.00 67.34  ? 11  PHE A CZ  1 
ATOM   84  N N   . GLU A 1 15  ? 8.073   -8.257  -15.507 1.00 71.57  ? 12  GLU A N   1 
ATOM   85  C CA  . GLU A 1 15  ? 8.401   -9.630  -15.125 1.00 72.35  ? 12  GLU A CA  1 
ATOM   86  C C   . GLU A 1 15  ? 9.003   -9.716  -13.733 1.00 70.96  ? 12  GLU A C   1 
ATOM   87  O O   . GLU A 1 15  ? 8.748   -10.665 -13.007 1.00 71.51  ? 12  GLU A O   1 
ATOM   88  C CB  . GLU A 1 15  ? 9.363   -10.257 -16.144 1.00 76.26  ? 12  GLU A CB  1 
ATOM   89  C CG  . GLU A 1 15  ? 10.847  -10.019 -15.877 1.00 81.78  ? 12  GLU A CG  1 
ATOM   90  C CD  . GLU A 1 15  ? 11.636  -9.831  -17.164 1.00 85.92  ? 12  GLU A CD  1 
ATOM   91  O OE1 . GLU A 1 15  ? 11.527  -8.740  -17.780 1.00 87.17  ? 12  GLU A OE1 1 
ATOM   92  O OE2 . GLU A 1 15  ? 12.353  -10.778 -17.564 1.00 88.78  ? 12  GLU A OE2 1 
ATOM   93  N N   . LYS A 1 16  ? 9.795   -8.726  -13.350 1.00 69.85  ? 13  LYS A N   1 
ATOM   94  C CA  . LYS A 1 16  ? 10.397  -8.753  -12.025 1.00 69.56  ? 13  LYS A CA  1 
ATOM   95  C C   . LYS A 1 16  ? 9.301   -8.644  -10.957 1.00 68.71  ? 13  LYS A C   1 
ATOM   96  O O   . LYS A 1 16  ? 9.346   -9.316  -9.921  1.00 67.99  ? 13  LYS A O   1 
ATOM   97  C CB  . LYS A 1 16  ? 11.412  -7.613  -11.879 1.00 69.54  ? 13  LYS A CB  1 
ATOM   98  C CG  . LYS A 1 16  ? 12.478  -7.881  -10.818 1.00 70.41  ? 13  LYS A CG  1 
ATOM   99  C CD  . LYS A 1 16  ? 11.982  -7.564  -9.411  1.00 72.58  ? 13  LYS A CD  1 
ATOM   100 C CE  . LYS A 1 16  ? 12.744  -8.341  -8.343  1.00 72.67  ? 13  LYS A CE  1 
ATOM   101 N NZ  . LYS A 1 16  ? 12.310  -9.771  -8.319  1.00 73.22  ? 13  LYS A NZ  1 
ATOM   102 N N   . ARG A 1 17  ? 8.311   -7.798  -11.229 1.00 67.81  ? 14  ARG A N   1 
ATOM   103 C CA  . ARG A 1 17  ? 7.194   -7.586  -10.316 1.00 66.01  ? 14  ARG A CA  1 
ATOM   104 C C   . ARG A 1 17  ? 6.238   -8.774  -10.277 1.00 65.56  ? 14  ARG A C   1 
ATOM   105 O O   . ARG A 1 17  ? 6.023   -9.365  -9.216  1.00 65.61  ? 14  ARG A O   1 
ATOM   106 C CB  . ARG A 1 17  ? 6.429   -6.321  -10.714 1.00 64.12  ? 14  ARG A CB  1 
ATOM   107 C CG  . ARG A 1 17  ? 7.129   -5.047  -10.307 1.00 62.48  ? 14  ARG A CG  1 
ATOM   108 C CD  . ARG A 1 17  ? 6.375   -3.830  -10.759 1.00 61.63  ? 14  ARG A CD  1 
ATOM   109 N NE  . ARG A 1 17  ? 6.924   -3.308  -11.999 1.00 64.08  ? 14  ARG A NE  1 
ATOM   110 C CZ  . ARG A 1 17  ? 6.255   -3.230  -13.142 1.00 65.35  ? 14  ARG A CZ  1 
ATOM   111 N NH1 . ARG A 1 17  ? 4.999   -3.643  -13.206 1.00 66.85  ? 14  ARG A NH1 1 
ATOM   112 N NH2 . ARG A 1 17  ? 6.846   -2.740  -14.223 1.00 66.26  ? 14  ARG A NH2 1 
ATOM   113 N N   . LYS A 1 18  ? 5.672   -9.121  -11.431 1.00 64.31  ? 15  LYS A N   1 
ATOM   114 C CA  . LYS A 1 18  ? 4.736   -10.235 -11.510 1.00 64.35  ? 15  LYS A CA  1 
ATOM   115 C C   . LYS A 1 18  ? 5.369   -11.473 -10.910 1.00 64.63  ? 15  LYS A C   1 
ATOM   116 O O   . LYS A 1 18  ? 4.699   -12.292 -10.295 1.00 65.41  ? 15  LYS A O   1 
ATOM   117 C CB  . LYS A 1 18  ? 4.334   -10.494 -12.945 1.00 62.52  ? 15  LYS A CB  1 
ATOM   118 N N   . ALA A 1 19  ? 6.672   -11.608 -11.081 1.00 65.99  ? 16  ALA A N   1 
ATOM   119 C CA  . ALA A 1 19  ? 7.357   -12.752 -10.521 1.00 67.63  ? 16  ALA A CA  1 
ATOM   120 C C   . ALA A 1 19  ? 7.189   -12.721 -9.012  1.00 68.93  ? 16  ALA A C   1 
ATOM   121 O O   . ALA A 1 19  ? 6.670   -13.663 -8.412  1.00 70.07  ? 16  ALA A O   1 
ATOM   122 C CB  . ALA A 1 19  ? 8.828   -12.708 -10.873 1.00 67.70  ? 16  ALA A CB  1 
ATOM   123 N N   . GLU A 1 20  ? 7.614   -11.621 -8.406  1.00 70.48  ? 17  GLU A N   1 
ATOM   124 C CA  . GLU A 1 20  ? 7.554   -11.460 -6.960  1.00 71.78  ? 17  GLU A CA  1 
ATOM   125 C C   . GLU A 1 20  ? 6.166   -11.535 -6.365  1.00 71.12  ? 17  GLU A C   1 
ATOM   126 O O   . GLU A 1 20  ? 5.960   -12.236 -5.375  1.00 70.68  ? 17  GLU A O   1 
ATOM   127 C CB  . GLU A 1 20  ? 8.166   -10.131 -6.553  1.00 74.35  ? 17  GLU A CB  1 
ATOM   128 C CG  . GLU A 1 20  ? 8.826   -10.175 -5.203  1.00 78.29  ? 17  GLU A CG  1 
ATOM   129 C CD  . GLU A 1 20  ? 9.210   -8.800  -4.729  1.00 81.08  ? 17  GLU A CD  1 
ATOM   130 O OE1 . GLU A 1 20  ? 9.606   -7.966  -5.574  1.00 82.00  ? 17  GLU A OE1 1 
ATOM   131 O OE2 . GLU A 1 20  ? 9.122   -8.555  -3.510  1.00 83.23  ? 17  GLU A OE2 1 
ATOM   132 N N   . SER A 1 21  ? 5.224   -10.799 -6.952  1.00 70.95  ? 18  SER A N   1 
ATOM   133 C CA  . SER A 1 21  ? 3.855   -10.783 -6.444  1.00 70.43  ? 18  SER A CA  1 
ATOM   134 C C   . SER A 1 21  ? 3.304   -12.191 -6.520  1.00 71.49  ? 18  SER A C   1 
ATOM   135 O O   . SER A 1 21  ? 2.498   -12.601 -5.700  1.00 71.71  ? 18  SER A O   1 
ATOM   136 C CB  . SER A 1 21  ? 2.968   -9.848  -7.266  1.00 68.46  ? 18  SER A CB  1 
ATOM   137 O OG  . SER A 1 21  ? 2.583   -10.442 -8.496  1.00 66.83  ? 18  SER A OG  1 
ATOM   138 N N   . GLU A 1 22  ? 3.770   -12.945 -7.505  1.00 73.23  ? 19  GLU A N   1 
ATOM   139 C CA  . GLU A 1 22  ? 3.328   -14.320 -7.681  1.00 75.15  ? 19  GLU A CA  1 
ATOM   140 C C   . GLU A 1 22  ? 3.984   -15.226 -6.642  1.00 74.42  ? 19  GLU A C   1 
ATOM   141 O O   . GLU A 1 22  ? 3.369   -16.166 -6.137  1.00 73.70  ? 19  GLU A O   1 
ATOM   142 C CB  . GLU A 1 22  ? 3.677   -14.798 -9.081  1.00 77.72  ? 19  GLU A CB  1 
ATOM   143 C CG  . GLU A 1 22  ? 2.626   -15.698 -9.684  1.00 84.45  ? 19  GLU A CG  1 
ATOM   144 C CD  . GLU A 1 22  ? 2.903   -15.966 -11.148 1.00 88.38  ? 19  GLU A CD  1 
ATOM   145 O OE1 . GLU A 1 22  ? 3.981   -16.530 -11.439 1.00 91.40  ? 19  GLU A OE1 1 
ATOM   146 O OE2 . GLU A 1 22  ? 2.061   -15.604 -12.005 1.00 90.01  ? 19  GLU A OE2 1 
ATOM   147 N N   . ARG A 1 23  ? 5.240   -14.940 -6.326  1.00 73.64  ? 20  ARG A N   1 
ATOM   148 C CA  . ARG A 1 23  ? 5.947   -15.723 -5.335  1.00 73.18  ? 20  ARG A CA  1 
ATOM   149 C C   . ARG A 1 23  ? 5.353   -15.387 -3.988  1.00 72.77  ? 20  ARG A C   1 
ATOM   150 O O   . ARG A 1 23  ? 5.394   -16.202 -3.073  1.00 72.71  ? 20  ARG A O   1 
ATOM   151 C CB  . ARG A 1 23  ? 7.425   -15.389 -5.358  1.00 73.83  ? 20  ARG A CB  1 
ATOM   152 N N   . ILE A 1 24  ? 4.799   -14.180 -3.879  1.00 73.00  ? 21  ILE A N   1 
ATOM   153 C CA  . ILE A 1 24  ? 4.179   -13.711 -2.638  1.00 73.47  ? 21  ILE A CA  1 
ATOM   154 C C   . ILE A 1 24  ? 2.839   -14.410 -2.461  1.00 74.07  ? 21  ILE A C   1 
ATOM   155 O O   . ILE A 1 24  ? 2.486   -14.845 -1.365  1.00 73.42  ? 21  ILE A O   1 
ATOM   156 C CB  . ILE A 1 24  ? 3.914   -12.177 -2.658  1.00 72.94  ? 21  ILE A CB  1 
ATOM   157 C CG1 . ILE A 1 24  ? 5.214   -11.396 -2.871  1.00 71.68  ? 21  ILE A CG1 1 
ATOM   158 C CG2 . ILE A 1 24  ? 3.291   -11.745 -1.338  1.00 73.54  ? 21  ILE A CG2 1 
ATOM   159 C CD1 . ILE A 1 24  ? 6.172   -11.452 -1.703  1.00 70.05  ? 21  ILE A CD1 1 
ATOM   160 N N   . ALA A 1 25  ? 2.096   -14.514 -3.557  1.00 76.11  ? 22  ALA A N   1 
ATOM   161 C CA  . ALA A 1 25  ? 0.789   -15.160 -3.536  1.00 78.16  ? 22  ALA A CA  1 
ATOM   162 C C   . ALA A 1 25  ? 0.939   -16.634 -3.174  1.00 79.64  ? 22  ALA A C   1 
ATOM   163 O O   . ALA A 1 25  ? -0.028  -17.299 -2.801  1.00 80.27  ? 22  ALA A O   1 
ATOM   164 C CB  . ALA A 1 25  ? 0.101   -15.015 -4.899  1.00 76.74  ? 22  ALA A CB  1 
ATOM   165 N N   . ASP A 1 26  ? 2.160   -17.146 -3.275  1.00 81.49  ? 23  ASP A N   1 
ATOM   166 C CA  . ASP A 1 26  ? 2.396   -18.544 -2.946  1.00 82.53  ? 23  ASP A CA  1 
ATOM   167 C C   . ASP A 1 26  ? 2.779   -18.738 -1.490  1.00 82.42  ? 23  ASP A C   1 
ATOM   168 O O   . ASP A 1 26  ? 2.150   -19.521 -0.784  1.00 82.66  ? 23  ASP A O   1 
ATOM   169 C CB  . ASP A 1 26  ? 3.488   -19.141 -3.841  1.00 84.08  ? 23  ASP A CB  1 
ATOM   170 C CG  . ASP A 1 26  ? 3.059   -19.242 -5.296  1.00 86.49  ? 23  ASP A CG  1 
ATOM   171 O OD1 . ASP A 1 26  ? 1.834   -19.237 -5.555  1.00 87.16  ? 23  ASP A OD1 1 
ATOM   172 O OD2 . ASP A 1 26  ? 3.942   -19.339 -6.179  1.00 87.93  ? 23  ASP A OD2 1 
ATOM   173 N N   . ARG A 1 27  ? 3.799   -18.014 -1.043  1.00 81.84  ? 24  ARG A N   1 
ATOM   174 C CA  . ARG A 1 27  ? 4.294   -18.127 0.323   1.00 82.30  ? 24  ARG A CA  1 
ATOM   175 C C   . ARG A 1 27  ? 3.357   -17.617 1.417   1.00 83.51  ? 24  ARG A C   1 
ATOM   176 O O   . ARG A 1 27  ? 3.561   -17.928 2.593   1.00 84.00  ? 24  ARG A O   1 
ATOM   177 C CB  . ARG A 1 27  ? 5.656   -17.427 0.439   1.00 80.50  ? 24  ARG A CB  1 
ATOM   178 N N   . PHE A 1 28  ? 2.344   -16.832 1.054   1.00 84.29  ? 25  PHE A N   1 
ATOM   179 C CA  . PHE A 1 28  ? 1.420   -16.303 2.058   1.00 85.23  ? 25  PHE A CA  1 
ATOM   180 C C   . PHE A 1 28  ? -0.050  -16.490 1.669   1.00 86.15  ? 25  PHE A C   1 
ATOM   181 O O   . PHE A 1 28  ? -0.558  -15.835 0.767   1.00 87.27  ? 25  PHE A O   1 
ATOM   182 C CB  . PHE A 1 28  ? 1.727   -14.821 2.327   1.00 84.02  ? 25  PHE A CB  1 
ATOM   183 C CG  . PHE A 1 28  ? 3.150   -14.564 2.780   1.00 83.73  ? 25  PHE A CG  1 
ATOM   184 C CD1 . PHE A 1 28  ? 4.205   -14.650 1.876   1.00 83.53  ? 25  PHE A CD1 1 
ATOM   185 C CD2 . PHE A 1 28  ? 3.440   -14.273 4.114   1.00 83.90  ? 25  PHE A CD2 1 
ATOM   186 C CE1 . PHE A 1 28  ? 5.528   -14.457 2.283   1.00 82.81  ? 25  PHE A CE1 1 
ATOM   187 C CE2 . PHE A 1 28  ? 4.763   -14.078 4.535   1.00 83.35  ? 25  PHE A CE2 1 
ATOM   188 C CZ  . PHE A 1 28  ? 5.809   -14.172 3.611   1.00 82.70  ? 25  PHE A CZ  1 
ATOM   189 N N   . LYS A 1 29  ? -0.716  -17.404 2.372   1.00 86.46  ? 26  LYS A N   1 
ATOM   190 C CA  . LYS A 1 29  ? -2.121  -17.735 2.136   1.00 86.37  ? 26  LYS A CA  1 
ATOM   191 C C   . LYS A 1 29  ? -3.135  -16.600 2.373   1.00 86.34  ? 26  LYS A C   1 
ATOM   192 O O   . LYS A 1 29  ? -4.027  -16.396 1.538   1.00 86.41  ? 26  LYS A O   1 
ATOM   193 C CB  . LYS A 1 29  ? -2.509  -18.963 2.969   1.00 86.21  ? 26  LYS A CB  1 
ATOM   194 N N   . ASN A 1 30  ? -3.019  -15.877 3.489   1.00 85.62  ? 27  ASN A N   1 
ATOM   195 C CA  . ASN A 1 30  ? -3.949  -14.783 3.781   1.00 84.46  ? 27  ASN A CA  1 
ATOM   196 C C   . ASN A 1 30  ? -3.248  -13.446 4.022   1.00 82.11  ? 27  ASN A C   1 
ATOM   197 O O   . ASN A 1 30  ? -3.508  -12.756 5.007   1.00 81.92  ? 27  ASN A O   1 
ATOM   198 C CB  . ASN A 1 30  ? -4.837  -15.080 5.005   1.00 86.41  ? 27  ASN A CB  1 
ATOM   199 C CG  . ASN A 1 30  ? -4.082  -15.712 6.138   1.00 88.79  ? 27  ASN A CG  1 
ATOM   200 O OD1 . ASN A 1 30  ? -4.071  -15.218 7.265   1.00 89.67  ? 27  ASN A OD1 1 
ATOM   201 N ND2 . ASN A 1 30  ? -3.458  -16.828 5.852   1.00 89.69  ? 27  ASN A ND2 1 
ATOM   202 N N   . ARG A 1 31  ? -2.381  -13.062 3.105   1.00 79.40  ? 28  ARG A N   1 
ATOM   203 C CA  . ARG A 1 31  ? -1.665  -11.812 3.209   1.00 76.95  ? 28  ARG A CA  1 
ATOM   204 C C   . ARG A 1 31  ? -1.860  -11.084 1.900   1.00 74.13  ? 28  ARG A C   1 
ATOM   205 O O   . ARG A 1 31  ? -2.291  -11.688 0.950   1.00 74.60  ? 28  ARG A O   1 
ATOM   206 C CB  . ARG A 1 31  ? -0.223  -12.125 3.450   1.00 79.77  ? 28  ARG A CB  1 
ATOM   207 C CG  . ARG A 1 31  ? -0.027  -12.567 4.845   1.00 83.07  ? 28  ARG A CG  1 
ATOM   208 C CD  . ARG A 1 31  ? 0.311   -11.422 5.739   1.00 85.51  ? 28  ARG A CD  1 
ATOM   209 N NE  . ARG A 1 31  ? 0.788   -11.960 6.999   1.00 88.36  ? 28  ARG A NE  1 
ATOM   210 C CZ  . ARG A 1 31  ? 1.442   -11.264 7.914   1.00 90.06  ? 28  ARG A CZ  1 
ATOM   211 N NH1 . ARG A 1 31  ? 1.843   -11.852 9.031   1.00 91.71  ? 28  ARG A NH1 1 
ATOM   212 N NH2 . ARG A 1 31  ? 1.694   -9.983  7.719   1.00 91.78  ? 28  ARG A NH2 1 
ATOM   213 N N   . ILE A 1 32  ? -1.523  -9.803  1.829   1.00 71.29  ? 29  ILE A N   1 
ATOM   214 C CA  . ILE A 1 32  ? -1.760  -9.004  0.619   1.00 68.09  ? 29  ILE A CA  1 
ATOM   215 C C   . ILE A 1 32  ? -0.557  -8.087  0.340   1.00 65.51  ? 29  ILE A C   1 
ATOM   216 O O   . ILE A 1 32  ? -0.065  -7.407  1.239   1.00 66.10  ? 29  ILE A O   1 
ATOM   217 C CB  . ILE A 1 32  ? -3.058  -8.163  0.836   1.00 69.13  ? 29  ILE A CB  1 
ATOM   218 C CG1 . ILE A 1 32  ? -3.800  -7.955  -0.469  1.00 70.81  ? 29  ILE A CG1 1 
ATOM   219 C CG2 . ILE A 1 32  ? -2.739  -6.793  1.442   1.00 70.42  ? 29  ILE A CG2 1 
ATOM   220 C CD1 . ILE A 1 32  ? -5.078  -7.217  -0.202  1.00 71.97  ? 29  ILE A CD1 1 
ATOM   221 N N   . PRO A 1 33  ? -0.049  -8.074  -0.903  1.00 61.00  ? 30  PRO A N   1 
ATOM   222 C CA  . PRO A 1 33  ? 1.102   -7.219  -1.208  1.00 56.90  ? 30  PRO A CA  1 
ATOM   223 C C   . PRO A 1 33  ? 0.726   -5.797  -1.594  1.00 54.51  ? 30  PRO A C   1 
ATOM   224 O O   . PRO A 1 33  ? 0.087   -5.567  -2.613  1.00 54.62  ? 30  PRO A O   1 
ATOM   225 C CB  . PRO A 1 33  ? 1.784   -7.974  -2.334  1.00 55.36  ? 30  PRO A CB  1 
ATOM   226 C CG  . PRO A 1 33  ? 0.614   -8.511  -3.073  1.00 57.80  ? 30  PRO A CG  1 
ATOM   227 C CD  . PRO A 1 33  ? -0.282  -9.038  -1.991  1.00 59.48  ? 30  PRO A CD  1 
ATOM   228 N N   . VAL A 1 34  ? 1.139   -4.833  -0.787  1.00 52.48  ? 31  VAL A N   1 
ATOM   229 C CA  . VAL A 1 34  ? 0.801   -3.455  -1.077  1.00 49.80  ? 31  VAL A CA  1 
ATOM   230 C C   . VAL A 1 34  ? 1.987   -2.520  -1.261  1.00 48.50  ? 31  VAL A C   1 
ATOM   231 O O   . VAL A 1 34  ? 2.908   -2.480  -0.449  1.00 47.67  ? 31  VAL A O   1 
ATOM   232 C CB  . VAL A 1 34  ? -0.113  -2.890  0.029   1.00 49.66  ? 31  VAL A CB  1 
ATOM   233 C CG1 . VAL A 1 34  ? -0.449  -1.447  -0.261  1.00 48.08  ? 31  VAL A CG1 1 
ATOM   234 C CG2 . VAL A 1 34  ? -1.388  -3.728  0.124   1.00 48.37  ? 31  VAL A CG2 1 
ATOM   235 N N   . ILE A 1 35  ? 1.953   -1.781  -2.363  1.00 47.29  ? 32  ILE A N   1 
ATOM   236 C CA  . ILE A 1 35  ? 2.973   -0.799  -2.675  1.00 46.72  ? 32  ILE A CA  1 
ATOM   237 C C   . ILE A 1 35  ? 2.305   0.499   -2.270  1.00 48.44  ? 32  ILE A C   1 
ATOM   238 O O   . ILE A 1 35  ? 1.274   0.886   -2.828  1.00 49.61  ? 32  ILE A O   1 
ATOM   239 C CB  . ILE A 1 35  ? 3.325   -0.806  -4.186  1.00 44.88  ? 32  ILE A CB  1 
ATOM   240 C CG1 . ILE A 1 35  ? 4.112   -2.072  -4.492  1.00 43.24  ? 32  ILE A CG1 1 
ATOM   241 C CG2 . ILE A 1 35  ? 4.155   0.413   -4.567  1.00 44.90  ? 32  ILE A CG2 1 
ATOM   242 C CD1 . ILE A 1 35  ? 5.100   -2.429  -3.402  1.00 39.68  ? 32  ILE A CD1 1 
ATOM   243 N N   . CYS A 1 36  ? 2.884   1.150   -1.271  1.00 49.26  ? 33  CYS A N   1 
ATOM   244 C CA  . CYS A 1 36  ? 2.333   2.380   -0.738  1.00 49.98  ? 33  CYS A CA  1 
ATOM   245 C C   . CYS A 1 36  ? 3.300   3.538   -0.879  1.00 50.99  ? 33  CYS A C   1 
ATOM   246 O O   . CYS A 1 36  ? 4.307   3.597   -0.184  1.00 51.55  ? 33  CYS A O   1 
ATOM   247 C CB  . CYS A 1 36  ? 2.004   2.171   0.724   1.00 48.81  ? 33  CYS A CB  1 
ATOM   248 S SG  . CYS A 1 36  ? 1.265   3.601   1.367   1.00 49.45  ? 33  CYS A SG  1 
ATOM   249 N N   . GLU A 1 37  ? 2.971   4.468   -1.767  1.00 52.99  ? 34  GLU A N   1 
ATOM   250 C CA  . GLU A 1 37  ? 3.821   5.617   -2.047  1.00 55.67  ? 34  GLU A CA  1 
ATOM   251 C C   . GLU A 1 37  ? 3.191   6.970   -1.730  1.00 58.06  ? 34  GLU A C   1 
ATOM   252 O O   . GLU A 1 37  ? 1.973   7.088   -1.589  1.00 58.38  ? 34  GLU A O   1 
ATOM   253 C CB  . GLU A 1 37  ? 4.241   5.578   -3.515  1.00 55.52  ? 34  GLU A CB  1 
ATOM   254 C CG  . GLU A 1 37  ? 5.099   4.376   -3.864  1.00 58.27  ? 34  GLU A CG  1 
ATOM   255 C CD  . GLU A 1 37  ? 5.154   4.093   -5.354  1.00 60.22  ? 34  GLU A CD  1 
ATOM   256 O OE1 . GLU A 1 37  ? 6.276   3.953   -5.889  1.00 62.37  ? 34  GLU A OE1 1 
ATOM   257 O OE2 . GLU A 1 37  ? 4.082   3.999   -5.989  1.00 61.11  ? 34  GLU A OE2 1 
ATOM   258 N N   . LYS A 1 38  ? 4.042   7.988   -1.623  1.00 59.90  ? 35  LYS A N   1 
ATOM   259 C CA  . LYS A 1 38  ? 3.602   9.341   -1.324  1.00 61.26  ? 35  LYS A CA  1 
ATOM   260 C C   . LYS A 1 38  ? 3.176   10.081  -2.580  1.00 62.64  ? 35  LYS A C   1 
ATOM   261 O O   . LYS A 1 38  ? 3.809   9.962   -3.623  1.00 61.55  ? 35  LYS A O   1 
ATOM   262 C CB  . LYS A 1 38  ? 4.730   10.131  -0.649  1.00 61.22  ? 35  LYS A CB  1 
ATOM   263 C CG  . LYS A 1 38  ? 4.321   11.546  -0.233  1.00 62.71  ? 35  LYS A CG  1 
ATOM   264 C CD  . LYS A 1 38  ? 5.504   12.388  0.270   1.00 63.41  ? 35  LYS A CD  1 
ATOM   265 C CE  . LYS A 1 38  ? 6.240   13.101  -0.863  1.00 63.34  ? 35  LYS A CE  1 
ATOM   266 N NZ  . LYS A 1 38  ? 5.415   14.149  -1.541  1.00 62.81  ? 35  LYS A NZ  1 
ATOM   267 N N   . ALA A 1 39  ? 2.094   10.846  -2.467  1.00 65.40  ? 36  ALA A N   1 
ATOM   268 C CA  . ALA A 1 39  ? 1.602   11.643  -3.582  1.00 68.03  ? 36  ALA A CA  1 
ATOM   269 C C   . ALA A 1 39  ? 2.701   12.663  -3.857  1.00 70.41  ? 36  ALA A C   1 
ATOM   270 O O   . ALA A 1 39  ? 3.242   13.262  -2.926  1.00 70.38  ? 36  ALA A O   1 
ATOM   271 C CB  . ALA A 1 39  ? 0.323   12.341  -3.189  1.00 67.46  ? 36  ALA A CB  1 
ATOM   272 N N   . GLU A 1 40  ? 3.036   12.864  -5.125  1.00 72.99  ? 37  GLU A N   1 
ATOM   273 C CA  . GLU A 1 40  ? 4.111   13.797  -5.473  1.00 75.14  ? 37  GLU A CA  1 
ATOM   274 C C   . GLU A 1 40  ? 3.982   15.176  -4.850  1.00 74.35  ? 37  GLU A C   1 
ATOM   275 O O   . GLU A 1 40  ? 4.947   15.728  -4.329  1.00 72.89  ? 37  GLU A O   1 
ATOM   276 C CB  . GLU A 1 40  ? 4.217   13.959  -6.993  1.00 77.50  ? 37  GLU A CB  1 
ATOM   277 C CG  . GLU A 1 40  ? 4.223   12.646  -7.744  1.00 81.70  ? 37  GLU A CG  1 
ATOM   278 C CD  . GLU A 1 40  ? 2.882   12.346  -8.390  1.00 84.70  ? 37  GLU A CD  1 
ATOM   279 O OE1 . GLU A 1 40  ? 2.568   12.991  -9.419  1.00 85.79  ? 37  GLU A OE1 1 
ATOM   280 O OE2 . GLU A 1 40  ? 2.146   11.477  -7.864  1.00 84.19  ? 37  GLU A OE2 1 
ATOM   281 N N   . LYS A 1 41  ? 2.778   15.726  -4.890  1.00 74.87  ? 38  LYS A N   1 
ATOM   282 C CA  . LYS A 1 41  ? 2.565   17.067  -4.380  1.00 75.34  ? 38  LYS A CA  1 
ATOM   283 C C   . LYS A 1 41  ? 2.106   17.209  -2.939  1.00 75.38  ? 38  LYS A C   1 
ATOM   284 O O   . LYS A 1 41  ? 1.429   18.183  -2.623  1.00 76.54  ? 38  LYS A O   1 
ATOM   285 C CB  . LYS A 1 41  ? 1.599   17.814  -5.306  1.00 74.71  ? 38  LYS A CB  1 
ATOM   286 N N   . SER A 1 42  ? 2.455   16.272  -2.061  1.00 75.06  ? 39  SER A N   1 
ATOM   287 C CA  . SER A 1 42  ? 2.044   16.404  -0.661  1.00 74.87  ? 39  SER A CA  1 
ATOM   288 C C   . SER A 1 42  ? 3.264   16.661  0.205   1.00 74.62  ? 39  SER A C   1 
ATOM   289 O O   . SER A 1 42  ? 4.330   16.087  -0.013  1.00 74.73  ? 39  SER A O   1 
ATOM   290 C CB  . SER A 1 42  ? 1.304   15.157  -0.169  1.00 75.22  ? 39  SER A CB  1 
ATOM   291 O OG  . SER A 1 42  ? 2.172   14.048  -0.056  1.00 76.80  ? 39  SER A OG  1 
ATOM   292 N N   . ASP A 1 43  ? 3.107   17.535  1.187   1.00 75.05  ? 40  ASP A N   1 
ATOM   293 C CA  . ASP A 1 43  ? 4.207   17.883  2.073   1.00 75.54  ? 40  ASP A CA  1 
ATOM   294 C C   . ASP A 1 43  ? 4.633   16.751  2.995   1.00 73.77  ? 40  ASP A C   1 
ATOM   295 O O   . ASP A 1 43  ? 5.827   16.584  3.255   1.00 74.07  ? 40  ASP A O   1 
ATOM   296 C CB  . ASP A 1 43  ? 3.837   19.112  2.910   1.00 78.49  ? 40  ASP A CB  1 
ATOM   297 C CG  . ASP A 1 43  ? 2.372   19.118  3.318   1.00 81.75  ? 40  ASP A CG  1 
ATOM   298 O OD1 . ASP A 1 43  ? 1.852   18.053  3.732   1.00 83.31  ? 40  ASP A OD1 1 
ATOM   299 O OD2 . ASP A 1 43  ? 1.741   20.195  3.225   1.00 83.46  ? 40  ASP A OD2 1 
ATOM   300 N N   . ILE A 1 44  ? 3.665   15.971  3.475   1.00 71.18  ? 41  ILE A N   1 
ATOM   301 C CA  . ILE A 1 44  ? 3.959   14.871  4.395   1.00 68.96  ? 41  ILE A CA  1 
ATOM   302 C C   . ILE A 1 44  ? 5.181   14.050  3.996   1.00 66.89  ? 41  ILE A C   1 
ATOM   303 O O   . ILE A 1 44  ? 5.427   13.802  2.816   1.00 66.14  ? 41  ILE A O   1 
ATOM   304 C CB  . ILE A 1 44  ? 2.744   13.918  4.583   1.00 68.78  ? 41  ILE A CB  1 
ATOM   305 C CG1 . ILE A 1 44  ? 2.406   13.207  3.285   1.00 69.38  ? 41  ILE A CG1 1 
ATOM   306 C CG2 . ILE A 1 44  ? 1.529   14.702  5.035   1.00 68.74  ? 41  ILE A CG2 1 
ATOM   307 C CD1 . ILE A 1 44  ? 1.127   12.417  3.388   1.00 69.51  ? 41  ILE A CD1 1 
ATOM   308 N N   . PRO A 1 45  ? 5.969   13.622  4.995   1.00 65.57  ? 42  PRO A N   1 
ATOM   309 C CA  . PRO A 1 45  ? 7.186   12.832  4.815   1.00 65.25  ? 42  PRO A CA  1 
ATOM   310 C C   . PRO A 1 45  ? 7.068   11.648  3.881   1.00 66.17  ? 42  PRO A C   1 
ATOM   311 O O   . PRO A 1 45  ? 5.991   11.116  3.638   1.00 66.64  ? 42  PRO A O   1 
ATOM   312 C CB  . PRO A 1 45  ? 7.537   12.411  6.235   1.00 63.99  ? 42  PRO A CB  1 
ATOM   313 C CG  . PRO A 1 45  ? 7.074   13.569  7.037   1.00 63.37  ? 42  PRO A CG  1 
ATOM   314 C CD  . PRO A 1 45  ? 5.719   13.854  6.427   1.00 64.48  ? 42  PRO A CD  1 
ATOM   315 N N   . GLU A 1 46  ? 8.208   11.239  3.360   1.00 67.72  ? 43  GLU A N   1 
ATOM   316 C CA  . GLU A 1 46  ? 8.278   10.123  2.448   1.00 69.87  ? 43  GLU A CA  1 
ATOM   317 C C   . GLU A 1 46  ? 8.659   8.912   3.295   1.00 70.48  ? 43  GLU A C   1 
ATOM   318 O O   . GLU A 1 46  ? 9.718   8.911   3.919   1.00 70.75  ? 43  GLU A O   1 
ATOM   319 C CB  . GLU A 1 46  ? 9.356   10.422  1.403   1.00 72.19  ? 43  GLU A CB  1 
ATOM   320 C CG  . GLU A 1 46  ? 8.885   10.407  -0.045  1.00 76.62  ? 43  GLU A CG  1 
ATOM   321 C CD  . GLU A 1 46  ? 8.898   9.012   -0.651  1.00 78.83  ? 43  GLU A CD  1 
ATOM   322 O OE1 . GLU A 1 46  ? 9.999   8.417   -0.722  1.00 79.50  ? 43  GLU A OE1 1 
ATOM   323 O OE2 . GLU A 1 46  ? 7.813   8.517   -1.054  1.00 79.67  ? 43  GLU A OE2 1 
ATOM   324 N N   . ILE A 1 47  ? 7.799   7.892   3.339   1.00 70.73  ? 44  ILE A N   1 
ATOM   325 C CA  . ILE A 1 47  ? 8.097   6.693   4.129   1.00 70.88  ? 44  ILE A CA  1 
ATOM   326 C C   . ILE A 1 47  ? 9.370   5.991   3.672   1.00 69.98  ? 44  ILE A C   1 
ATOM   327 O O   . ILE A 1 47  ? 9.791   6.114   2.516   1.00 68.46  ? 44  ILE A O   1 
ATOM   328 C CB  . ILE A 1 47  ? 6.952   5.620   4.091   1.00 72.39  ? 44  ILE A CB  1 
ATOM   329 C CG1 . ILE A 1 47  ? 6.151   5.718   2.793   1.00 73.47  ? 44  ILE A CG1 1 
ATOM   330 C CG2 . ILE A 1 47  ? 6.055   5.751   5.303   1.00 72.61  ? 44  ILE A CG2 1 
ATOM   331 C CD1 . ILE A 1 47  ? 5.061   4.654   2.684   1.00 74.18  ? 44  ILE A CD1 1 
ATOM   332 N N   . ASP A 1 48  ? 9.971   5.250   4.599   1.00 69.82  ? 45  ASP A N   1 
ATOM   333 C CA  . ASP A 1 48  ? 11.188  4.493   4.329   1.00 70.64  ? 45  ASP A CA  1 
ATOM   334 C C   . ASP A 1 48  ? 10.862  3.184   3.607   1.00 70.08  ? 45  ASP A C   1 
ATOM   335 O O   . ASP A 1 48  ? 11.543  2.812   2.651   1.00 72.39  ? 45  ASP A O   1 
ATOM   336 C CB  . ASP A 1 48  ? 11.932  4.202   5.633   1.00 71.31  ? 45  ASP A CB  1 
ATOM   337 C CG  . ASP A 1 48  ? 11.010  3.737   6.732   1.00 72.56  ? 45  ASP A CG  1 
ATOM   338 O OD1 . ASP A 1 48  ? 9.813   3.513   6.445   1.00 73.54  ? 45  ASP A OD1 1 
ATOM   339 O OD2 . ASP A 1 48  ? 11.476  3.595   7.883   1.00 73.47  ? 45  ASP A OD2 1 
ATOM   340 N N   . LYS A 1 49  ? 9.828   2.484   4.062   1.00 67.74  ? 46  LYS A N   1 
ATOM   341 C CA  . LYS A 1 49  ? 9.423   1.238   3.418   1.00 64.71  ? 46  LYS A CA  1 
ATOM   342 C C   . LYS A 1 49  ? 8.123   1.497   2.687   1.00 62.29  ? 46  LYS A C   1 
ATOM   343 O O   . LYS A 1 49  ? 7.285   2.257   3.161   1.00 61.28  ? 46  LYS A O   1 
ATOM   344 C CB  . LYS A 1 49  ? 9.227   0.146   4.449   1.00 64.68  ? 46  LYS A CB  1 
ATOM   345 N N   . ARG A 1 50  ? 7.954   0.876   1.527   1.00 60.58  ? 47  ARG A N   1 
ATOM   346 C CA  . ARG A 1 50  ? 6.727   1.073   0.766   1.00 59.70  ? 47  ARG A CA  1 
ATOM   347 C C   . ARG A 1 50  ? 6.059   -0.218  0.305   1.00 58.98  ? 47  ARG A C   1 
ATOM   348 O O   . ARG A 1 50  ? 5.022   -0.184  -0.352  1.00 59.93  ? 47  ARG A O   1 
ATOM   349 C CB  . ARG A 1 50  ? 6.997   1.973   -0.433  1.00 57.87  ? 47  ARG A CB  1 
ATOM   350 C CG  . ARG A 1 50  ? 8.150   1.503   -1.253  1.00 57.59  ? 47  ARG A CG  1 
ATOM   351 C CD  . ARG A 1 50  ? 8.496   2.503   -2.317  1.00 56.24  ? 47  ARG A CD  1 
ATOM   352 N NE  . ARG A 1 50  ? 9.523   1.971   -3.205  1.00 55.62  ? 47  ARG A NE  1 
ATOM   353 C CZ  . ARG A 1 50  ? 9.881   2.545   -4.344  1.00 56.02  ? 47  ARG A CZ  1 
ATOM   354 N NH1 . ARG A 1 50  ? 9.291   3.674   -4.728  1.00 55.87  ? 47  ARG A NH1 1 
ATOM   355 N NH2 . ARG A 1 50  ? 10.814  1.984   -5.097  1.00 56.07  ? 47  ARG A NH2 1 
ATOM   356 N N   . LYS A 1 51  ? 6.654   -1.356  0.635   1.00 58.55  ? 48  LYS A N   1 
ATOM   357 C CA  . LYS A 1 51  ? 6.060   -2.637  0.269   1.00 57.93  ? 48  LYS A CA  1 
ATOM   358 C C   . LYS A 1 51  ? 5.549   -3.222  1.567   1.00 57.39  ? 48  LYS A C   1 
ATOM   359 O O   . LYS A 1 51  ? 6.316   -3.367  2.520   1.00 57.56  ? 48  LYS A O   1 
ATOM   360 C CB  . LYS A 1 51  ? 7.093   -3.592  -0.344  1.00 56.16  ? 48  LYS A CB  1 
ATOM   361 C CG  . LYS A 1 51  ? 7.725   -3.079  -1.608  1.00 58.07  ? 48  LYS A CG  1 
ATOM   362 C CD  . LYS A 1 51  ? 8.568   -4.136  -2.295  1.00 61.31  ? 48  LYS A CD  1 
ATOM   363 C CE  . LYS A 1 51  ? 9.690   -4.643  -1.403  1.00 65.01  ? 48  LYS A CE  1 
ATOM   364 N NZ  . LYS A 1 51  ? 10.627  -5.553  -2.141  1.00 68.51  ? 48  LYS A NZ  1 
ATOM   365 N N   . TYR A 1 52  ? 4.261   -3.532  1.622   1.00 56.87  ? 49  TYR A N   1 
ATOM   366 C CA  . TYR A 1 52  ? 3.704   -4.117  2.827   1.00 56.87  ? 49  TYR A CA  1 
ATOM   367 C C   . TYR A 1 52  ? 3.028   -5.432  2.521   1.00 57.56  ? 49  TYR A C   1 
ATOM   368 O O   . TYR A 1 52  ? 2.593   -5.669  1.399   1.00 58.15  ? 49  TYR A O   1 
ATOM   369 C CB  . TYR A 1 52  ? 2.694   -3.168  3.488   1.00 55.73  ? 49  TYR A CB  1 
ATOM   370 C CG  . TYR A 1 52  ? 3.308   -1.858  3.885   1.00 54.76  ? 49  TYR A CG  1 
ATOM   371 C CD1 . TYR A 1 52  ? 3.541   -0.873  2.940   1.00 56.32  ? 49  TYR A CD1 1 
ATOM   372 C CD2 . TYR A 1 52  ? 3.736   -1.633  5.189   1.00 54.83  ? 49  TYR A CD2 1 
ATOM   373 C CE1 . TYR A 1 52  ? 4.195   0.309   3.276   1.00 57.83  ? 49  TYR A CE1 1 
ATOM   374 C CE2 . TYR A 1 52  ? 4.400   -0.454  5.539   1.00 55.53  ? 49  TYR A CE2 1 
ATOM   375 C CZ  . TYR A 1 52  ? 4.631   0.511   4.575   1.00 56.94  ? 49  TYR A CZ  1 
ATOM   376 O OH  . TYR A 1 52  ? 5.342   1.655   4.879   1.00 57.87  ? 49  TYR A OH  1 
ATOM   377 N N   . LEU A 1 53  ? 2.975   -6.293  3.530   1.00 58.68  ? 50  LEU A N   1 
ATOM   378 C CA  . LEU A 1 53  ? 2.305   -7.584  3.443   1.00 58.90  ? 50  LEU A CA  1 
ATOM   379 C C   . LEU A 1 53  ? 1.226   -7.455  4.500   1.00 58.58  ? 50  LEU A C   1 
ATOM   380 O O   . LEU A 1 53  ? 1.436   -7.771  5.675   1.00 56.71  ? 50  LEU A O   1 
ATOM   381 C CB  . LEU A 1 53  ? 3.262   -8.713  3.791   1.00 60.99  ? 50  LEU A CB  1 
ATOM   382 C CG  . LEU A 1 53  ? 3.999   -9.214  2.555   1.00 63.05  ? 50  LEU A CG  1 
ATOM   383 C CD1 . LEU A 1 53  ? 5.477   -9.271  2.826   1.00 63.81  ? 50  LEU A CD1 1 
ATOM   384 C CD2 . LEU A 1 53  ? 3.460   -10.575 2.170   1.00 65.67  ? 50  LEU A CD2 1 
ATOM   385 N N   . VAL A 1 54  ? 0.074   -6.952  4.077   1.00 58.91  ? 51  VAL A N   1 
ATOM   386 C CA  . VAL A 1 54  ? -1.011  -6.733  5.007   1.00 60.02  ? 51  VAL A CA  1 
ATOM   387 C C   . VAL A 1 54  ? -1.940  -7.917  5.168   1.00 61.39  ? 51  VAL A C   1 
ATOM   388 O O   . VAL A 1 54  ? -2.284  -8.610  4.208   1.00 62.40  ? 51  VAL A O   1 
ATOM   389 C CB  . VAL A 1 54  ? -1.833  -5.456  4.637   1.00 58.71  ? 51  VAL A CB  1 
ATOM   390 C CG1 . VAL A 1 54  ? -1.266  -4.819  3.386   1.00 58.28  ? 51  VAL A CG1 1 
ATOM   391 C CG2 . VAL A 1 54  ? -3.304  -5.788  4.458   1.00 58.53  ? 51  VAL A CG2 1 
ATOM   392 N N   . PRO A 1 55  ? -2.332  -8.179  6.417   1.00 61.73  ? 52  PRO A N   1 
ATOM   393 C CA  . PRO A 1 55  ? -3.228  -9.265  6.791   1.00 61.30  ? 52  PRO A CA  1 
ATOM   394 C C   . PRO A 1 55  ? -4.559  -9.161  6.064   1.00 61.26  ? 52  PRO A C   1 
ATOM   395 O O   . PRO A 1 55  ? -5.131  -8.085  5.928   1.00 60.29  ? 52  PRO A O   1 
ATOM   396 C CB  . PRO A 1 55  ? -3.368  -9.071  8.292   1.00 62.18  ? 52  PRO A CB  1 
ATOM   397 C CG  . PRO A 1 55  ? -1.991  -8.588  8.673   1.00 61.80  ? 52  PRO A CG  1 
ATOM   398 C CD  . PRO A 1 55  ? -1.730  -7.558  7.612   1.00 61.46  ? 52  PRO A CD  1 
ATOM   399 N N   . ALA A 1 56  ? -5.037  -10.303 5.600   1.00 63.02  ? 53  ALA A N   1 
ATOM   400 C CA  . ALA A 1 56  ? -6.307  -10.403 4.891   1.00 65.27  ? 53  ALA A CA  1 
ATOM   401 C C   . ALA A 1 56  ? -7.440  -9.592  5.542   1.00 66.10  ? 53  ALA A C   1 
ATOM   402 O O   . ALA A 1 56  ? -8.052  -8.726  4.904   1.00 66.72  ? 53  ALA A O   1 
ATOM   403 C CB  . ALA A 1 56  ? -6.718  -11.879 4.802   1.00 65.67  ? 53  ALA A CB  1 
ATOM   404 N N   . ASP A 1 57  ? -7.702  -9.896  6.813   1.00 65.61  ? 54  ASP A N   1 
ATOM   405 C CA  . ASP A 1 57  ? -8.756  -9.270  7.614   1.00 64.36  ? 54  ASP A CA  1 
ATOM   406 C C   . ASP A 1 57  ? -8.575  -7.791  7.961   1.00 61.29  ? 54  ASP A C   1 
ATOM   407 O O   . ASP A 1 57  ? -9.438  -7.197  8.597   1.00 60.15  ? 54  ASP A O   1 
ATOM   408 C CB  . ASP A 1 57  ? -8.901  -10.042 8.921   1.00 68.93  ? 54  ASP A CB  1 
ATOM   409 C CG  . ASP A 1 57  ? -7.622  -10.022 9.742   1.00 72.55  ? 54  ASP A CG  1 
ATOM   410 O OD1 . ASP A 1 57  ? -7.578  -10.642 10.830  1.00 76.13  ? 54  ASP A OD1 1 
ATOM   411 O OD2 . ASP A 1 57  ? -6.653  -9.373  9.291   1.00 74.54  ? 54  ASP A OD2 1 
ATOM   412 N N   . LEU A 1 58  ? -7.459  -7.199  7.554   1.00 58.58  ? 55  LEU A N   1 
ATOM   413 C CA  . LEU A 1 58  ? -7.168  -5.799  7.863   1.00 55.14  ? 55  LEU A CA  1 
ATOM   414 C C   . LEU A 1 58  ? -7.994  -4.772  7.081   1.00 52.77  ? 55  LEU A C   1 
ATOM   415 O O   . LEU A 1 58  ? -8.128  -4.870  5.866   1.00 54.10  ? 55  LEU A O   1 
ATOM   416 C CB  . LEU A 1 58  ? -5.686  -5.532  7.617   1.00 54.92  ? 55  LEU A CB  1 
ATOM   417 C CG  . LEU A 1 58  ? -5.138  -4.322  8.359   1.00 54.39  ? 55  LEU A CG  1 
ATOM   418 C CD1 . LEU A 1 58  ? -4.959  -4.704  9.820   1.00 52.10  ? 55  LEU A CD1 1 
ATOM   419 C CD2 . LEU A 1 58  ? -3.818  -3.886  7.737   1.00 54.40  ? 55  LEU A CD2 1 
ATOM   420 N N   . THR A 1 59  ? -8.530  -3.773  7.773   1.00 49.83  ? 56  THR A N   1 
ATOM   421 C CA  . THR A 1 59  ? -9.324  -2.753  7.096   1.00 48.70  ? 56  THR A CA  1 
ATOM   422 C C   . THR A 1 59  ? -8.448  -1.623  6.580   1.00 47.34  ? 56  THR A C   1 
ATOM   423 O O   . THR A 1 59  ? -7.273  -1.521  6.916   1.00 48.04  ? 56  THR A O   1 
ATOM   424 C CB  . THR A 1 59  ? -10.383 -2.090  8.024   1.00 49.04  ? 56  THR A CB  1 
ATOM   425 O OG1 . THR A 1 59  ? -9.731  -1.198  8.938   1.00 49.45  ? 56  THR A OG1 1 
ATOM   426 C CG2 . THR A 1 59  ? -11.164 -3.137  8.801   1.00 48.53  ? 56  THR A CG2 1 
ATOM   427 N N   . VAL A 1 60  ? -9.041  -0.770  5.762   1.00 45.39  ? 57  VAL A N   1 
ATOM   428 C CA  . VAL A 1 60  ? -8.336  0.365   5.221   1.00 44.33  ? 57  VAL A CA  1 
ATOM   429 C C   . VAL A 1 60  ? -7.856  1.197   6.394   1.00 45.72  ? 57  VAL A C   1 
ATOM   430 O O   . VAL A 1 60  ? -6.659  1.351   6.613   1.00 46.84  ? 57  VAL A O   1 
ATOM   431 C CB  . VAL A 1 60  ? -9.260  1.237   4.383   1.00 43.47  ? 57  VAL A CB  1 
ATOM   432 C CG1 . VAL A 1 60  ? -8.521  2.472   3.924   1.00 42.37  ? 57  VAL A CG1 1 
ATOM   433 C CG2 . VAL A 1 60  ? -9.779  0.454   3.208   1.00 43.50  ? 57  VAL A CG2 1 
ATOM   434 N N   . GLY A 1 61  ? -8.814  1.724   7.151   1.00 46.33  ? 58  GLY A N   1 
ATOM   435 C CA  . GLY A 1 61  ? -8.493  2.552   8.299   1.00 45.46  ? 58  GLY A CA  1 
ATOM   436 C C   . GLY A 1 61  ? -7.354  1.996   9.126   1.00 45.44  ? 58  GLY A C   1 
ATOM   437 O O   . GLY A 1 61  ? -6.394  2.691   9.460   1.00 45.22  ? 58  GLY A O   1 
ATOM   438 N N   . GLN A 1 62  ? -7.449  0.725   9.468   1.00 45.23  ? 59  GLN A N   1 
ATOM   439 C CA  . GLN A 1 62  ? -6.395  0.132   10.251  1.00 46.09  ? 59  GLN A CA  1 
ATOM   440 C C   . GLN A 1 62  ? -5.068  0.261   9.528   1.00 46.16  ? 59  GLN A C   1 
ATOM   441 O O   . GLN A 1 62  ? -4.051  0.579   10.150  1.00 47.04  ? 59  GLN A O   1 
ATOM   442 C CB  . GLN A 1 62  ? -6.720  -1.318  10.528  1.00 46.72  ? 59  GLN A CB  1 
ATOM   443 C CG  . GLN A 1 62  ? -7.881  -1.438  11.456  1.00 48.22  ? 59  GLN A CG  1 
ATOM   444 C CD  . GLN A 1 62  ? -8.279  -2.861  11.650  1.00 50.73  ? 59  GLN A CD  1 
ATOM   445 O OE1 . GLN A 1 62  ? -8.808  -3.497  10.739  1.00 53.02  ? 59  GLN A OE1 1 
ATOM   446 N NE2 . GLN A 1 62  ? -8.018  -3.389  12.838  1.00 51.50  ? 59  GLN A NE2 1 
ATOM   447 N N   . PHE A 1 63  ? -5.076  0.025   8.217   1.00 45.13  ? 60  PHE A N   1 
ATOM   448 C CA  . PHE A 1 63  ? -3.856  0.137   7.426   1.00 45.48  ? 60  PHE A CA  1 
ATOM   449 C C   . PHE A 1 63  ? -3.358  1.576   7.478   1.00 46.88  ? 60  PHE A C   1 
ATOM   450 O O   . PHE A 1 63  ? -2.148  1.831   7.514   1.00 47.14  ? 60  PHE A O   1 
ATOM   451 C CB  . PHE A 1 63  ? -4.114  -0.249  5.978   1.00 44.52  ? 60  PHE A CB  1 
ATOM   452 C CG  . PHE A 1 63  ? -2.895  -0.174  5.105   1.00 43.53  ? 60  PHE A CG  1 
ATOM   453 C CD1 . PHE A 1 63  ? -1.888  -1.119  5.212   1.00 43.03  ? 60  PHE A CD1 1 
ATOM   454 C CD2 . PHE A 1 63  ? -2.759  0.839   4.162   1.00 43.94  ? 60  PHE A CD2 1 
ATOM   455 C CE1 . PHE A 1 63  ? -0.766  -1.053  4.390   1.00 42.53  ? 60  PHE A CE1 1 
ATOM   456 C CE2 . PHE A 1 63  ? -1.638  0.912   3.333   1.00 40.66  ? 60  PHE A CE2 1 
ATOM   457 C CZ  . PHE A 1 63  ? -0.648  -0.029  3.447   1.00 41.43  ? 60  PHE A CZ  1 
ATOM   458 N N   . VAL A 1 64  ? -4.292  2.521   7.464   1.00 46.76  ? 61  VAL A N   1 
ATOM   459 C CA  . VAL A 1 64  ? -3.909  3.914   7.559   1.00 48.35  ? 61  VAL A CA  1 
ATOM   460 C C   . VAL A 1 64  ? -3.173  4.030   8.882   1.00 49.52  ? 61  VAL A C   1 
ATOM   461 O O   . VAL A 1 64  ? -2.037  4.514   8.933   1.00 51.71  ? 61  VAL A O   1 
ATOM   462 C CB  . VAL A 1 64  ? -5.122  4.832   7.572   1.00 48.73  ? 61  VAL A CB  1 
ATOM   463 C CG1 . VAL A 1 64  ? -4.697  6.276   7.843   1.00 49.87  ? 61  VAL A CG1 1 
ATOM   464 C CG2 . VAL A 1 64  ? -5.808  4.739   6.240   1.00 51.65  ? 61  VAL A CG2 1 
ATOM   465 N N   . TYR A 1 65  ? -3.816  3.560   9.948   1.00 48.84  ? 62  TYR A N   1 
ATOM   466 C CA  . TYR A 1 65  ? -3.200  3.589   11.266  1.00 47.35  ? 62  TYR A CA  1 
ATOM   467 C C   . TYR A 1 65  ? -1.735  3.159   11.169  1.00 47.83  ? 62  TYR A C   1 
ATOM   468 O O   . TYR A 1 65  ? -0.846  3.767   11.772  1.00 48.95  ? 62  TYR A O   1 
ATOM   469 C CB  . TYR A 1 65  ? -3.900  2.633   12.218  1.00 44.99  ? 62  TYR A CB  1 
ATOM   470 C CG  . TYR A 1 65  ? -3.245  2.644   13.574  1.00 45.27  ? 62  TYR A CG  1 
ATOM   471 C CD1 . TYR A 1 65  ? -3.714  3.487   14.578  1.00 45.76  ? 62  TYR A CD1 1 
ATOM   472 C CD2 . TYR A 1 65  ? -2.114  1.869   13.835  1.00 43.94  ? 62  TYR A CD2 1 
ATOM   473 C CE1 . TYR A 1 65  ? -3.080  3.564   15.805  1.00 45.52  ? 62  TYR A CE1 1 
ATOM   474 C CE2 . TYR A 1 65  ? -1.467  1.942   15.055  1.00 44.82  ? 62  TYR A CE2 1 
ATOM   475 C CZ  . TYR A 1 65  ? -1.959  2.792   16.039  1.00 46.84  ? 62  TYR A CZ  1 
ATOM   476 O OH  . TYR A 1 65  ? -1.337  2.873   17.268  1.00 51.65  ? 62  TYR A OH  1 
ATOM   477 N N   . VAL A 1 66  ? -1.487  2.098   10.410  1.00 46.48  ? 63  VAL A N   1 
ATOM   478 C CA  . VAL A 1 66  ? -0.136  1.607   10.270  1.00 44.27  ? 63  VAL A CA  1 
ATOM   479 C C   . VAL A 1 66  ? 0.744   2.609   9.571   1.00 45.00  ? 63  VAL A C   1 
ATOM   480 O O   . VAL A 1 66  ? 1.856   2.852   10.006  1.00 46.17  ? 63  VAL A O   1 
ATOM   481 C CB  . VAL A 1 66  ? -0.084  0.296   9.506   1.00 42.63  ? 63  VAL A CB  1 
ATOM   482 C CG1 . VAL A 1 66  ? 1.364   -0.095  9.287   1.00 40.75  ? 63  VAL A CG1 1 
ATOM   483 C CG2 . VAL A 1 66  ? -0.823  -0.794  10.289  1.00 40.84  ? 63  VAL A CG2 1 
ATOM   484 N N   . ILE A 1 67  ? 0.265   3.199   8.488   1.00 46.13  ? 64  ILE A N   1 
ATOM   485 C CA  . ILE A 1 67  ? 1.091   4.177   7.796   1.00 47.92  ? 64  ILE A CA  1 
ATOM   486 C C   . ILE A 1 67  ? 1.434   5.343   8.704   1.00 47.61  ? 64  ILE A C   1 
ATOM   487 O O   . ILE A 1 67  ? 2.584   5.756   8.772   1.00 48.67  ? 64  ILE A O   1 
ATOM   488 C CB  . ILE A 1 67  ? 0.406   4.725   6.563   1.00 49.83  ? 64  ILE A CB  1 
ATOM   489 C CG1 . ILE A 1 67  ? 0.125   3.593   5.587   1.00 52.70  ? 64  ILE A CG1 1 
ATOM   490 C CG2 . ILE A 1 67  ? 1.303   5.740   5.892   1.00 52.11  ? 64  ILE A CG2 1 
ATOM   491 C CD1 . ILE A 1 67  ? -0.549  4.070   4.328   1.00 55.82  ? 64  ILE A CD1 1 
ATOM   492 N N   . ARG A 1 68  ? 0.435   5.883   9.390   1.00 47.49  ? 65  ARG A N   1 
ATOM   493 C CA  . ARG A 1 68  ? 0.672   6.986   10.302  1.00 49.06  ? 65  ARG A CA  1 
ATOM   494 C C   . ARG A 1 68  ? 1.810   6.643   11.232  1.00 50.01  ? 65  ARG A C   1 
ATOM   495 O O   . ARG A 1 68  ? 2.726   7.434   11.413  1.00 50.67  ? 65  ARG A O   1 
ATOM   496 C CB  . ARG A 1 68  ? -0.558  7.268   11.143  1.00 50.47  ? 65  ARG A CB  1 
ATOM   497 C CG  . ARG A 1 68  ? -1.563  8.120   10.453  1.00 51.60  ? 65  ARG A CG  1 
ATOM   498 C CD  . ARG A 1 68  ? -2.754  8.358   11.343  1.00 52.99  ? 65  ARG A CD  1 
ATOM   499 N NE  . ARG A 1 68  ? -3.474  9.543   10.904  1.00 53.14  ? 65  ARG A NE  1 
ATOM   500 C CZ  . ARG A 1 68  ? -3.053  10.783  11.126  1.00 52.25  ? 65  ARG A CZ  1 
ATOM   501 N NH1 . ARG A 1 68  ? -1.917  10.982  11.788  1.00 51.43  ? 65  ARG A NH1 1 
ATOM   502 N NH2 . ARG A 1 68  ? -3.756  11.816  10.674  1.00 49.95  ? 65  ARG A NH2 1 
ATOM   503 N N   . LYS A 1 69  ? 1.743   5.460   11.833  1.00 50.98  ? 66  LYS A N   1 
ATOM   504 C CA  . LYS A 1 69  ? 2.783   5.021   12.753  1.00 51.78  ? 66  LYS A CA  1 
ATOM   505 C C   . LYS A 1 69  ? 4.142   5.009   12.065  1.00 52.38  ? 66  LYS A C   1 
ATOM   506 O O   . LYS A 1 69  ? 5.143   5.392   12.655  1.00 51.96  ? 66  LYS A O   1 
ATOM   507 C CB  . LYS A 1 69  ? 2.475   3.619   13.305  1.00 51.60  ? 66  LYS A CB  1 
ATOM   508 C CG  . LYS A 1 69  ? 3.547   3.111   14.246  1.00 52.90  ? 66  LYS A CG  1 
ATOM   509 C CD  . LYS A 1 69  ? 3.257   1.734   14.823  1.00 56.85  ? 66  LYS A CD  1 
ATOM   510 C CE  . LYS A 1 69  ? 4.290   1.411   15.926  1.00 60.74  ? 66  LYS A CE  1 
ATOM   511 N NZ  . LYS A 1 69  ? 3.960   0.227   16.802  1.00 64.14  ? 66  LYS A NZ  1 
ATOM   512 N N   . ARG A 1 70  ? 4.168   4.587   10.806  1.00 54.53  ? 67  ARG A N   1 
ATOM   513 C CA  . ARG A 1 70  ? 5.413   4.504   10.057  1.00 56.36  ? 67  ARG A CA  1 
ATOM   514 C C   . ARG A 1 70  ? 6.091   5.837   9.794   1.00 57.51  ? 67  ARG A C   1 
ATOM   515 O O   . ARG A 1 70  ? 7.313   5.914   9.819   1.00 59.12  ? 67  ARG A O   1 
ATOM   516 C CB  . ARG A 1 70  ? 5.198   3.790   8.728   1.00 58.49  ? 67  ARG A CB  1 
ATOM   517 C CG  . ARG A 1 70  ? 6.433   3.051   8.272   1.00 62.07  ? 67  ARG A CG  1 
ATOM   518 C CD  . ARG A 1 70  ? 6.719   1.938   9.258   1.00 67.55  ? 67  ARG A CD  1 
ATOM   519 N NE  . ARG A 1 70  ? 8.125   1.550   9.301   1.00 73.37  ? 67  ARG A NE  1 
ATOM   520 C CZ  . ARG A 1 70  ? 8.793   1.025   8.280   1.00 75.58  ? 67  ARG A CZ  1 
ATOM   521 N NH1 . ARG A 1 70  ? 8.181   0.824   7.120   1.00 77.98  ? 67  ARG A NH1 1 
ATOM   522 N NH2 . ARG A 1 70  ? 10.073  0.695   8.421   1.00 76.61  ? 67  ARG A NH2 1 
ATOM   523 N N   . ILE A 1 71  ? 5.325   6.883   9.510   1.00 58.17  ? 68  ILE A N   1 
ATOM   524 C CA  . ILE A 1 71  ? 5.937   8.187   9.279   1.00 59.16  ? 68  ILE A CA  1 
ATOM   525 C C   . ILE A 1 71  ? 5.941   9.036   10.547  1.00 59.50  ? 68  ILE A C   1 
ATOM   526 O O   . ILE A 1 71  ? 6.474   10.140  10.556  1.00 59.70  ? 68  ILE A O   1 
ATOM   527 C CB  . ILE A 1 71  ? 5.224   8.982   8.149   1.00 59.36  ? 68  ILE A CB  1 
ATOM   528 C CG1 . ILE A 1 71  ? 3.712   8.947   8.320   1.00 60.57  ? 68  ILE A CG1 1 
ATOM   529 C CG2 . ILE A 1 71  ? 5.560   8.393   6.811   1.00 62.01  ? 68  ILE A CG2 1 
ATOM   530 C CD1 . ILE A 1 71  ? 2.967   9.563   7.140   1.00 61.08  ? 68  ILE A CD1 1 
ATOM   531 N N   . MET A 1 72  ? 5.370   8.505   11.623  1.00 59.99  ? 69  MET A N   1 
ATOM   532 C CA  . MET A 1 72  ? 5.289   9.241   12.877  1.00 60.53  ? 69  MET A CA  1 
ATOM   533 C C   . MET A 1 72  ? 4.523   10.520  12.597  1.00 60.95  ? 69  MET A C   1 
ATOM   534 O O   . MET A 1 72  ? 4.907   11.609  13.028  1.00 62.34  ? 69  MET A O   1 
ATOM   535 C CB  . MET A 1 72  ? 6.680   9.572   13.403  1.00 61.46  ? 69  MET A CB  1 
ATOM   536 C CG  . MET A 1 72  ? 7.524   8.348   13.578  1.00 64.39  ? 69  MET A CG  1 
ATOM   537 S SD  . MET A 1 72  ? 9.221   8.672   14.028  1.00 66.28  ? 69  MET A SD  1 
ATOM   538 C CE  . MET A 1 72  ? 9.834   6.913   14.301  1.00 65.75  ? 69  MET A CE  1 
ATOM   539 N N   . LEU A 1 73  ? 3.431   10.376  11.858  1.00 60.56  ? 70  LEU A N   1 
ATOM   540 C CA  . LEU A 1 73  ? 2.593   11.507  11.506  1.00 60.39  ? 70  LEU A CA  1 
ATOM   541 C C   . LEU A 1 73  ? 1.567   11.825  12.612  1.00 59.98  ? 70  LEU A C   1 
ATOM   542 O O   . LEU A 1 73  ? 0.660   11.034  12.890  1.00 60.00  ? 70  LEU A O   1 
ATOM   543 C CB  . LEU A 1 73  ? 1.881   11.213  10.183  1.00 59.79  ? 70  LEU A CB  1 
ATOM   544 C CG  . LEU A 1 73  ? 0.950   12.299  9.649   1.00 58.88  ? 70  LEU A CG  1 
ATOM   545 C CD1 . LEU A 1 73  ? 1.762   13.479  9.216   1.00 58.47  ? 70  LEU A CD1 1 
ATOM   546 C CD2 . LEU A 1 73  ? 0.152   11.760  8.487   1.00 59.96  ? 70  LEU A CD2 1 
ATOM   547 N N   . PRO A 1 74  ? 1.711   12.991  13.259  1.00 59.29  ? 71  PRO A N   1 
ATOM   548 C CA  . PRO A 1 74  ? 0.840   13.476  14.335  1.00 58.74  ? 71  PRO A CA  1 
ATOM   549 C C   . PRO A 1 74  ? -0.651  13.493  13.999  1.00 57.83  ? 71  PRO A C   1 
ATOM   550 O O   . PRO A 1 74  ? -1.044  13.811  12.879  1.00 56.98  ? 71  PRO A O   1 
ATOM   551 C CB  . PRO A 1 74  ? 1.383   14.871  14.600  1.00 58.59  ? 71  PRO A CB  1 
ATOM   552 C CG  . PRO A 1 74  ? 2.842   14.669  14.397  1.00 58.91  ? 71  PRO A CG  1 
ATOM   553 C CD  . PRO A 1 74  ? 2.890   13.862  13.121  1.00 58.78  ? 71  PRO A CD  1 
ATOM   554 N N   . PRO A 1 75  ? -1.500  13.174  14.987  1.00 57.25  ? 72  PRO A N   1 
ATOM   555 C CA  . PRO A 1 75  ? -2.951  13.140  14.814  1.00 56.75  ? 72  PRO A CA  1 
ATOM   556 C C   . PRO A 1 75  ? -3.560  14.409  14.265  1.00 57.87  ? 72  PRO A C   1 
ATOM   557 O O   . PRO A 1 75  ? -4.662  14.367  13.722  1.00 59.35  ? 72  PRO A O   1 
ATOM   558 C CB  . PRO A 1 75  ? -3.462  12.823  16.210  1.00 55.03  ? 72  PRO A CB  1 
ATOM   559 C CG  . PRO A 1 75  ? -2.440  13.450  17.072  1.00 56.59  ? 72  PRO A CG  1 
ATOM   560 C CD  . PRO A 1 75  ? -1.157  13.017  16.409  1.00 56.37  ? 72  PRO A CD  1 
ATOM   561 N N   . GLU A 1 76  ? -2.870  15.539  14.402  1.00 58.32  ? 73  GLU A N   1 
ATOM   562 C CA  . GLU A 1 76  ? -3.429  16.781  13.876  1.00 59.61  ? 73  GLU A CA  1 
ATOM   563 C C   . GLU A 1 76  ? -3.318  16.760  12.359  1.00 58.72  ? 73  GLU A C   1 
ATOM   564 O O   . GLU A 1 76  ? -4.280  17.081  11.661  1.00 59.19  ? 73  GLU A O   1 
ATOM   565 C CB  . GLU A 1 76  ? -2.705  18.003  14.430  1.00 61.60  ? 73  GLU A CB  1 
ATOM   566 C CG  . GLU A 1 76  ? -2.496  17.964  15.920  1.00 68.04  ? 73  GLU A CG  1 
ATOM   567 C CD  . GLU A 1 76  ? -1.108  17.460  16.287  1.00 72.72  ? 73  GLU A CD  1 
ATOM   568 O OE1 . GLU A 1 76  ? -0.124  18.028  15.749  1.00 75.98  ? 73  GLU A OE1 1 
ATOM   569 O OE2 . GLU A 1 76  ? -0.996  16.515  17.109  1.00 73.34  ? 73  GLU A OE2 1 
ATOM   570 N N   . LYS A 1 77  ? -2.148  16.374  11.850  1.00 56.90  ? 74  LYS A N   1 
ATOM   571 C CA  . LYS A 1 77  ? -1.940  16.298  10.404  1.00 54.08  ? 74  LYS A CA  1 
ATOM   572 C C   . LYS A 1 77  ? -2.837  15.197  9.872   1.00 51.62  ? 74  LYS A C   1 
ATOM   573 O O   . LYS A 1 77  ? -2.995  14.161  10.501  1.00 51.39  ? 74  LYS A O   1 
ATOM   574 C CB  . LYS A 1 77  ? -0.475  15.994  10.079  1.00 52.93  ? 74  LYS A CB  1 
ATOM   575 N N   . ALA A 1 78  ? -3.427  15.431  8.711   1.00 50.14  ? 75  ALA A N   1 
ATOM   576 C CA  . ALA A 1 78  ? -4.326  14.467  8.098   1.00 50.36  ? 75  ALA A CA  1 
ATOM   577 C C   . ALA A 1 78  ? -3.631  13.711  6.976   1.00 51.61  ? 75  ALA A C   1 
ATOM   578 O O   . ALA A 1 78  ? -2.712  14.237  6.351   1.00 53.06  ? 75  ALA A O   1 
ATOM   579 C CB  . ALA A 1 78  ? -5.538  15.191  7.550   1.00 46.68  ? 75  ALA A CB  1 
ATOM   580 N N   . ILE A 1 79  ? -4.055  12.474  6.730   1.00 51.84  ? 76  ILE A N   1 
ATOM   581 C CA  . ILE A 1 79  ? -3.487  11.689  5.640   1.00 52.36  ? 76  ILE A CA  1 
ATOM   582 C C   . ILE A 1 79  ? -4.643  11.080  4.844   1.00 54.16  ? 76  ILE A C   1 
ATOM   583 O O   . ILE A 1 79  ? -5.770  10.994  5.332   1.00 54.97  ? 76  ILE A O   1 
ATOM   584 C CB  . ILE A 1 79  ? -2.568  10.567  6.145   1.00 50.57  ? 76  ILE A CB  1 
ATOM   585 C CG1 . ILE A 1 79  ? -1.816  9.955   4.966   1.00 49.81  ? 76  ILE A CG1 1 
ATOM   586 C CG2 . ILE A 1 79  ? -3.382  9.497   6.834   1.00 51.25  ? 76  ILE A CG2 1 
ATOM   587 C CD1 . ILE A 1 79  ? -0.716  9.012   5.370   1.00 50.81  ? 76  ILE A CD1 1 
ATOM   588 N N   . PHE A 1 80  ? -4.369  10.669  3.615   1.00 55.07  ? 77  PHE A N   1 
ATOM   589 C CA  . PHE A 1 80  ? -5.401  10.097  2.779   1.00 54.45  ? 77  PHE A CA  1 
ATOM   590 C C   . PHE A 1 80  ? -4.842  9.031   1.865   1.00 55.59  ? 77  PHE A C   1 
ATOM   591 O O   . PHE A 1 80  ? -3.832  9.232   1.187   1.00 57.51  ? 77  PHE A O   1 
ATOM   592 C CB  . PHE A 1 80  ? -6.055  11.193  1.944   1.00 54.69  ? 77  PHE A CB  1 
ATOM   593 C CG  . PHE A 1 80  ? -6.869  12.157  2.747   1.00 55.08  ? 77  PHE A CG  1 
ATOM   594 C CD1 . PHE A 1 80  ? -8.041  11.746  3.367   1.00 55.06  ? 77  PHE A CD1 1 
ATOM   595 C CD2 . PHE A 1 80  ? -6.460  13.475  2.900   1.00 56.20  ? 77  PHE A CD2 1 
ATOM   596 C CE1 . PHE A 1 80  ? -8.799  12.631  4.116   1.00 54.18  ? 77  PHE A CE1 1 
ATOM   597 C CE2 . PHE A 1 80  ? -7.213  14.372  3.651   1.00 55.27  ? 77  PHE A CE2 1 
ATOM   598 C CZ  . PHE A 1 80  ? -8.382  13.948  4.261   1.00 54.58  ? 77  PHE A CZ  1 
ATOM   599 N N   . ILE A 1 81  ? -5.515  7.892   1.855   1.00 55.28  ? 78  ILE A N   1 
ATOM   600 C CA  . ILE A 1 81  ? -5.131  6.771   1.017   1.00 55.31  ? 78  ILE A CA  1 
ATOM   601 C C   . ILE A 1 81  ? -5.974  6.821   -0.264  1.00 56.03  ? 78  ILE A C   1 
ATOM   602 O O   . ILE A 1 81  ? -7.163  7.115   -0.227  1.00 56.48  ? 78  ILE A O   1 
ATOM   603 C CB  . ILE A 1 81  ? -5.380  5.428   1.766   1.00 54.69  ? 78  ILE A CB  1 
ATOM   604 C CG1 . ILE A 1 81  ? -4.064  4.853   2.290   1.00 52.99  ? 78  ILE A CG1 1 
ATOM   605 C CG2 . ILE A 1 81  ? -6.084  4.441   0.855   1.00 54.07  ? 78  ILE A CG2 1 
ATOM   606 C CD1 . ILE A 1 81  ? -3.332  5.764   3.221   1.00 53.31  ? 78  ILE A CD1 1 
ATOM   607 N N   . PHE A 1 82  ? -5.358  6.551   -1.404  1.00 57.96  ? 79  PHE A N   1 
ATOM   608 C CA  . PHE A 1 82  ? -6.094  6.552   -2.657  1.00 57.88  ? 79  PHE A CA  1 
ATOM   609 C C   . PHE A 1 82  ? -5.787  5.268   -3.390  1.00 58.38  ? 79  PHE A C   1 
ATOM   610 O O   . PHE A 1 82  ? -4.704  4.708   -3.253  1.00 58.31  ? 79  PHE A O   1 
ATOM   611 C CB  . PHE A 1 82  ? -5.712  7.753   -3.523  1.00 58.94  ? 79  PHE A CB  1 
ATOM   612 C CG  . PHE A 1 82  ? -5.992  9.083   -2.870  1.00 60.94  ? 79  PHE A CG  1 
ATOM   613 C CD1 . PHE A 1 82  ? -5.124  9.601   -1.908  1.00 62.31  ? 79  PHE A CD1 1 
ATOM   614 C CD2 . PHE A 1 82  ? -7.140  9.798   -3.188  1.00 60.84  ? 79  PHE A CD2 1 
ATOM   615 C CE1 . PHE A 1 82  ? -5.395  10.815  -1.272  1.00 62.07  ? 79  PHE A CE1 1 
ATOM   616 C CE2 . PHE A 1 82  ? -7.423  11.007  -2.562  1.00 61.10  ? 79  PHE A CE2 1 
ATOM   617 C CZ  . PHE A 1 82  ? -6.547  11.518  -1.599  1.00 62.62  ? 79  PHE A CZ  1 
ATOM   618 N N   . VAL A 1 83  ? -6.758  4.786   -4.145  1.00 60.31  ? 80  VAL A N   1 
ATOM   619 C CA  . VAL A 1 83  ? -6.596  3.569   -4.911  1.00 63.45  ? 80  VAL A CA  1 
ATOM   620 C C   . VAL A 1 83  ? -7.185  3.909   -6.259  1.00 66.86  ? 80  VAL A C   1 
ATOM   621 O O   . VAL A 1 83  ? -8.331  4.338   -6.324  1.00 68.54  ? 80  VAL A O   1 
ATOM   622 C CB  . VAL A 1 83  ? -7.369  2.413   -4.267  1.00 62.64  ? 80  VAL A CB  1 
ATOM   623 C CG1 . VAL A 1 83  ? -7.189  1.156   -5.070  1.00 62.74  ? 80  VAL A CG1 1 
ATOM   624 C CG2 . VAL A 1 83  ? -6.866  2.191   -2.868  1.00 62.71  ? 80  VAL A CG2 1 
ATOM   625 N N   . ASN A 1 84  ? -6.410  3.743   -7.331  1.00 70.30  ? 81  ASN A N   1 
ATOM   626 C CA  . ASN A 1 84  ? -6.912  4.069   -8.671  1.00 72.75  ? 81  ASN A CA  1 
ATOM   627 C C   . ASN A 1 84  ? -7.384  5.521   -8.602  1.00 71.85  ? 81  ASN A C   1 
ATOM   628 O O   . ASN A 1 84  ? -8.397  5.889   -9.204  1.00 71.50  ? 81  ASN A O   1 
ATOM   629 C CB  . ASN A 1 84  ? -8.102  3.159   -9.027  1.00 77.97  ? 81  ASN A CB  1 
ATOM   630 C CG  . ASN A 1 84  ? -7.922  2.418   -10.356 1.00 82.79  ? 81  ASN A CG  1 
ATOM   631 O OD1 . ASN A 1 84  ? -8.796  1.640   -10.772 1.00 85.38  ? 81  ASN A OD1 1 
ATOM   632 N ND2 . ASN A 1 84  ? -6.792  2.654   -11.027 1.00 84.80  ? 81  ASN A ND2 1 
ATOM   633 N N   . ASP A 1 85  ? -6.658  6.326   -7.836  1.00 71.04  ? 82  ASP A N   1 
ATOM   634 C CA  . ASP A 1 85  ? -6.977  7.733   -7.672  1.00 71.88  ? 82  ASP A CA  1 
ATOM   635 C C   . ASP A 1 85  ? -8.356  7.956   -7.051  1.00 71.40  ? 82  ASP A C   1 
ATOM   636 O O   . ASP A 1 85  ? -9.020  8.953   -7.312  1.00 71.06  ? 82  ASP A O   1 
ATOM   637 C CB  . ASP A 1 85  ? -6.912  8.448   -9.017  1.00 74.76  ? 82  ASP A CB  1 
ATOM   638 C CG  . ASP A 1 85  ? -6.258  9.814   -8.918  1.00 78.65  ? 82  ASP A CG  1 
ATOM   639 O OD1 . ASP A 1 85  ? -6.582  10.557  -7.970  1.00 81.33  ? 82  ASP A OD1 1 
ATOM   640 O OD2 . ASP A 1 85  ? -5.428  10.153  -9.792  1.00 80.90  ? 82  ASP A OD2 1 
ATOM   641 N N   . THR A 1 86  ? -8.797  7.010   -6.236  1.00 70.38  ? 83  THR A N   1 
ATOM   642 C CA  . THR A 1 86  ? -10.086 7.110   -5.548  1.00 68.88  ? 83  THR A CA  1 
ATOM   643 C C   . THR A 1 86  ? -9.856  6.880   -4.060  1.00 67.70  ? 83  THR A C   1 
ATOM   644 O O   . THR A 1 86  ? -8.886  6.250   -3.663  1.00 68.86  ? 83  THR A O   1 
ATOM   645 C CB  . THR A 1 86  ? -11.105 6.071   -6.061  1.00 68.98  ? 83  THR A CB  1 
ATOM   646 O OG1 . THR A 1 86  ? -11.390 6.333   -7.438  1.00 70.06  ? 83  THR A OG1 1 
ATOM   647 C CG2 . THR A 1 86  ? -12.392 6.155   -5.267  1.00 68.52  ? 83  THR A CG2 1 
ATOM   648 N N   . LEU A 1 87  ? -10.761 7.387   -3.237  1.00 64.76  ? 84  LEU A N   1 
ATOM   649 C CA  . LEU A 1 87  ? -10.636 7.273   -1.798  1.00 61.68  ? 84  LEU A CA  1 
ATOM   650 C C   . LEU A 1 87  ? -11.461 6.106   -1.249  1.00 60.24  ? 84  LEU A C   1 
ATOM   651 O O   . LEU A 1 87  ? -12.659 6.235   -1.029  1.00 60.84  ? 84  LEU A O   1 
ATOM   652 C CB  . LEU A 1 87  ? -11.082 8.595   -1.188  1.00 61.39  ? 84  LEU A CB  1 
ATOM   653 C CG  . LEU A 1 87  ? -10.413 9.027   0.108   1.00 63.58  ? 84  LEU A CG  1 
ATOM   654 C CD1 . LEU A 1 87  ? -10.856 10.446  0.426   1.00 63.01  ? 84  LEU A CD1 1 
ATOM   655 C CD2 . LEU A 1 87  ? -10.769 8.055   1.242   1.00 65.31  ? 84  LEU A CD2 1 
ATOM   656 N N   . PRO A 1 88  ? -10.827 4.945   -1.016  1.00 58.55  ? 85  PRO A N   1 
ATOM   657 C CA  . PRO A 1 88  ? -11.596 3.813   -0.495  1.00 57.39  ? 85  PRO A CA  1 
ATOM   658 C C   . PRO A 1 88  ? -12.206 4.116   0.859   1.00 57.20  ? 85  PRO A C   1 
ATOM   659 O O   . PRO A 1 88  ? -11.660 4.903   1.629   1.00 58.77  ? 85  PRO A O   1 
ATOM   660 C CB  . PRO A 1 88  ? -10.562 2.692   -0.426  1.00 56.50  ? 85  PRO A CB  1 
ATOM   661 C CG  . PRO A 1 88  ? -9.309  3.412   -0.138  1.00 56.55  ? 85  PRO A CG  1 
ATOM   662 C CD  . PRO A 1 88  ? -9.390  4.622   -1.048  1.00 58.59  ? 85  PRO A CD  1 
ATOM   663 N N   . PRO A 1 89  ? -13.358 3.503   1.166   1.00 56.06  ? 86  PRO A N   1 
ATOM   664 C CA  . PRO A 1 89  ? -13.994 3.749   2.457   1.00 55.22  ? 86  PRO A CA  1 
ATOM   665 C C   . PRO A 1 89  ? -13.163 3.109   3.549   1.00 54.34  ? 86  PRO A C   1 
ATOM   666 O O   . PRO A 1 89  ? -12.734 1.961   3.432   1.00 54.58  ? 86  PRO A O   1 
ATOM   667 C CB  . PRO A 1 89  ? -15.366 3.113   2.291   1.00 54.90  ? 86  PRO A CB  1 
ATOM   668 C CG  . PRO A 1 89  ? -15.094 1.985   1.395   1.00 55.16  ? 86  PRO A CG  1 
ATOM   669 C CD  . PRO A 1 89  ? -14.165 2.575   0.361   1.00 55.70  ? 86  PRO A CD  1 
ATOM   670 N N   . THR A 1 90  ? -12.931 3.871   4.604   1.00 53.75  ? 87  THR A N   1 
ATOM   671 C CA  . THR A 1 90  ? -12.113 3.420   5.717   1.00 53.64  ? 87  THR A CA  1 
ATOM   672 C C   . THR A 1 90  ? -12.548 2.086   6.309   1.00 52.48  ? 87  THR A C   1 
ATOM   673 O O   . THR A 1 90  ? -11.730 1.347   6.859   1.00 50.65  ? 87  THR A O   1 
ATOM   674 C CB  . THR A 1 90  ? -12.118 4.481   6.813   1.00 54.39  ? 87  THR A CB  1 
ATOM   675 O OG1 . THR A 1 90  ? -13.286 4.322   7.628   1.00 56.65  ? 87  THR A OG1 1 
ATOM   676 C CG2 . THR A 1 90  ? -12.150 5.878   6.174   1.00 53.84  ? 87  THR A CG2 1 
ATOM   677 N N   . ALA A 1 91  ? -13.834 1.777   6.181   1.00 52.78  ? 88  ALA A N   1 
ATOM   678 C CA  . ALA A 1 91  ? -14.387 0.538   6.730   1.00 52.65  ? 88  ALA A CA  1 
ATOM   679 C C   . ALA A 1 91  ? -14.080 -0.717  5.931   1.00 51.07  ? 88  ALA A C   1 
ATOM   680 O O   . ALA A 1 91  ? -14.198 -1.823  6.455   1.00 50.10  ? 88  ALA A O   1 
ATOM   681 C CB  . ALA A 1 91  ? -15.900 0.675   6.891   1.00 53.73  ? 88  ALA A CB  1 
ATOM   682 N N   . ALA A 1 92  ? -13.693 -0.538  4.669   1.00 49.97  ? 89  ALA A N   1 
ATOM   683 C CA  . ALA A 1 92  ? -13.392 -1.645  3.767   1.00 49.44  ? 89  ALA A CA  1 
ATOM   684 C C   . ALA A 1 92  ? -12.264 -2.554  4.208   1.00 50.22  ? 89  ALA A C   1 
ATOM   685 O O   . ALA A 1 92  ? -11.430 -2.184  5.021   1.00 52.47  ? 89  ALA A O   1 
ATOM   686 C CB  . ALA A 1 92  ? -13.086 -1.106  2.399   1.00 47.24  ? 89  ALA A CB  1 
ATOM   687 N N   . LEU A 1 93  ? -12.246 -3.762  3.665   1.00 51.12  ? 90  LEU A N   1 
ATOM   688 C CA  . LEU A 1 93  ? -11.197 -4.727  3.971   1.00 52.51  ? 90  LEU A CA  1 
ATOM   689 C C   . LEU A 1 93  ? -10.156 -4.592  2.866   1.00 53.18  ? 90  LEU A C   1 
ATOM   690 O O   . LEU A 1 93  ? -10.520 -4.468  1.701   1.00 52.37  ? 90  LEU A O   1 
ATOM   691 C CB  . LEU A 1 93  ? -11.771 -6.139  3.963   1.00 53.01  ? 90  LEU A CB  1 
ATOM   692 C CG  . LEU A 1 93  ? -12.619 -6.487  5.181   1.00 53.25  ? 90  LEU A CG  1 
ATOM   693 C CD1 . LEU A 1 93  ? -13.594 -7.610  4.875   1.00 51.04  ? 90  LEU A CD1 1 
ATOM   694 C CD2 . LEU A 1 93  ? -11.667 -6.863  6.306   1.00 54.83  ? 90  LEU A CD2 1 
ATOM   695 N N   . MET A 1 94  ? -8.869  -4.614  3.221   1.00 54.17  ? 91  MET A N   1 
ATOM   696 C CA  . MET A 1 94  ? -7.804  -4.473  2.223   1.00 53.08  ? 91  MET A CA  1 
ATOM   697 C C   . MET A 1 94  ? -7.922  -5.515  1.115   1.00 52.92  ? 91  MET A C   1 
ATOM   698 O O   . MET A 1 94  ? -7.866  -5.184  -0.077  1.00 52.69  ? 91  MET A O   1 
ATOM   699 C CB  . MET A 1 94  ? -6.416  -4.576  2.873   1.00 51.68  ? 91  MET A CB  1 
ATOM   700 C CG  . MET A 1 94  ? -5.975  -3.331  3.617   1.00 51.07  ? 91  MET A CG  1 
ATOM   701 S SD  . MET A 1 94  ? -6.067  -1.818  2.590   1.00 51.30  ? 91  MET A SD  1 
ATOM   702 C CE  . MET A 1 94  ? -4.786  -2.124  1.381   1.00 53.70  ? 91  MET A CE  1 
ATOM   703 N N   . SER A 1 95  ? -8.087  -6.771  1.509   1.00 51.29  ? 92  SER A N   1 
ATOM   704 C CA  . SER A 1 95  ? -8.208  -7.836  0.533   1.00 50.73  ? 92  SER A CA  1 
ATOM   705 C C   . SER A 1 95  ? -9.216  -7.461  -0.553  1.00 50.97  ? 92  SER A C   1 
ATOM   706 O O   . SER A 1 95  ? -8.968  -7.634  -1.753  1.00 50.41  ? 92  SER A O   1 
ATOM   707 C CB  . SER A 1 95  ? -8.621  -9.130  1.232   1.00 50.05  ? 92  SER A CB  1 
ATOM   708 O OG  . SER A 1 95  ? -9.629  -8.890  2.190   1.00 50.44  ? 92  SER A OG  1 
ATOM   709 N N   . ALA A 1 96  ? -10.352 -6.925  -0.130  1.00 51.44  ? 93  ALA A N   1 
ATOM   710 C CA  . ALA A 1 96  ? -11.388 -6.530  -1.070  1.00 51.58  ? 93  ALA A CA  1 
ATOM   711 C C   . ALA A 1 96  ? -10.881 -5.497  -2.069  1.00 52.10  ? 93  ALA A C   1 
ATOM   712 O O   . ALA A 1 96  ? -11.128 -5.631  -3.264  1.00 53.85  ? 93  ALA A O   1 
ATOM   713 C CB  . ALA A 1 96  ? -12.594 -5.985  -0.322  1.00 51.57  ? 93  ALA A CB  1 
ATOM   714 N N   . ILE A 1 97  ? -10.180 -4.472  -1.586  1.00 51.69  ? 94  ILE A N   1 
ATOM   715 C CA  . ILE A 1 97  ? -9.654  -3.431  -2.463  1.00 51.83  ? 94  ILE A CA  1 
ATOM   716 C C   . ILE A 1 97  ? -8.682  -4.060  -3.448  1.00 53.23  ? 94  ILE A C   1 
ATOM   717 O O   . ILE A 1 97  ? -8.598  -3.670  -4.620  1.00 51.98  ? 94  ILE A O   1 
ATOM   718 C CB  . ILE A 1 97  ? -8.923  -2.345  -1.660  1.00 51.56  ? 94  ILE A CB  1 
ATOM   719 C CG1 . ILE A 1 97  ? -9.936  -1.446  -0.962  1.00 52.70  ? 94  ILE A CG1 1 
ATOM   720 C CG2 . ILE A 1 97  ? -8.080  -1.486  -2.575  1.00 52.37  ? 94  ILE A CG2 1 
ATOM   721 C CD1 . ILE A 1 97  ? -10.766 -2.150  0.064   1.00 55.99  ? 94  ILE A CD1 1 
ATOM   722 N N   . TYR A 1 98  ? -7.950  -5.047  -2.950  1.00 54.99  ? 95  TYR A N   1 
ATOM   723 C CA  . TYR A 1 98  ? -6.970  -5.773  -3.742  1.00 56.72  ? 95  TYR A CA  1 
ATOM   724 C C   . TYR A 1 98  ? -7.666  -6.490  -4.877  1.00 57.19  ? 95  TYR A C   1 
ATOM   725 O O   . TYR A 1 98  ? -7.524  -6.127  -6.050  1.00 56.79  ? 95  TYR A O   1 
ATOM   726 C CB  . TYR A 1 98  ? -6.269  -6.795  -2.858  1.00 58.77  ? 95  TYR A CB  1 
ATOM   727 C CG  . TYR A 1 98  ? -5.239  -7.642  -3.560  1.00 61.39  ? 95  TYR A CG  1 
ATOM   728 C CD1 . TYR A 1 98  ? -5.442  -9.010  -3.757  1.00 61.92  ? 95  TYR A CD1 1 
ATOM   729 C CD2 . TYR A 1 98  ? -4.068  -7.074  -4.042  1.00 62.71  ? 95  TYR A CD2 1 
ATOM   730 C CE1 . TYR A 1 98  ? -4.506  -9.785  -4.421  1.00 62.96  ? 95  TYR A CE1 1 
ATOM   731 C CE2 . TYR A 1 98  ? -3.126  -7.840  -4.707  1.00 64.74  ? 95  TYR A CE2 1 
ATOM   732 C CZ  . TYR A 1 98  ? -3.351  -9.194  -4.894  1.00 64.52  ? 95  TYR A CZ  1 
ATOM   733 O OH  . TYR A 1 98  ? -2.415  -9.948  -5.565  1.00 67.96  ? 95  TYR A OH  1 
ATOM   734 N N   . GLN A 1 99  ? -8.433  -7.512  -4.518  1.00 58.33  ? 96  GLN A N   1 
ATOM   735 C CA  . GLN A 1 99  ? -9.155  -8.291  -5.512  1.00 59.94  ? 96  GLN A CA  1 
ATOM   736 C C   . GLN A 1 99  ? -9.917  -7.385  -6.490  1.00 60.07  ? 96  GLN A C   1 
ATOM   737 O O   . GLN A 1 99  ? -10.208 -7.788  -7.606  1.00 61.41  ? 96  GLN A O   1 
ATOM   738 C CB  . GLN A 1 99  ? -10.109 -9.257  -4.814  1.00 58.58  ? 96  GLN A CB  1 
ATOM   739 N N   . GLU A 1 100 ? -10.207 -6.157  -6.074  1.00 58.96  ? 97  GLU A N   1 
ATOM   740 C CA  . GLU A 1 100 ? -10.922 -5.229  -6.925  1.00 59.07  ? 97  GLU A CA  1 
ATOM   741 C C   . GLU A 1 100 ? -10.095 -4.127  -7.605  1.00 60.12  ? 97  GLU A C   1 
ATOM   742 O O   . GLU A 1 100 ? -10.579 -3.494  -8.541  1.00 61.41  ? 97  GLU A O   1 
ATOM   743 C CB  . GLU A 1 100 ? -12.062 -4.601  -6.142  1.00 59.94  ? 97  GLU A CB  1 
ATOM   744 N N   . HIS A 1 101 ? -8.866  -3.888  -7.153  1.00 59.92  ? 98  HIS A N   1 
ATOM   745 C CA  . HIS A 1 101 ? -8.052  -2.847  -7.762  1.00 58.11  ? 98  HIS A CA  1 
ATOM   746 C C   . HIS A 1 101 ? -6.574  -3.202  -7.973  1.00 57.82  ? 98  HIS A C   1 
ATOM   747 O O   . HIS A 1 101 ? -5.763  -2.340  -8.325  1.00 58.27  ? 98  HIS A O   1 
ATOM   748 C CB  . HIS A 1 101 ? -8.131  -1.570  -6.945  1.00 58.35  ? 98  HIS A CB  1 
ATOM   749 C CG  . HIS A 1 101 ? -9.486  -0.943  -6.924  1.00 60.33  ? 98  HIS A CG  1 
ATOM   750 N ND1 . HIS A 1 101 ? -9.814  0.114   -7.740  1.00 61.61  ? 98  HIS A ND1 1 
ATOM   751 C CD2 . HIS A 1 101 ? -10.568 -1.170  -6.143  1.00 61.54  ? 98  HIS A CD2 1 
ATOM   752 C CE1 . HIS A 1 101 ? -11.038 0.523   -7.456  1.00 63.34  ? 98  HIS A CE1 1 
ATOM   753 N NE2 . HIS A 1 101 ? -11.519 -0.237  -6.490  1.00 62.96  ? 98  HIS A NE2 1 
ATOM   754 N N   . LYS A 1 102 ? -6.185  -4.461  -7.813  1.00 57.35  ? 99  LYS A N   1 
ATOM   755 C CA  . LYS A 1 102 ? -4.768  -4.830  -7.999  1.00 58.44  ? 99  LYS A CA  1 
ATOM   756 C C   . LYS A 1 102 ? -4.312  -4.538  -9.390  1.00 58.27  ? 99  LYS A C   1 
ATOM   757 O O   . LYS A 1 102 ? -5.092  -4.389  -10.314 1.00 58.95  ? 99  LYS A O   1 
ATOM   758 C CB  . LYS A 1 102 ? -4.542  -6.310  -7.723  1.00 59.10  ? 99  LYS A CB  1 
ATOM   759 C CG  . LYS A 1 102 ? -5.309  -7.209  -8.626  1.00 60.93  ? 99  LYS A CG  1 
ATOM   760 C CD  . LYS A 1 102 ? -5.191  -8.629  -8.160  1.00 63.52  ? 99  LYS A CD  1 
ATOM   761 C CE  . LYS A 1 102 ? -6.142  -9.535  -8.925  1.00 64.71  ? 99  LYS A CE  1 
ATOM   762 N NZ  . LYS A 1 102 ? -5.998  -10.936 -8.431  1.00 66.26  ? 99  LYS A NZ  1 
ATOM   763 N N   . ASP A 1 103 ? -3.009  -4.476  -9.534  1.00 58.01  ? 100 ASP A N   1 
ATOM   764 C CA  . ASP A 1 103 ? -2.408  -4.171  -10.821 1.00 58.08  ? 100 ASP A CA  1 
ATOM   765 C C   . ASP A 1 103 ? -2.148  -5.465  -11.572 1.00 57.96  ? 100 ASP A C   1 
ATOM   766 O O   . ASP A 1 103 ? -2.151  -6.554  -10.970 1.00 56.56  ? 100 ASP A O   1 
ATOM   767 C CB  . ASP A 1 103 ? -1.090  -3.417  -10.608 1.00 59.31  ? 100 ASP A CB  1 
ATOM   768 C CG  . ASP A 1 103 ? -0.445  -2.997  -11.894 1.00 59.08  ? 100 ASP A CG  1 
ATOM   769 O OD1 . ASP A 1 103 ? -0.864  -1.962  -12.450 1.00 61.46  ? 100 ASP A OD1 1 
ATOM   770 O OD2 . ASP A 1 103 ? 0.470   -3.712  -12.351 1.00 57.87  ? 100 ASP A OD2 1 
ATOM   771 N N   . LYS A 1 104 ? -1.940  -5.337  -12.886 1.00 57.34  ? 101 LYS A N   1 
ATOM   772 C CA  . LYS A 1 104 ? -1.699  -6.486  -13.751 1.00 56.06  ? 101 LYS A CA  1 
ATOM   773 C C   . LYS A 1 104 ? -0.438  -7.210  -13.338 1.00 56.09  ? 101 LYS A C   1 
ATOM   774 O O   . LYS A 1 104 ? -0.242  -8.364  -13.710 1.00 56.87  ? 101 LYS A O   1 
ATOM   775 C CB  . LYS A 1 104 ? -1.587  -6.044  -15.199 1.00 53.94  ? 101 LYS A CB  1 
ATOM   776 N N   . ASP A 1 105 ? 0.409   -6.533  -12.559 1.00 56.52  ? 102 ASP A N   1 
ATOM   777 C CA  . ASP A 1 105 ? 1.675   -7.110  -12.100 1.00 55.50  ? 102 ASP A CA  1 
ATOM   778 C C   . ASP A 1 105 ? 1.487   -7.869  -10.800 1.00 53.99  ? 102 ASP A C   1 
ATOM   779 O O   . ASP A 1 105 ? 2.421   -8.473  -10.285 1.00 51.86  ? 102 ASP A O   1 
ATOM   780 C CB  . ASP A 1 105 ? 2.719   -6.013  -11.907 1.00 56.97  ? 102 ASP A CB  1 
ATOM   781 C CG  . ASP A 1 105 ? 2.465   -5.192  -10.674 1.00 57.96  ? 102 ASP A CG  1 
ATOM   782 O OD1 . ASP A 1 105 ? 1.287   -5.033  -10.302 1.00 58.66  ? 102 ASP A OD1 1 
ATOM   783 O OD2 . ASP A 1 105 ? 3.442   -4.698  -10.079 1.00 60.54  ? 102 ASP A OD2 1 
ATOM   784 N N   . GLY A 1 106 ? 0.271   -7.815  -10.266 1.00 54.31  ? 103 GLY A N   1 
ATOM   785 C CA  . GLY A 1 106 ? -0.030  -8.543  -9.050  1.00 53.69  ? 103 GLY A CA  1 
ATOM   786 C C   . GLY A 1 106 ? -0.066  -7.765  -7.756  1.00 53.33  ? 103 GLY A C   1 
ATOM   787 O O   . GLY A 1 106 ? -0.456  -8.310  -6.730  1.00 54.74  ? 103 GLY A O   1 
ATOM   788 N N   . PHE A 1 107 ? 0.332   -6.500  -7.787  1.00 52.44  ? 104 PHE A N   1 
ATOM   789 C CA  . PHE A 1 107 ? 0.339   -5.693  -6.571  1.00 50.71  ? 104 PHE A CA  1 
ATOM   790 C C   . PHE A 1 107 ? -0.813  -4.720  -6.535  1.00 49.23  ? 104 PHE A C   1 
ATOM   791 O O   . PHE A 1 107 ? -1.380  -4.376  -7.568  1.00 49.44  ? 104 PHE A O   1 
ATOM   792 C CB  . PHE A 1 107 ? 1.634   -4.868  -6.455  1.00 51.68  ? 104 PHE A CB  1 
ATOM   793 C CG  . PHE A 1 107 ? 2.874   -5.691  -6.291  1.00 52.85  ? 104 PHE A CG  1 
ATOM   794 C CD1 . PHE A 1 107 ? 3.785   -5.825  -7.336  1.00 53.63  ? 104 PHE A CD1 1 
ATOM   795 C CD2 . PHE A 1 107 ? 3.132   -6.339  -5.093  1.00 54.32  ? 104 PHE A CD2 1 
ATOM   796 C CE1 . PHE A 1 107 ? 4.941   -6.602  -7.186  1.00 53.43  ? 104 PHE A CE1 1 
ATOM   797 C CE2 . PHE A 1 107 ? 4.278   -7.114  -4.934  1.00 54.29  ? 104 PHE A CE2 1 
ATOM   798 C CZ  . PHE A 1 107 ? 5.184   -7.245  -5.980  1.00 53.55  ? 104 PHE A CZ  1 
ATOM   799 N N   . LEU A 1 108 ? -1.147  -4.279  -5.330  1.00 47.35  ? 105 LEU A N   1 
ATOM   800 C CA  . LEU A 1 108 ? -2.183  -3.285  -5.136  1.00 46.51  ? 105 LEU A CA  1 
ATOM   801 C C   . LEU A 1 108 ? -1.420  -1.986  -4.865  1.00 47.58  ? 105 LEU A C   1 
ATOM   802 O O   . LEU A 1 108 ? -0.777  -1.850  -3.828  1.00 49.65  ? 105 LEU A O   1 
ATOM   803 C CB  . LEU A 1 108 ? -3.056  -3.654  -3.936  1.00 43.66  ? 105 LEU A CB  1 
ATOM   804 C CG  . LEU A 1 108 ? -3.929  -2.535  -3.350  1.00 41.98  ? 105 LEU A CG  1 
ATOM   805 C CD1 . LEU A 1 108 ? -4.717  -1.849  -4.434  1.00 40.93  ? 105 LEU A CD1 1 
ATOM   806 C CD2 . LEU A 1 108 ? -4.857  -3.109  -2.296  1.00 41.83  ? 105 LEU A CD2 1 
ATOM   807 N N   . TYR A 1 109 ? -1.458  -1.043  -5.800  1.00 47.58  ? 106 TYR A N   1 
ATOM   808 C CA  . TYR A 1 109 ? -0.748  0.213   -5.611  1.00 47.71  ? 106 TYR A CA  1 
ATOM   809 C C   . TYR A 1 109 ? -1.591  1.234   -4.884  1.00 49.66  ? 106 TYR A C   1 
ATOM   810 O O   . TYR A 1 109 ? -2.695  1.558   -5.306  1.00 51.70  ? 106 TYR A O   1 
ATOM   811 C CB  . TYR A 1 109 ? -0.310  0.773   -6.950  1.00 47.07  ? 106 TYR A CB  1 
ATOM   812 C CG  . TYR A 1 109 ? 0.780   -0.038  -7.585  1.00 49.57  ? 106 TYR A CG  1 
ATOM   813 C CD1 . TYR A 1 109 ? 0.503   -1.240  -8.233  1.00 52.19  ? 106 TYR A CD1 1 
ATOM   814 C CD2 . TYR A 1 109 ? 2.098   0.398   -7.544  1.00 51.60  ? 106 TYR A CD2 1 
ATOM   815 C CE1 . TYR A 1 109 ? 1.527   -1.985  -8.834  1.00 54.45  ? 106 TYR A CE1 1 
ATOM   816 C CE2 . TYR A 1 109 ? 3.126   -0.328  -8.131  1.00 52.81  ? 106 TYR A CE2 1 
ATOM   817 C CZ  . TYR A 1 109 ? 2.838   -1.515  -8.777  1.00 54.11  ? 106 TYR A CZ  1 
ATOM   818 O OH  . TYR A 1 109 ? 3.859   -2.225  -9.364  1.00 53.80  ? 106 TYR A OH  1 
ATOM   819 N N   . VAL A 1 110 ? -1.056  1.763   -3.793  1.00 51.31  ? 107 VAL A N   1 
ATOM   820 C CA  . VAL A 1 110 ? -1.776  2.740   -2.985  1.00 50.87  ? 107 VAL A CA  1 
ATOM   821 C C   . VAL A 1 110 ? -0.958  3.993   -2.733  1.00 50.44  ? 107 VAL A C   1 
ATOM   822 O O   . VAL A 1 110 ? 0.209   3.899   -2.367  1.00 51.74  ? 107 VAL A O   1 
ATOM   823 C CB  . VAL A 1 110 ? -2.147  2.125   -1.618  1.00 50.66  ? 107 VAL A CB  1 
ATOM   824 C CG1 . VAL A 1 110 ? -2.395  3.220   -0.606  1.00 49.77  ? 107 VAL A CG1 1 
ATOM   825 C CG2 . VAL A 1 110 ? -3.378  1.237   -1.769  1.00 50.36  ? 107 VAL A CG2 1 
ATOM   826 N N   . THR A 1 111 ? -1.566  5.160   -2.919  1.00 49.73  ? 108 THR A N   1 
ATOM   827 C CA  . THR A 1 111 ? -0.861  6.413   -2.659  1.00 51.04  ? 108 THR A CA  1 
ATOM   828 C C   . THR A 1 111 ? -1.442  7.158   -1.464  1.00 51.97  ? 108 THR A C   1 
ATOM   829 O O   . THR A 1 111 ? -2.616  7.004   -1.129  1.00 51.40  ? 108 THR A O   1 
ATOM   830 C CB  . THR A 1 111 ? -0.907  7.381   -3.841  1.00 50.67  ? 108 THR A CB  1 
ATOM   831 O OG1 . THR A 1 111 ? -1.689  6.824   -4.902  1.00 52.38  ? 108 THR A OG1 1 
ATOM   832 C CG2 . THR A 1 111 ? 0.496   7.683   -4.307  1.00 51.24  ? 108 THR A CG2 1 
ATOM   833 N N   . TYR A 1 112 ? -0.612  7.974   -0.822  1.00 52.32  ? 109 TYR A N   1 
ATOM   834 C CA  . TYR A 1 112 ? -1.063  8.735   0.322   1.00 52.53  ? 109 TYR A CA  1 
ATOM   835 C C   . TYR A 1 112 ? -0.589  10.170  0.232   1.00 54.20  ? 109 TYR A C   1 
ATOM   836 O O   . TYR A 1 112 ? 0.478   10.465  -0.308  1.00 52.38  ? 109 TYR A O   1 
ATOM   837 C CB  . TYR A 1 112 ? -0.558  8.098   1.619   1.00 50.80  ? 109 TYR A CB  1 
ATOM   838 C CG  . TYR A 1 112 ? 0.928   8.211   1.817   1.00 49.97  ? 109 TYR A CG  1 
ATOM   839 C CD1 . TYR A 1 112 ? 1.491   9.356   2.370   1.00 50.24  ? 109 TYR A CD1 1 
ATOM   840 C CD2 . TYR A 1 112 ? 1.780   7.186   1.417   1.00 51.13  ? 109 TYR A CD2 1 
ATOM   841 C CE1 . TYR A 1 112 ? 2.874   9.488   2.520   1.00 51.08  ? 109 TYR A CE1 1 
ATOM   842 C CE2 . TYR A 1 112 ? 3.170   7.300   1.560   1.00 52.01  ? 109 TYR A CE2 1 
ATOM   843 C CZ  . TYR A 1 112 ? 3.709   8.458   2.112   1.00 52.39  ? 109 TYR A CZ  1 
ATOM   844 O OH  . TYR A 1 112 ? 5.076   8.593   2.238   1.00 53.07  ? 109 TYR A OH  1 
ATOM   845 N N   . SER A 1 113 ? -1.418  11.061  0.750   1.00 57.70  ? 110 SER A N   1 
ATOM   846 C CA  . SER A 1 113 ? -1.116  12.481  0.792   1.00 61.70  ? 110 SER A CA  1 
ATOM   847 C C   . SER A 1 113 ? -2.039  12.978  1.887   1.00 63.68  ? 110 SER A C   1 
ATOM   848 O O   . SER A 1 113 ? -2.554  12.185  2.669   1.00 62.27  ? 110 SER A O   1 
ATOM   849 C CB  . SER A 1 113 ? -1.446  13.160  -0.541  1.00 61.29  ? 110 SER A CB  1 
ATOM   850 O OG  . SER A 1 113 ? -2.840  13.355  -0.696  1.00 63.28  ? 110 SER A OG  1 
ATOM   851 N N   . GLY A 1 114 ? -2.251  14.278  1.952   1.00 67.09  ? 111 GLY A N   1 
ATOM   852 C CA  . GLY A 1 114 ? -3.136  14.799  2.972   1.00 72.28  ? 111 GLY A CA  1 
ATOM   853 C C   . GLY A 1 114 ? -3.330  16.242  2.620   1.00 76.39  ? 111 GLY A C   1 
ATOM   854 O O   . GLY A 1 114 ? -4.407  16.814  2.809   1.00 76.43  ? 111 GLY A O   1 
ATOM   855 N N   . GLU A 1 115 ? -2.253  16.819  2.094   1.00 79.99  ? 112 GLU A N   1 
ATOM   856 C CA  . GLU A 1 115 ? -2.243  18.207  1.672   1.00 82.26  ? 112 GLU A CA  1 
ATOM   857 C C   . GLU A 1 115 ? -3.061  18.345  0.372   1.00 83.67  ? 112 GLU A C   1 
ATOM   858 O O   . GLU A 1 115 ? -2.748  19.238  -0.450  1.00 84.49  ? 112 GLU A O   1 
ATOM   859 C CB  . GLU A 1 115 ? -0.803  18.652  1.457   1.00 80.91  ? 112 GLU A CB  1 
ATOM   860 N N   . SER B 2 1   ? 13.223  -5.532  2.849   1.00 96.51  ? 85  SER B N   1 
ATOM   861 C CA  . SER B 2 1   ? 12.464  -5.499  1.560   1.00 96.51  ? 85  SER B CA  1 
ATOM   862 C C   . SER B 2 1   ? 10.965  -5.338  1.838   1.00 95.51  ? 85  SER B C   1 
ATOM   863 O O   . SER B 2 1   ? 10.341  -4.316  1.473   1.00 95.42  ? 85  SER B O   1 
ATOM   864 C CB  . SER B 2 1   ? 12.737  -6.787  0.761   1.00 97.02  ? 85  SER B CB  1 
ATOM   865 O OG  . SER B 2 1   ? 12.635  -7.954  1.572   1.00 97.81  ? 85  SER B OG  1 
ATOM   866 N N   . TRP B 2 2   ? 10.389  -6.332  2.505   1.00 94.00  ? 86  TRP B N   1 
ATOM   867 C CA  . TRP B 2 2   ? 8.973   -6.256  2.825   1.00 92.71  ? 86  TRP B CA  1 
ATOM   868 C C   . TRP B 2 2   ? 8.699   -6.110  4.316   1.00 92.97  ? 86  TRP B C   1 
ATOM   869 O O   . TRP B 2 2   ? 9.375   -6.726  5.145   1.00 93.87  ? 86  TRP B O   1 
ATOM   870 C CB  . TRP B 2 2   ? 8.251   -7.486  2.311   1.00 91.12  ? 86  TRP B CB  1 
ATOM   871 C CG  . TRP B 2 2   ? 8.170   -7.538  0.845   1.00 89.82  ? 86  TRP B CG  1 
ATOM   872 C CD1 . TRP B 2 2   ? 9.148   -7.934  -0.020  1.00 89.51  ? 86  TRP B CD1 1 
ATOM   873 C CD2 . TRP B 2 2   ? 7.040   -7.195  0.051   1.00 88.78  ? 86  TRP B CD2 1 
ATOM   874 N NE1 . TRP B 2 2   ? 8.687   -7.869  -1.312  1.00 88.14  ? 86  TRP B NE1 1 
ATOM   875 C CE2 . TRP B 2 2   ? 7.391   -7.422  -1.297  1.00 88.21  ? 86  TRP B CE2 1 
ATOM   876 C CE3 . TRP B 2 2   ? 5.754   -6.728  0.348   1.00 88.13  ? 86  TRP B CE3 1 
ATOM   877 C CZ2 . TRP B 2 2   ? 6.506   -7.186  -2.347  1.00 88.19  ? 86  TRP B CZ2 1 
ATOM   878 C CZ3 . TRP B 2 2   ? 4.877   -6.495  -0.692  1.00 88.59  ? 86  TRP B CZ3 1 
ATOM   879 C CH2 . TRP B 2 2   ? 5.252   -6.729  -2.023  1.00 88.20  ? 86  TRP B CH2 1 
ATOM   880 N N   . GLN B 2 3   ? 7.694   -5.303  4.650   1.00 92.54  ? 87  GLN B N   1 
ATOM   881 C CA  . GLN B 2 3   ? 7.310   -5.068  6.039   1.00 91.31  ? 87  GLN B CA  1 
ATOM   882 C C   . GLN B 2 3   ? 5.970   -5.736  6.323   1.00 89.91  ? 87  GLN B C   1 
ATOM   883 O O   . GLN B 2 3   ? 4.950   -5.307  5.800   1.00 89.91  ? 87  GLN B O   1 
ATOM   884 C CB  . GLN B 2 3   ? 7.192   -3.568  6.294   1.00 92.29  ? 87  GLN B CB  1 
ATOM   885 C CG  . GLN B 2 3   ? 8.500   -2.865  6.645   1.00 95.30  ? 87  GLN B CG  1 
ATOM   886 C CD  . GLN B 2 3   ? 8.915   -3.091  8.093   1.00 97.64  ? 87  GLN B CD  1 
ATOM   887 O OE1 . GLN B 2 3   ? 8.081   -3.037  9.002   1.00 99.57  ? 87  GLN B OE1 1 
ATOM   888 N NE2 . GLN B 2 3   ? 10.211  -3.327  8.317   1.00 98.37  ? 87  GLN B NE2 1 
ATOM   889 N N   . ALA B 2 4   ? 5.964   -6.768  7.160   1.00 89.03  ? 88  ALA B N   1 
ATOM   890 C CA  . ALA B 2 4   ? 4.722   -7.474  7.463   1.00 88.65  ? 88  ALA B CA  1 
ATOM   891 C C   . ALA B 2 4   ? 3.960   -6.892  8.642   1.00 88.61  ? 88  ALA B C   1 
ATOM   892 O O   . ALA B 2 4   ? 4.527   -6.622  9.699   1.00 88.83  ? 88  ALA B O   1 
ATOM   893 C CB  . ALA B 2 4   ? 5.010   -8.944  7.710   1.00 88.13  ? 88  ALA B CB  1 
ATOM   894 N N   . ILE B 2 5   ? 2.660   -6.707  8.451   1.00 88.55  ? 89  ILE B N   1 
ATOM   895 C CA  . ILE B 2 5   ? 1.817   -6.157  9.495   1.00 88.40  ? 89  ILE B CA  1 
ATOM   896 C C   . ILE B 2 5   ? 1.166   -7.280  10.292  1.00 89.47  ? 89  ILE B C   1 
ATOM   897 O O   . ILE B 2 5   ? 0.697   -8.269  9.731   1.00 88.25  ? 89  ILE B O   1 
ATOM   898 C CB  . ILE B 2 5   ? 0.740   -5.238  8.889   1.00 87.44  ? 89  ILE B CB  1 
ATOM   899 C CG1 . ILE B 2 5   ? 1.426   -4.068  8.182   1.00 85.98  ? 89  ILE B CG1 1 
ATOM   900 C CG2 . ILE B 2 5   ? -0.202  -4.731  9.978   1.00 87.16  ? 89  ILE B CG2 1 
ATOM   901 C CD1 . ILE B 2 5   ? 0.491   -3.154  7.451   1.00 84.96  ? 89  ILE B CD1 1 
ATOM   902 N N   . GLN B 2 6   ? 1.149   -7.111  11.609  1.00 91.76  ? 90  GLN B N   1 
ATOM   903 C CA  . GLN B 2 6   ? 0.578   -8.091  12.534  1.00 94.12  ? 90  GLN B CA  1 
ATOM   904 C C   . GLN B 2 6   ? -0.861  -7.778  12.966  1.00 94.88  ? 90  GLN B C   1 
ATOM   905 O O   . GLN B 2 6   ? -1.013  -7.070  13.993  1.00 95.37  ? 90  GLN B O   1 
ATOM   906 C CB  . GLN B 2 6   ? 1.459   -8.185  13.775  1.00 95.01  ? 90  GLN B CB  1 
ATOM   907 C CG  . GLN B 2 6   ? 2.923   -8.327  13.450  1.00 97.18  ? 90  GLN B CG  1 
ATOM   908 C CD  . GLN B 2 6   ? 3.541   -9.489  14.175  1.00 99.25  ? 90  GLN B CD  1 
ATOM   909 O OE1 . GLN B 2 6   ? 3.431   -9.598  15.397  1.00 101.10 ? 90  GLN B OE1 1 
ATOM   910 N NE2 . GLN B 2 6   ? 4.193   -10.373 13.432  1.00 99.68  ? 90  GLN B NE2 1 
ATOM   911 O OXT . GLN B 2 6   ? -1.816  -8.236  12.288  1.00 94.44  ? 90  GLN B OXT 1 
HETATM 912 S S   . SO4 C 3 .   ? 0.037   -16.237 5.915   1.00 133.86 ? 201 SO4 A S   1 
HETATM 913 O O1  . SO4 C 3 .   ? 1.096   -15.255 6.230   1.00 133.50 ? 201 SO4 A O1  1 
HETATM 914 O O2  . SO4 C 3 .   ? 0.586   -17.286 5.036   1.00 132.92 ? 201 SO4 A O2  1 
HETATM 915 O O3  . SO4 C 3 .   ? -0.453  -16.854 7.165   1.00 132.81 ? 201 SO4 A O3  1 
HETATM 916 O O4  . SO4 C 3 .   ? -1.072  -15.552 5.227   1.00 132.86 ? 201 SO4 A O4  1 
HETATM 917 S S   . SO4 D 3 .   ? 11.687  -1.045  -1.815  1.00 112.70 ? 202 SO4 A S   1 
HETATM 918 O O1  . SO4 D 3 .   ? 11.783  0.131   -2.705  1.00 111.99 ? 202 SO4 A O1  1 
HETATM 919 O O2  . SO4 D 3 .   ? 11.386  -2.239  -2.631  1.00 111.99 ? 202 SO4 A O2  1 
HETATM 920 O O3  . SO4 D 3 .   ? 12.963  -1.254  -1.117  1.00 113.10 ? 202 SO4 A O3  1 
HETATM 921 O O4  . SO4 D 3 .   ? 10.633  -0.815  -0.808  1.00 112.14 ? 202 SO4 A O4  1 
HETATM 922 O O   . HOH E 4 .   ? 8.485   -2.732  -17.567 1.00 43.76  ? 301 HOH A O   1 
HETATM 923 O O   . HOH E 4 .   ? -0.075  11.155  -7.483  1.00 45.79  ? 302 HOH A O   1 
HETATM 924 O O   . HOH E 4 .   ? 1.290   17.225  6.442   1.00 57.99  ? 303 HOH A O   1 
HETATM 925 O O   . HOH E 4 .   ? -5.220  -8.663  11.627  1.00 56.22  ? 304 HOH A O   1 
HETATM 926 O O   . HOH E 4 .   ? 11.226  -5.678  -5.767  1.00 57.08  ? 305 HOH A O   1 
# 
loop_
_pdbx_poly_seq_scheme.asym_id 
_pdbx_poly_seq_scheme.entity_id 
_pdbx_poly_seq_scheme.seq_id 
_pdbx_poly_seq_scheme.mon_id 
_pdbx_poly_seq_scheme.ndb_seq_num 
_pdbx_poly_seq_scheme.pdb_seq_num 
_pdbx_poly_seq_scheme.auth_seq_num 
_pdbx_poly_seq_scheme.pdb_mon_id 
_pdbx_poly_seq_scheme.auth_mon_id 
_pdbx_poly_seq_scheme.pdb_strand_id 
_pdbx_poly_seq_scheme.pdb_ins_code 
_pdbx_poly_seq_scheme.hetero 
A 1 1   GLY 1   -2  ?   ?   ?   A . n 
A 1 2   ALA 2   -1  ?   ?   ?   A . n 
A 1 3   HIS 3   0   ?   ?   ?   A . n 
A 1 4   MET 4   1   ?   ?   ?   A . n 
A 1 5   LYS 5   2   2   LYS LYS A . n 
A 1 6   SER 6   3   3   SER SER A . n 
A 1 7   THR 7   4   4   THR THR A . n 
A 1 8   PHE 8   5   5   PHE PHE A . n 
A 1 9   LYS 9   6   6   LYS LYS A . n 
A 1 10  SER 10  7   7   SER SER A . n 
A 1 11  GLU 11  8   8   GLU GLU A . n 
A 1 12  TYR 12  9   9   TYR TYR A . n 
A 1 13  PRO 13  10  10  PRO PRO A . n 
A 1 14  PHE 14  11  11  PHE PHE A . n 
A 1 15  GLU 15  12  12  GLU GLU A . n 
A 1 16  LYS 16  13  13  LYS LYS A . n 
A 1 17  ARG 17  14  14  ARG ARG A . n 
A 1 18  LYS 18  15  15  LYS LYS A . n 
A 1 19  ALA 19  16  16  ALA ALA A . n 
A 1 20  GLU 20  17  17  GLU GLU A . n 
A 1 21  SER 21  18  18  SER SER A . n 
A 1 22  GLU 22  19  19  GLU GLU A . n 
A 1 23  ARG 23  20  20  ARG ARG A . n 
A 1 24  ILE 24  21  21  ILE ILE A . n 
A 1 25  ALA 25  22  22  ALA ALA A . n 
A 1 26  ASP 26  23  23  ASP ASP A . n 
A 1 27  ARG 27  24  24  ARG ARG A . n 
A 1 28  PHE 28  25  25  PHE PHE A . n 
A 1 29  LYS 29  26  26  LYS LYS A . n 
A 1 30  ASN 30  27  27  ASN ASN A . n 
A 1 31  ARG 31  28  28  ARG ARG A . n 
A 1 32  ILE 32  29  29  ILE ILE A . n 
A 1 33  PRO 33  30  30  PRO PRO A . n 
A 1 34  VAL 34  31  31  VAL VAL A . n 
A 1 35  ILE 35  32  32  ILE ILE A . n 
A 1 36  CYS 36  33  33  CYS CYS A . n 
A 1 37  GLU 37  34  34  GLU GLU A . n 
A 1 38  LYS 38  35  35  LYS LYS A . n 
A 1 39  ALA 39  36  36  ALA ALA A . n 
A 1 40  GLU 40  37  37  GLU GLU A . n 
A 1 41  LYS 41  38  38  LYS LYS A . n 
A 1 42  SER 42  39  39  SER SER A . n 
A 1 43  ASP 43  40  40  ASP ASP A . n 
A 1 44  ILE 44  41  41  ILE ILE A . n 
A 1 45  PRO 45  42  42  PRO PRO A . n 
A 1 46  GLU 46  43  43  GLU GLU A . n 
A 1 47  ILE 47  44  44  ILE ILE A . n 
A 1 48  ASP 48  45  45  ASP ASP A . n 
A 1 49  LYS 49  46  46  LYS LYS A . n 
A 1 50  ARG 50  47  47  ARG ARG A . n 
A 1 51  LYS 51  48  48  LYS LYS A . n 
A 1 52  TYR 52  49  49  TYR TYR A . n 
A 1 53  LEU 53  50  50  LEU LEU A . n 
A 1 54  VAL 54  51  51  VAL VAL A . n 
A 1 55  PRO 55  52  52  PRO PRO A . n 
A 1 56  ALA 56  53  53  ALA ALA A . n 
A 1 57  ASP 57  54  54  ASP ASP A . n 
A 1 58  LEU 58  55  55  LEU LEU A . n 
A 1 59  THR 59  56  56  THR THR A . n 
A 1 60  VAL 60  57  57  VAL VAL A . n 
A 1 61  GLY 61  58  58  GLY GLY A . n 
A 1 62  GLN 62  59  59  GLN GLN A . n 
A 1 63  PHE 63  60  60  PHE PHE A . n 
A 1 64  VAL 64  61  61  VAL VAL A . n 
A 1 65  TYR 65  62  62  TYR TYR A . n 
A 1 66  VAL 66  63  63  VAL VAL A . n 
A 1 67  ILE 67  64  64  ILE ILE A . n 
A 1 68  ARG 68  65  65  ARG ARG A . n 
A 1 69  LYS 69  66  66  LYS LYS A . n 
A 1 70  ARG 70  67  67  ARG ARG A . n 
A 1 71  ILE 71  68  68  ILE ILE A . n 
A 1 72  MET 72  69  69  MET MET A . n 
A 1 73  LEU 73  70  70  LEU LEU A . n 
A 1 74  PRO 74  71  71  PRO PRO A . n 
A 1 75  PRO 75  72  72  PRO PRO A . n 
A 1 76  GLU 76  73  73  GLU GLU A . n 
A 1 77  LYS 77  74  74  LYS LYS A . n 
A 1 78  ALA 78  75  75  ALA ALA A . n 
A 1 79  ILE 79  76  76  ILE ILE A . n 
A 1 80  PHE 80  77  77  PHE PHE A . n 
A 1 81  ILE 81  78  78  ILE ILE A . n 
A 1 82  PHE 82  79  79  PHE PHE A . n 
A 1 83  VAL 83  80  80  VAL VAL A . n 
A 1 84  ASN 84  81  81  ASN ASN A . n 
A 1 85  ASP 85  82  82  ASP ASP A . n 
A 1 86  THR 86  83  83  THR THR A . n 
A 1 87  LEU 87  84  84  LEU LEU A . n 
A 1 88  PRO 88  85  85  PRO PRO A . n 
A 1 89  PRO 89  86  86  PRO PRO A . n 
A 1 90  THR 90  87  87  THR THR A . n 
A 1 91  ALA 91  88  88  ALA ALA A . n 
A 1 92  ALA 92  89  89  ALA ALA A . n 
A 1 93  LEU 93  90  90  LEU LEU A . n 
A 1 94  MET 94  91  91  MET MET A . n 
A 1 95  SER 95  92  92  SER SER A . n 
A 1 96  ALA 96  93  93  ALA ALA A . n 
A 1 97  ILE 97  94  94  ILE ILE A . n 
A 1 98  TYR 98  95  95  TYR TYR A . n 
A 1 99  GLN 99  96  96  GLN GLN A . n 
A 1 100 GLU 100 97  97  GLU GLU A . n 
A 1 101 HIS 101 98  98  HIS HIS A . n 
A 1 102 LYS 102 99  99  LYS LYS A . n 
A 1 103 ASP 103 100 100 ASP ASP A . n 
A 1 104 LYS 104 101 101 LYS LYS A . n 
A 1 105 ASP 105 102 102 ASP ASP A . n 
A 1 106 GLY 106 103 103 GLY GLY A . n 
A 1 107 PHE 107 104 104 PHE PHE A . n 
A 1 108 LEU 108 105 105 LEU LEU A . n 
A 1 109 TYR 109 106 106 TYR TYR A . n 
A 1 110 VAL 110 107 107 VAL VAL A . n 
A 1 111 THR 111 108 108 THR THR A . n 
A 1 112 TYR 112 109 109 TYR TYR A . n 
A 1 113 SER 113 110 110 SER SER A . n 
A 1 114 GLY 114 111 111 GLY GLY A . n 
A 1 115 GLU 115 112 112 GLU GLU A . n 
A 1 116 ASN 116 113 ?   ?   ?   A . n 
A 1 117 THR 117 114 ?   ?   ?   A . n 
A 1 118 PHE 118 115 ?   ?   ?   A . n 
A 1 119 GLY 119 116 ?   ?   ?   A . n 
B 2 1   SER 1   85  85  SER SER B . n 
B 2 2   TRP 2   86  86  TRP TRP B . n 
B 2 3   GLN 3   87  87  GLN GLN B . n 
B 2 4   ALA 4   88  88  ALA ALA B . n 
B 2 5   ILE 5   89  89  ILE ILE B . n 
B 2 6   GLN 6   90  90  GLN GLN B . n 
# 
loop_
_pdbx_nonpoly_scheme.asym_id 
_pdbx_nonpoly_scheme.entity_id 
_pdbx_nonpoly_scheme.mon_id 
_pdbx_nonpoly_scheme.ndb_seq_num 
_pdbx_nonpoly_scheme.pdb_seq_num 
_pdbx_nonpoly_scheme.auth_seq_num 
_pdbx_nonpoly_scheme.pdb_mon_id 
_pdbx_nonpoly_scheme.auth_mon_id 
_pdbx_nonpoly_scheme.pdb_strand_id 
_pdbx_nonpoly_scheme.pdb_ins_code 
C 3 SO4 1 201 1 SO4 SO4 A . 
D 3 SO4 1 202 2 SO4 SO4 A . 
E 4 HOH 1 301 1 HOH HOH A . 
E 4 HOH 2 302 2 HOH HOH A . 
E 4 HOH 3 303 3 HOH HOH A . 
E 4 HOH 4 304 4 HOH HOH A . 
E 4 HOH 5 305 5 HOH HOH A . 
# 
_pdbx_struct_assembly.id                   1 
_pdbx_struct_assembly.details              author_and_software_defined_assembly 
_pdbx_struct_assembly.method_details       PISA 
_pdbx_struct_assembly.oligomeric_details   dimeric 
_pdbx_struct_assembly.oligomeric_count     2 
# 
_pdbx_struct_assembly_gen.assembly_id       1 
_pdbx_struct_assembly_gen.oper_expression   1 
_pdbx_struct_assembly_gen.asym_id_list      A,B,C,D,E 
# 
loop_
_pdbx_struct_assembly_prop.biol_id 
_pdbx_struct_assembly_prop.type 
_pdbx_struct_assembly_prop.value 
_pdbx_struct_assembly_prop.details 
1 'ABSA (A^2)' 1310 ? 
1 MORE         -36  ? 
1 'SSA (A^2)'  6660 ? 
# 
_pdbx_struct_oper_list.id                   1 
_pdbx_struct_oper_list.type                 'identity operation' 
_pdbx_struct_oper_list.name                 1_555 
_pdbx_struct_oper_list.symmetry_operation   x,y,z 
_pdbx_struct_oper_list.matrix[1][1]         1.0000000000 
_pdbx_struct_oper_list.matrix[1][2]         0.0000000000 
_pdbx_struct_oper_list.matrix[1][3]         0.0000000000 
_pdbx_struct_oper_list.vector[1]            0.0000000000 
_pdbx_struct_oper_list.matrix[2][1]         0.0000000000 
_pdbx_struct_oper_list.matrix[2][2]         1.0000000000 
_pdbx_struct_oper_list.matrix[2][3]         0.0000000000 
_pdbx_struct_oper_list.vector[2]            0.0000000000 
_pdbx_struct_oper_list.matrix[3][1]         0.0000000000 
_pdbx_struct_oper_list.matrix[3][2]         0.0000000000 
_pdbx_struct_oper_list.matrix[3][3]         1.0000000000 
_pdbx_struct_oper_list.vector[3]            0.0000000000 
# 
loop_
_pdbx_audit_revision_history.ordinal 
_pdbx_audit_revision_history.data_content_type 
_pdbx_audit_revision_history.major_revision 
_pdbx_audit_revision_history.minor_revision 
_pdbx_audit_revision_history.revision_date 
1 'Structure model' 1 0 2012-10-03 
2 'Structure model' 1 1 2023-11-08 
# 
_pdbx_audit_revision_details.ordinal             1 
_pdbx_audit_revision_details.revision_ordinal    1 
_pdbx_audit_revision_details.data_content_type   'Structure model' 
_pdbx_audit_revision_details.provider            repository 
_pdbx_audit_revision_details.type                'Initial release' 
_pdbx_audit_revision_details.description         ? 
_pdbx_audit_revision_details.details             ? 
# 
loop_
_pdbx_audit_revision_group.ordinal 
_pdbx_audit_revision_group.revision_ordinal 
_pdbx_audit_revision_group.data_content_type 
_pdbx_audit_revision_group.group 
1 2 'Structure model' 'Data collection'        
2 2 'Structure model' 'Database references'    
3 2 'Structure model' 'Derived calculations'   
4 2 'Structure model' 'Refinement description' 
# 
loop_
_pdbx_audit_revision_category.ordinal 
_pdbx_audit_revision_category.revision_ordinal 
_pdbx_audit_revision_category.data_content_type 
_pdbx_audit_revision_category.category 
1 2 'Structure model' chem_comp_atom                
2 2 'Structure model' chem_comp_bond                
3 2 'Structure model' database_2                    
4 2 'Structure model' pdbx_initial_refinement_model 
5 2 'Structure model' struct_ref_seq_dif            
6 2 'Structure model' struct_site                   
# 
loop_
_pdbx_audit_revision_item.ordinal 
_pdbx_audit_revision_item.revision_ordinal 
_pdbx_audit_revision_item.data_content_type 
_pdbx_audit_revision_item.item 
1 2 'Structure model' '_database_2.pdbx_DOI'                
2 2 'Structure model' '_database_2.pdbx_database_accession' 
3 2 'Structure model' '_struct_ref_seq_dif.details'         
4 2 'Structure model' '_struct_site.pdbx_auth_asym_id'      
5 2 'Structure model' '_struct_site.pdbx_auth_comp_id'      
6 2 'Structure model' '_struct_site.pdbx_auth_seq_id'       
# 
loop_
_software.name 
_software.classification 
_software.version 
_software.citation_id 
_software.pdbx_ordinal 
HKL-2000 'data collection' . ? 1 
CNS      refinement        . ? 2 
HKL-2000 'data reduction'  . ? 3 
HKL-2000 'data scaling'    . ? 4 
CNS      phasing           . ? 5 
# 
_pdbx_validate_torsion.id              1 
_pdbx_validate_torsion.PDB_model_num   1 
_pdbx_validate_torsion.auth_comp_id    PRO 
_pdbx_validate_torsion.auth_asym_id    A 
_pdbx_validate_torsion.auth_seq_id     42 
_pdbx_validate_torsion.PDB_ins_code    ? 
_pdbx_validate_torsion.label_alt_id    ? 
_pdbx_validate_torsion.phi             -47.22 
_pdbx_validate_torsion.psi             157.14 
# 
loop_
_pdbx_unobs_or_zero_occ_atoms.id 
_pdbx_unobs_or_zero_occ_atoms.PDB_model_num 
_pdbx_unobs_or_zero_occ_atoms.polymer_flag 
_pdbx_unobs_or_zero_occ_atoms.occupancy_flag 
_pdbx_unobs_or_zero_occ_atoms.auth_asym_id 
_pdbx_unobs_or_zero_occ_atoms.auth_comp_id 
_pdbx_unobs_or_zero_occ_atoms.auth_seq_id 
_pdbx_unobs_or_zero_occ_atoms.PDB_ins_code 
_pdbx_unobs_or_zero_occ_atoms.auth_atom_id 
_pdbx_unobs_or_zero_occ_atoms.label_alt_id 
_pdbx_unobs_or_zero_occ_atoms.label_asym_id 
_pdbx_unobs_or_zero_occ_atoms.label_comp_id 
_pdbx_unobs_or_zero_occ_atoms.label_seq_id 
_pdbx_unobs_or_zero_occ_atoms.label_atom_id 
1  1 Y 1 A LYS 2   ? CG  ? A LYS 5   CG  
2  1 Y 1 A LYS 2   ? CD  ? A LYS 5   CD  
3  1 Y 1 A LYS 2   ? CE  ? A LYS 5   CE  
4  1 Y 1 A LYS 2   ? NZ  ? A LYS 5   NZ  
5  1 Y 1 A LYS 15  ? CG  ? A LYS 18  CG  
6  1 Y 1 A LYS 15  ? CD  ? A LYS 18  CD  
7  1 Y 1 A LYS 15  ? CE  ? A LYS 18  CE  
8  1 Y 1 A LYS 15  ? NZ  ? A LYS 18  NZ  
9  1 Y 1 A ARG 20  ? CG  ? A ARG 23  CG  
10 1 Y 1 A ARG 20  ? CD  ? A ARG 23  CD  
11 1 Y 1 A ARG 20  ? NE  ? A ARG 23  NE  
12 1 Y 1 A ARG 20  ? CZ  ? A ARG 23  CZ  
13 1 Y 1 A ARG 20  ? NH1 ? A ARG 23  NH1 
14 1 Y 1 A ARG 20  ? NH2 ? A ARG 23  NH2 
15 1 Y 1 A ARG 24  ? CG  ? A ARG 27  CG  
16 1 Y 1 A ARG 24  ? CD  ? A ARG 27  CD  
17 1 Y 1 A ARG 24  ? NE  ? A ARG 27  NE  
18 1 Y 1 A ARG 24  ? CZ  ? A ARG 27  CZ  
19 1 Y 1 A ARG 24  ? NH1 ? A ARG 27  NH1 
20 1 Y 1 A ARG 24  ? NH2 ? A ARG 27  NH2 
21 1 Y 1 A LYS 26  ? CG  ? A LYS 29  CG  
22 1 Y 1 A LYS 26  ? CD  ? A LYS 29  CD  
23 1 Y 1 A LYS 26  ? CE  ? A LYS 29  CE  
24 1 Y 1 A LYS 26  ? NZ  ? A LYS 29  NZ  
25 1 Y 1 A LYS 38  ? CG  ? A LYS 41  CG  
26 1 Y 1 A LYS 38  ? CD  ? A LYS 41  CD  
27 1 Y 1 A LYS 38  ? CE  ? A LYS 41  CE  
28 1 Y 1 A LYS 38  ? NZ  ? A LYS 41  NZ  
29 1 Y 1 A LYS 46  ? CG  ? A LYS 49  CG  
30 1 Y 1 A LYS 46  ? CD  ? A LYS 49  CD  
31 1 Y 1 A LYS 46  ? CE  ? A LYS 49  CE  
32 1 Y 1 A LYS 46  ? NZ  ? A LYS 49  NZ  
33 1 Y 1 A LYS 74  ? CG  ? A LYS 77  CG  
34 1 Y 1 A LYS 74  ? CD  ? A LYS 77  CD  
35 1 Y 1 A LYS 74  ? CE  ? A LYS 77  CE  
36 1 Y 1 A LYS 74  ? NZ  ? A LYS 77  NZ  
37 1 Y 1 A GLN 96  ? CG  ? A GLN 99  CG  
38 1 Y 1 A GLN 96  ? CD  ? A GLN 99  CD  
39 1 Y 1 A GLN 96  ? OE1 ? A GLN 99  OE1 
40 1 Y 1 A GLN 96  ? NE2 ? A GLN 99  NE2 
41 1 Y 1 A GLU 97  ? CG  ? A GLU 100 CG  
42 1 Y 1 A GLU 97  ? CD  ? A GLU 100 CD  
43 1 Y 1 A GLU 97  ? OE1 ? A GLU 100 OE1 
44 1 Y 1 A GLU 97  ? OE2 ? A GLU 100 OE2 
45 1 Y 1 A LYS 101 ? CG  ? A LYS 104 CG  
46 1 Y 1 A LYS 101 ? CD  ? A LYS 104 CD  
47 1 Y 1 A LYS 101 ? CE  ? A LYS 104 CE  
48 1 Y 1 A LYS 101 ? NZ  ? A LYS 104 NZ  
49 1 Y 1 A GLU 112 ? CG  ? A GLU 115 CG  
50 1 Y 1 A GLU 112 ? CD  ? A GLU 115 CD  
51 1 Y 1 A GLU 112 ? OE1 ? A GLU 115 OE1 
52 1 Y 1 A GLU 112 ? OE2 ? A GLU 115 OE2 
# 
loop_
_pdbx_unobs_or_zero_occ_residues.id 
_pdbx_unobs_or_zero_occ_residues.PDB_model_num 
_pdbx_unobs_or_zero_occ_residues.polymer_flag 
_pdbx_unobs_or_zero_occ_residues.occupancy_flag 
_pdbx_unobs_or_zero_occ_residues.auth_asym_id 
_pdbx_unobs_or_zero_occ_residues.auth_comp_id 
_pdbx_unobs_or_zero_occ_residues.auth_seq_id 
_pdbx_unobs_or_zero_occ_residues.PDB_ins_code 
_pdbx_unobs_or_zero_occ_residues.label_asym_id 
_pdbx_unobs_or_zero_occ_residues.label_comp_id 
_pdbx_unobs_or_zero_occ_residues.label_seq_id 
1 1 Y 1 A GLY -2  ? A GLY 1   
2 1 Y 1 A ALA -1  ? A ALA 2   
3 1 Y 1 A HIS 0   ? A HIS 3   
4 1 Y 1 A MET 1   ? A MET 4   
5 1 Y 1 A ASN 113 ? A ASN 116 
6 1 Y 1 A THR 114 ? A THR 117 
7 1 Y 1 A PHE 115 ? A PHE 118 
8 1 Y 1 A GLY 116 ? A GLY 119 
# 
loop_
_chem_comp_atom.comp_id 
_chem_comp_atom.atom_id 
_chem_comp_atom.type_symbol 
_chem_comp_atom.pdbx_aromatic_flag 
_chem_comp_atom.pdbx_stereo_config 
_chem_comp_atom.pdbx_ordinal 
ALA N    N N N 1   
ALA CA   C N S 2   
ALA C    C N N 3   
ALA O    O N N 4   
ALA CB   C N N 5   
ALA OXT  O N N 6   
ALA H    H N N 7   
ALA H2   H N N 8   
ALA HA   H N N 9   
ALA HB1  H N N 10  
ALA HB2  H N N 11  
ALA HB3  H N N 12  
ALA HXT  H N N 13  
ARG N    N N N 14  
ARG CA   C N S 15  
ARG C    C N N 16  
ARG O    O N N 17  
ARG CB   C N N 18  
ARG CG   C N N 19  
ARG CD   C N N 20  
ARG NE   N N N 21  
ARG CZ   C N N 22  
ARG NH1  N N N 23  
ARG NH2  N N N 24  
ARG OXT  O N N 25  
ARG H    H N N 26  
ARG H2   H N N 27  
ARG HA   H N N 28  
ARG HB2  H N N 29  
ARG HB3  H N N 30  
ARG HG2  H N N 31  
ARG HG3  H N N 32  
ARG HD2  H N N 33  
ARG HD3  H N N 34  
ARG HE   H N N 35  
ARG HH11 H N N 36  
ARG HH12 H N N 37  
ARG HH21 H N N 38  
ARG HH22 H N N 39  
ARG HXT  H N N 40  
ASN N    N N N 41  
ASN CA   C N S 42  
ASN C    C N N 43  
ASN O    O N N 44  
ASN CB   C N N 45  
ASN CG   C N N 46  
ASN OD1  O N N 47  
ASN ND2  N N N 48  
ASN OXT  O N N 49  
ASN H    H N N 50  
ASN H2   H N N 51  
ASN HA   H N N 52  
ASN HB2  H N N 53  
ASN HB3  H N N 54  
ASN HD21 H N N 55  
ASN HD22 H N N 56  
ASN HXT  H N N 57  
ASP N    N N N 58  
ASP CA   C N S 59  
ASP C    C N N 60  
ASP O    O N N 61  
ASP CB   C N N 62  
ASP CG   C N N 63  
ASP OD1  O N N 64  
ASP OD2  O N N 65  
ASP OXT  O N N 66  
ASP H    H N N 67  
ASP H2   H N N 68  
ASP HA   H N N 69  
ASP HB2  H N N 70  
ASP HB3  H N N 71  
ASP HD2  H N N 72  
ASP HXT  H N N 73  
CYS N    N N N 74  
CYS CA   C N R 75  
CYS C    C N N 76  
CYS O    O N N 77  
CYS CB   C N N 78  
CYS SG   S N N 79  
CYS OXT  O N N 80  
CYS H    H N N 81  
CYS H2   H N N 82  
CYS HA   H N N 83  
CYS HB2  H N N 84  
CYS HB3  H N N 85  
CYS HG   H N N 86  
CYS HXT  H N N 87  
GLN N    N N N 88  
GLN CA   C N S 89  
GLN C    C N N 90  
GLN O    O N N 91  
GLN CB   C N N 92  
GLN CG   C N N 93  
GLN CD   C N N 94  
GLN OE1  O N N 95  
GLN NE2  N N N 96  
GLN OXT  O N N 97  
GLN H    H N N 98  
GLN H2   H N N 99  
GLN HA   H N N 100 
GLN HB2  H N N 101 
GLN HB3  H N N 102 
GLN HG2  H N N 103 
GLN HG3  H N N 104 
GLN HE21 H N N 105 
GLN HE22 H N N 106 
GLN HXT  H N N 107 
GLU N    N N N 108 
GLU CA   C N S 109 
GLU C    C N N 110 
GLU O    O N N 111 
GLU CB   C N N 112 
GLU CG   C N N 113 
GLU CD   C N N 114 
GLU OE1  O N N 115 
GLU OE2  O N N 116 
GLU OXT  O N N 117 
GLU H    H N N 118 
GLU H2   H N N 119 
GLU HA   H N N 120 
GLU HB2  H N N 121 
GLU HB3  H N N 122 
GLU HG2  H N N 123 
GLU HG3  H N N 124 
GLU HE2  H N N 125 
GLU HXT  H N N 126 
GLY N    N N N 127 
GLY CA   C N N 128 
GLY C    C N N 129 
GLY O    O N N 130 
GLY OXT  O N N 131 
GLY H    H N N 132 
GLY H2   H N N 133 
GLY HA2  H N N 134 
GLY HA3  H N N 135 
GLY HXT  H N N 136 
HIS N    N N N 137 
HIS CA   C N S 138 
HIS C    C N N 139 
HIS O    O N N 140 
HIS CB   C N N 141 
HIS CG   C Y N 142 
HIS ND1  N Y N 143 
HIS CD2  C Y N 144 
HIS CE1  C Y N 145 
HIS NE2  N Y N 146 
HIS OXT  O N N 147 
HIS H    H N N 148 
HIS H2   H N N 149 
HIS HA   H N N 150 
HIS HB2  H N N 151 
HIS HB3  H N N 152 
HIS HD1  H N N 153 
HIS HD2  H N N 154 
HIS HE1  H N N 155 
HIS HE2  H N N 156 
HIS HXT  H N N 157 
HOH O    O N N 158 
HOH H1   H N N 159 
HOH H2   H N N 160 
ILE N    N N N 161 
ILE CA   C N S 162 
ILE C    C N N 163 
ILE O    O N N 164 
ILE CB   C N S 165 
ILE CG1  C N N 166 
ILE CG2  C N N 167 
ILE CD1  C N N 168 
ILE OXT  O N N 169 
ILE H    H N N 170 
ILE H2   H N N 171 
ILE HA   H N N 172 
ILE HB   H N N 173 
ILE HG12 H N N 174 
ILE HG13 H N N 175 
ILE HG21 H N N 176 
ILE HG22 H N N 177 
ILE HG23 H N N 178 
ILE HD11 H N N 179 
ILE HD12 H N N 180 
ILE HD13 H N N 181 
ILE HXT  H N N 182 
LEU N    N N N 183 
LEU CA   C N S 184 
LEU C    C N N 185 
LEU O    O N N 186 
LEU CB   C N N 187 
LEU CG   C N N 188 
LEU CD1  C N N 189 
LEU CD2  C N N 190 
LEU OXT  O N N 191 
LEU H    H N N 192 
LEU H2   H N N 193 
LEU HA   H N N 194 
LEU HB2  H N N 195 
LEU HB3  H N N 196 
LEU HG   H N N 197 
LEU HD11 H N N 198 
LEU HD12 H N N 199 
LEU HD13 H N N 200 
LEU HD21 H N N 201 
LEU HD22 H N N 202 
LEU HD23 H N N 203 
LEU HXT  H N N 204 
LYS N    N N N 205 
LYS CA   C N S 206 
LYS C    C N N 207 
LYS O    O N N 208 
LYS CB   C N N 209 
LYS CG   C N N 210 
LYS CD   C N N 211 
LYS CE   C N N 212 
LYS NZ   N N N 213 
LYS OXT  O N N 214 
LYS H    H N N 215 
LYS H2   H N N 216 
LYS HA   H N N 217 
LYS HB2  H N N 218 
LYS HB3  H N N 219 
LYS HG2  H N N 220 
LYS HG3  H N N 221 
LYS HD2  H N N 222 
LYS HD3  H N N 223 
LYS HE2  H N N 224 
LYS HE3  H N N 225 
LYS HZ1  H N N 226 
LYS HZ2  H N N 227 
LYS HZ3  H N N 228 
LYS HXT  H N N 229 
MET N    N N N 230 
MET CA   C N S 231 
MET C    C N N 232 
MET O    O N N 233 
MET CB   C N N 234 
MET CG   C N N 235 
MET SD   S N N 236 
MET CE   C N N 237 
MET OXT  O N N 238 
MET H    H N N 239 
MET H2   H N N 240 
MET HA   H N N 241 
MET HB2  H N N 242 
MET HB3  H N N 243 
MET HG2  H N N 244 
MET HG3  H N N 245 
MET HE1  H N N 246 
MET HE2  H N N 247 
MET HE3  H N N 248 
MET HXT  H N N 249 
PHE N    N N N 250 
PHE CA   C N S 251 
PHE C    C N N 252 
PHE O    O N N 253 
PHE CB   C N N 254 
PHE CG   C Y N 255 
PHE CD1  C Y N 256 
PHE CD2  C Y N 257 
PHE CE1  C Y N 258 
PHE CE2  C Y N 259 
PHE CZ   C Y N 260 
PHE OXT  O N N 261 
PHE H    H N N 262 
PHE H2   H N N 263 
PHE HA   H N N 264 
PHE HB2  H N N 265 
PHE HB3  H N N 266 
PHE HD1  H N N 267 
PHE HD2  H N N 268 
PHE HE1  H N N 269 
PHE HE2  H N N 270 
PHE HZ   H N N 271 
PHE HXT  H N N 272 
PRO N    N N N 273 
PRO CA   C N S 274 
PRO C    C N N 275 
PRO O    O N N 276 
PRO CB   C N N 277 
PRO CG   C N N 278 
PRO CD   C N N 279 
PRO OXT  O N N 280 
PRO H    H N N 281 
PRO HA   H N N 282 
PRO HB2  H N N 283 
PRO HB3  H N N 284 
PRO HG2  H N N 285 
PRO HG3  H N N 286 
PRO HD2  H N N 287 
PRO HD3  H N N 288 
PRO HXT  H N N 289 
SER N    N N N 290 
SER CA   C N S 291 
SER C    C N N 292 
SER O    O N N 293 
SER CB   C N N 294 
SER OG   O N N 295 
SER OXT  O N N 296 
SER H    H N N 297 
SER H2   H N N 298 
SER HA   H N N 299 
SER HB2  H N N 300 
SER HB3  H N N 301 
SER HG   H N N 302 
SER HXT  H N N 303 
SO4 S    S N N 304 
SO4 O1   O N N 305 
SO4 O2   O N N 306 
SO4 O3   O N N 307 
SO4 O4   O N N 308 
THR N    N N N 309 
THR CA   C N S 310 
THR C    C N N 311 
THR O    O N N 312 
THR CB   C N R 313 
THR OG1  O N N 314 
THR CG2  C N N 315 
THR OXT  O N N 316 
THR H    H N N 317 
THR H2   H N N 318 
THR HA   H N N 319 
THR HB   H N N 320 
THR HG1  H N N 321 
THR HG21 H N N 322 
THR HG22 H N N 323 
THR HG23 H N N 324 
THR HXT  H N N 325 
TRP N    N N N 326 
TRP CA   C N S 327 
TRP C    C N N 328 
TRP O    O N N 329 
TRP CB   C N N 330 
TRP CG   C Y N 331 
TRP CD1  C Y N 332 
TRP CD2  C Y N 333 
TRP NE1  N Y N 334 
TRP CE2  C Y N 335 
TRP CE3  C Y N 336 
TRP CZ2  C Y N 337 
TRP CZ3  C Y N 338 
TRP CH2  C Y N 339 
TRP OXT  O N N 340 
TRP H    H N N 341 
TRP H2   H N N 342 
TRP HA   H N N 343 
TRP HB2  H N N 344 
TRP HB3  H N N 345 
TRP HD1  H N N 346 
TRP HE1  H N N 347 
TRP HE3  H N N 348 
TRP HZ2  H N N 349 
TRP HZ3  H N N 350 
TRP HH2  H N N 351 
TRP HXT  H N N 352 
TYR N    N N N 353 
TYR CA   C N S 354 
TYR C    C N N 355 
TYR O    O N N 356 
TYR CB   C N N 357 
TYR CG   C Y N 358 
TYR CD1  C Y N 359 
TYR CD2  C Y N 360 
TYR CE1  C Y N 361 
TYR CE2  C Y N 362 
TYR CZ   C Y N 363 
TYR OH   O N N 364 
TYR OXT  O N N 365 
TYR H    H N N 366 
TYR H2   H N N 367 
TYR HA   H N N 368 
TYR HB2  H N N 369 
TYR HB3  H N N 370 
TYR HD1  H N N 371 
TYR HD2  H N N 372 
TYR HE1  H N N 373 
TYR HE2  H N N 374 
TYR HH   H N N 375 
TYR HXT  H N N 376 
VAL N    N N N 377 
VAL CA   C N S 378 
VAL C    C N N 379 
VAL O    O N N 380 
VAL CB   C N N 381 
VAL CG1  C N N 382 
VAL CG2  C N N 383 
VAL OXT  O N N 384 
VAL H    H N N 385 
VAL H2   H N N 386 
VAL HA   H N N 387 
VAL HB   H N N 388 
VAL HG11 H N N 389 
VAL HG12 H N N 390 
VAL HG13 H N N 391 
VAL HG21 H N N 392 
VAL HG22 H N N 393 
VAL HG23 H N N 394 
VAL HXT  H N N 395 
# 
loop_
_chem_comp_bond.comp_id 
_chem_comp_bond.atom_id_1 
_chem_comp_bond.atom_id_2 
_chem_comp_bond.value_order 
_chem_comp_bond.pdbx_aromatic_flag 
_chem_comp_bond.pdbx_stereo_config 
_chem_comp_bond.pdbx_ordinal 
ALA N   CA   sing N N 1   
ALA N   H    sing N N 2   
ALA N   H2   sing N N 3   
ALA CA  C    sing N N 4   
ALA CA  CB   sing N N 5   
ALA CA  HA   sing N N 6   
ALA C   O    doub N N 7   
ALA C   OXT  sing N N 8   
ALA CB  HB1  sing N N 9   
ALA CB  HB2  sing N N 10  
ALA CB  HB3  sing N N 11  
ALA OXT HXT  sing N N 12  
ARG N   CA   sing N N 13  
ARG N   H    sing N N 14  
ARG N   H2   sing N N 15  
ARG CA  C    sing N N 16  
ARG CA  CB   sing N N 17  
ARG CA  HA   sing N N 18  
ARG C   O    doub N N 19  
ARG C   OXT  sing N N 20  
ARG CB  CG   sing N N 21  
ARG CB  HB2  sing N N 22  
ARG CB  HB3  sing N N 23  
ARG CG  CD   sing N N 24  
ARG CG  HG2  sing N N 25  
ARG CG  HG3  sing N N 26  
ARG CD  NE   sing N N 27  
ARG CD  HD2  sing N N 28  
ARG CD  HD3  sing N N 29  
ARG NE  CZ   sing N N 30  
ARG NE  HE   sing N N 31  
ARG CZ  NH1  sing N N 32  
ARG CZ  NH2  doub N N 33  
ARG NH1 HH11 sing N N 34  
ARG NH1 HH12 sing N N 35  
ARG NH2 HH21 sing N N 36  
ARG NH2 HH22 sing N N 37  
ARG OXT HXT  sing N N 38  
ASN N   CA   sing N N 39  
ASN N   H    sing N N 40  
ASN N   H2   sing N N 41  
ASN CA  C    sing N N 42  
ASN CA  CB   sing N N 43  
ASN CA  HA   sing N N 44  
ASN C   O    doub N N 45  
ASN C   OXT  sing N N 46  
ASN CB  CG   sing N N 47  
ASN CB  HB2  sing N N 48  
ASN CB  HB3  sing N N 49  
ASN CG  OD1  doub N N 50  
ASN CG  ND2  sing N N 51  
ASN ND2 HD21 sing N N 52  
ASN ND2 HD22 sing N N 53  
ASN OXT HXT  sing N N 54  
ASP N   CA   sing N N 55  
ASP N   H    sing N N 56  
ASP N   H2   sing N N 57  
ASP CA  C    sing N N 58  
ASP CA  CB   sing N N 59  
ASP CA  HA   sing N N 60  
ASP C   O    doub N N 61  
ASP C   OXT  sing N N 62  
ASP CB  CG   sing N N 63  
ASP CB  HB2  sing N N 64  
ASP CB  HB3  sing N N 65  
ASP CG  OD1  doub N N 66  
ASP CG  OD2  sing N N 67  
ASP OD2 HD2  sing N N 68  
ASP OXT HXT  sing N N 69  
CYS N   CA   sing N N 70  
CYS N   H    sing N N 71  
CYS N   H2   sing N N 72  
CYS CA  C    sing N N 73  
CYS CA  CB   sing N N 74  
CYS CA  HA   sing N N 75  
CYS C   O    doub N N 76  
CYS C   OXT  sing N N 77  
CYS CB  SG   sing N N 78  
CYS CB  HB2  sing N N 79  
CYS CB  HB3  sing N N 80  
CYS SG  HG   sing N N 81  
CYS OXT HXT  sing N N 82  
GLN N   CA   sing N N 83  
GLN N   H    sing N N 84  
GLN N   H2   sing N N 85  
GLN CA  C    sing N N 86  
GLN CA  CB   sing N N 87  
GLN CA  HA   sing N N 88  
GLN C   O    doub N N 89  
GLN C   OXT  sing N N 90  
GLN CB  CG   sing N N 91  
GLN CB  HB2  sing N N 92  
GLN CB  HB3  sing N N 93  
GLN CG  CD   sing N N 94  
GLN CG  HG2  sing N N 95  
GLN CG  HG3  sing N N 96  
GLN CD  OE1  doub N N 97  
GLN CD  NE2  sing N N 98  
GLN NE2 HE21 sing N N 99  
GLN NE2 HE22 sing N N 100 
GLN OXT HXT  sing N N 101 
GLU N   CA   sing N N 102 
GLU N   H    sing N N 103 
GLU N   H2   sing N N 104 
GLU CA  C    sing N N 105 
GLU CA  CB   sing N N 106 
GLU CA  HA   sing N N 107 
GLU C   O    doub N N 108 
GLU C   OXT  sing N N 109 
GLU CB  CG   sing N N 110 
GLU CB  HB2  sing N N 111 
GLU CB  HB3  sing N N 112 
GLU CG  CD   sing N N 113 
GLU CG  HG2  sing N N 114 
GLU CG  HG3  sing N N 115 
GLU CD  OE1  doub N N 116 
GLU CD  OE2  sing N N 117 
GLU OE2 HE2  sing N N 118 
GLU OXT HXT  sing N N 119 
GLY N   CA   sing N N 120 
GLY N   H    sing N N 121 
GLY N   H2   sing N N 122 
GLY CA  C    sing N N 123 
GLY CA  HA2  sing N N 124 
GLY CA  HA3  sing N N 125 
GLY C   O    doub N N 126 
GLY C   OXT  sing N N 127 
GLY OXT HXT  sing N N 128 
HIS N   CA   sing N N 129 
HIS N   H    sing N N 130 
HIS N   H2   sing N N 131 
HIS CA  C    sing N N 132 
HIS CA  CB   sing N N 133 
HIS CA  HA   sing N N 134 
HIS C   O    doub N N 135 
HIS C   OXT  sing N N 136 
HIS CB  CG   sing N N 137 
HIS CB  HB2  sing N N 138 
HIS CB  HB3  sing N N 139 
HIS CG  ND1  sing Y N 140 
HIS CG  CD2  doub Y N 141 
HIS ND1 CE1  doub Y N 142 
HIS ND1 HD1  sing N N 143 
HIS CD2 NE2  sing Y N 144 
HIS CD2 HD2  sing N N 145 
HIS CE1 NE2  sing Y N 146 
HIS CE1 HE1  sing N N 147 
HIS NE2 HE2  sing N N 148 
HIS OXT HXT  sing N N 149 
HOH O   H1   sing N N 150 
HOH O   H2   sing N N 151 
ILE N   CA   sing N N 152 
ILE N   H    sing N N 153 
ILE N   H2   sing N N 154 
ILE CA  C    sing N N 155 
ILE CA  CB   sing N N 156 
ILE CA  HA   sing N N 157 
ILE C   O    doub N N 158 
ILE C   OXT  sing N N 159 
ILE CB  CG1  sing N N 160 
ILE CB  CG2  sing N N 161 
ILE CB  HB   sing N N 162 
ILE CG1 CD1  sing N N 163 
ILE CG1 HG12 sing N N 164 
ILE CG1 HG13 sing N N 165 
ILE CG2 HG21 sing N N 166 
ILE CG2 HG22 sing N N 167 
ILE CG2 HG23 sing N N 168 
ILE CD1 HD11 sing N N 169 
ILE CD1 HD12 sing N N 170 
ILE CD1 HD13 sing N N 171 
ILE OXT HXT  sing N N 172 
LEU N   CA   sing N N 173 
LEU N   H    sing N N 174 
LEU N   H2   sing N N 175 
LEU CA  C    sing N N 176 
LEU CA  CB   sing N N 177 
LEU CA  HA   sing N N 178 
LEU C   O    doub N N 179 
LEU C   OXT  sing N N 180 
LEU CB  CG   sing N N 181 
LEU CB  HB2  sing N N 182 
LEU CB  HB3  sing N N 183 
LEU CG  CD1  sing N N 184 
LEU CG  CD2  sing N N 185 
LEU CG  HG   sing N N 186 
LEU CD1 HD11 sing N N 187 
LEU CD1 HD12 sing N N 188 
LEU CD1 HD13 sing N N 189 
LEU CD2 HD21 sing N N 190 
LEU CD2 HD22 sing N N 191 
LEU CD2 HD23 sing N N 192 
LEU OXT HXT  sing N N 193 
LYS N   CA   sing N N 194 
LYS N   H    sing N N 195 
LYS N   H2   sing N N 196 
LYS CA  C    sing N N 197 
LYS CA  CB   sing N N 198 
LYS CA  HA   sing N N 199 
LYS C   O    doub N N 200 
LYS C   OXT  sing N N 201 
LYS CB  CG   sing N N 202 
LYS CB  HB2  sing N N 203 
LYS CB  HB3  sing N N 204 
LYS CG  CD   sing N N 205 
LYS CG  HG2  sing N N 206 
LYS CG  HG3  sing N N 207 
LYS CD  CE   sing N N 208 
LYS CD  HD2  sing N N 209 
LYS CD  HD3  sing N N 210 
LYS CE  NZ   sing N N 211 
LYS CE  HE2  sing N N 212 
LYS CE  HE3  sing N N 213 
LYS NZ  HZ1  sing N N 214 
LYS NZ  HZ2  sing N N 215 
LYS NZ  HZ3  sing N N 216 
LYS OXT HXT  sing N N 217 
MET N   CA   sing N N 218 
MET N   H    sing N N 219 
MET N   H2   sing N N 220 
MET CA  C    sing N N 221 
MET CA  CB   sing N N 222 
MET CA  HA   sing N N 223 
MET C   O    doub N N 224 
MET C   OXT  sing N N 225 
MET CB  CG   sing N N 226 
MET CB  HB2  sing N N 227 
MET CB  HB3  sing N N 228 
MET CG  SD   sing N N 229 
MET CG  HG2  sing N N 230 
MET CG  HG3  sing N N 231 
MET SD  CE   sing N N 232 
MET CE  HE1  sing N N 233 
MET CE  HE2  sing N N 234 
MET CE  HE3  sing N N 235 
MET OXT HXT  sing N N 236 
PHE N   CA   sing N N 237 
PHE N   H    sing N N 238 
PHE N   H2   sing N N 239 
PHE CA  C    sing N N 240 
PHE CA  CB   sing N N 241 
PHE CA  HA   sing N N 242 
PHE C   O    doub N N 243 
PHE C   OXT  sing N N 244 
PHE CB  CG   sing N N 245 
PHE CB  HB2  sing N N 246 
PHE CB  HB3  sing N N 247 
PHE CG  CD1  doub Y N 248 
PHE CG  CD2  sing Y N 249 
PHE CD1 CE1  sing Y N 250 
PHE CD1 HD1  sing N N 251 
PHE CD2 CE2  doub Y N 252 
PHE CD2 HD2  sing N N 253 
PHE CE1 CZ   doub Y N 254 
PHE CE1 HE1  sing N N 255 
PHE CE2 CZ   sing Y N 256 
PHE CE2 HE2  sing N N 257 
PHE CZ  HZ   sing N N 258 
PHE OXT HXT  sing N N 259 
PRO N   CA   sing N N 260 
PRO N   CD   sing N N 261 
PRO N   H    sing N N 262 
PRO CA  C    sing N N 263 
PRO CA  CB   sing N N 264 
PRO CA  HA   sing N N 265 
PRO C   O    doub N N 266 
PRO C   OXT  sing N N 267 
PRO CB  CG   sing N N 268 
PRO CB  HB2  sing N N 269 
PRO CB  HB3  sing N N 270 
PRO CG  CD   sing N N 271 
PRO CG  HG2  sing N N 272 
PRO CG  HG3  sing N N 273 
PRO CD  HD2  sing N N 274 
PRO CD  HD3  sing N N 275 
PRO OXT HXT  sing N N 276 
SER N   CA   sing N N 277 
SER N   H    sing N N 278 
SER N   H2   sing N N 279 
SER CA  C    sing N N 280 
SER CA  CB   sing N N 281 
SER CA  HA   sing N N 282 
SER C   O    doub N N 283 
SER C   OXT  sing N N 284 
SER CB  OG   sing N N 285 
SER CB  HB2  sing N N 286 
SER CB  HB3  sing N N 287 
SER OG  HG   sing N N 288 
SER OXT HXT  sing N N 289 
SO4 S   O1   doub N N 290 
SO4 S   O2   doub N N 291 
SO4 S   O3   sing N N 292 
SO4 S   O4   sing N N 293 
THR N   CA   sing N N 294 
THR N   H    sing N N 295 
THR N   H2   sing N N 296 
THR CA  C    sing N N 297 
THR CA  CB   sing N N 298 
THR CA  HA   sing N N 299 
THR C   O    doub N N 300 
THR C   OXT  sing N N 301 
THR CB  OG1  sing N N 302 
THR CB  CG2  sing N N 303 
THR CB  HB   sing N N 304 
THR OG1 HG1  sing N N 305 
THR CG2 HG21 sing N N 306 
THR CG2 HG22 sing N N 307 
THR CG2 HG23 sing N N 308 
THR OXT HXT  sing N N 309 
TRP N   CA   sing N N 310 
TRP N   H    sing N N 311 
TRP N   H2   sing N N 312 
TRP CA  C    sing N N 313 
TRP CA  CB   sing N N 314 
TRP CA  HA   sing N N 315 
TRP C   O    doub N N 316 
TRP C   OXT  sing N N 317 
TRP CB  CG   sing N N 318 
TRP CB  HB2  sing N N 319 
TRP CB  HB3  sing N N 320 
TRP CG  CD1  doub Y N 321 
TRP CG  CD2  sing Y N 322 
TRP CD1 NE1  sing Y N 323 
TRP CD1 HD1  sing N N 324 
TRP CD2 CE2  doub Y N 325 
TRP CD2 CE3  sing Y N 326 
TRP NE1 CE2  sing Y N 327 
TRP NE1 HE1  sing N N 328 
TRP CE2 CZ2  sing Y N 329 
TRP CE3 CZ3  doub Y N 330 
TRP CE3 HE3  sing N N 331 
TRP CZ2 CH2  doub Y N 332 
TRP CZ2 HZ2  sing N N 333 
TRP CZ3 CH2  sing Y N 334 
TRP CZ3 HZ3  sing N N 335 
TRP CH2 HH2  sing N N 336 
TRP OXT HXT  sing N N 337 
TYR N   CA   sing N N 338 
TYR N   H    sing N N 339 
TYR N   H2   sing N N 340 
TYR CA  C    sing N N 341 
TYR CA  CB   sing N N 342 
TYR CA  HA   sing N N 343 
TYR C   O    doub N N 344 
TYR C   OXT  sing N N 345 
TYR CB  CG   sing N N 346 
TYR CB  HB2  sing N N 347 
TYR CB  HB3  sing N N 348 
TYR CG  CD1  doub Y N 349 
TYR CG  CD2  sing Y N 350 
TYR CD1 CE1  sing Y N 351 
TYR CD1 HD1  sing N N 352 
TYR CD2 CE2  doub Y N 353 
TYR CD2 HD2  sing N N 354 
TYR CE1 CZ   doub Y N 355 
TYR CE1 HE1  sing N N 356 
TYR CE2 CZ   sing Y N 357 
TYR CE2 HE2  sing N N 358 
TYR CZ  OH   sing N N 359 
TYR OH  HH   sing N N 360 
TYR OXT HXT  sing N N 361 
VAL N   CA   sing N N 362 
VAL N   H    sing N N 363 
VAL N   H2   sing N N 364 
VAL CA  C    sing N N 365 
VAL CA  CB   sing N N 366 
VAL CA  HA   sing N N 367 
VAL C   O    doub N N 368 
VAL C   OXT  sing N N 369 
VAL CB  CG1  sing N N 370 
VAL CB  CG2  sing N N 371 
VAL CB  HB   sing N N 372 
VAL CG1 HG11 sing N N 373 
VAL CG1 HG12 sing N N 374 
VAL CG1 HG13 sing N N 375 
VAL CG2 HG21 sing N N 376 
VAL CG2 HG22 sing N N 377 
VAL CG2 HG23 sing N N 378 
VAL OXT HXT  sing N N 379 
# 
loop_
_pdbx_entity_nonpoly.entity_id 
_pdbx_entity_nonpoly.name 
_pdbx_entity_nonpoly.comp_id 
3 'SULFATE ION' SO4 
4 water         HOH 
# 
_pdbx_initial_refinement_model.id               1 
_pdbx_initial_refinement_model.entity_id_list   ? 
_pdbx_initial_refinement_model.type             'experimental model' 
_pdbx_initial_refinement_model.source_name      PDB 
_pdbx_initial_refinement_model.accession_code   2ZPN 
_pdbx_initial_refinement_model.details          'PDB ENTRY 2ZPN' 
# 
